data_4MWA
#
_entry.id   4MWA
#
_cell.length_a   162.676
_cell.length_b   162.676
_cell.length_c   76.484
_cell.angle_alpha   90.00
_cell.angle_beta   90.00
_cell.angle_gamma   120.00
#
_symmetry.space_group_name_H-M   'P 3'
#
loop_
_entity.id
_entity.type
_entity.pdbx_description
1 polymer '4-hydroxy-3-methylbut-2-en-1-yl diphosphate synthase'
2 polymer '4-hydroxy-3-methylbut-2-en-1-yl diphosphate synthase'
3 polymer '4-hydroxy-3-methylbut-2-en-1-yl diphosphate synthase'
4 polymer '4-hydroxy-3-methylbut-2-en-1-yl diphosphate synthase'
5 polymer '4-hydroxy-3-methylbut-2-en-1-yl diphosphate synthase'
6 non-polymer 'SULFATE ION'
7 non-polymer 'CHLORIDE ION'
8 water water
#
loop_
_entity_poly.entity_id
_entity_poly.type
_entity_poly.pdbx_seq_one_letter_code
_entity_poly.pdbx_strand_id
1 'polypeptide(L)'
;SNA(MSE)NE(MSE)THRTKTRPVKVGNLTIGGNNELIIQS(MSE)TTTKTHDVEATVAEIKRLEEAGCQVVRVAVPDER
AANAIADIKKQINIPLVADIHFDYRLALKAIEGGID(KCX)VRINPGNIGRRHKVEAVVNAAKERGIPIRIGVNAGSLER
HILEKYGYPTADG(MSE)VESALHHIKILEDLDFHDIIVS(MSE)KASDVNLAIEAYEKAARAFDYPLHLGITESGTLFA
GTVKSAAGLGAILNKGIGNTLRISLSADPVEEVKVARELLKSFGLASNAATLISCPTCGR
;
A,G
2 'polypeptide(L)'
;SNA(MSE)NE(MSE)THRTKTRPVKVGNLTIGGNNELIIQS(MSE)TTTKTHDVEATVAEIKRLEEAGCQVVRVAVPDER
AANAIADIKKQINIPLVADIHFDYRLALKAIEGGIDKVRINPGNIGRRHKVEAVVNAAKERGIPIRIGVNAGSLERHILE
KYGYPTADG(MSE)VESALHHIKILEDLDFHDIIVS(MSE)KASDVNLAIEAYEKAARAFDYPLHLGITESGTLFAGTV
(KCX)SAAGLGAILNKGIGNTLRISLSADPVEEVKVARELLKSFGLASNAATLISCPTCGR
;
B
3 'polypeptide(L)'
;SNA(MSE)NE(MSE)THRTKTRPVKVGNLTIGGNNELIIQS(MSE)TTTKTHDVEATVAEIKRLEEAGCQVVRVAVPDER
AANAIADIKKQINIPLVADIHFDYRLALKAIEGGID(KCX)VRINPGNIGRRHKVEAVVNAAKERGIPIRIGVNAGSLER
HILEKYGYPTADG(MSE)VESALHHIKILEDLDFHDIIVS(MSE)KASDVNLAIEAYEKAARAFDYPLHLGITESGTLFA
GTVKSAAGLGAILNKGIGNTLRISLSADPVEEV(KCX)VARELLKSFGLASNAATLISCPTCGR
;
C
4 'polypeptide(L)'
;SNA(MSE)NE(MSE)THRTKTRPVKVGNLTIGGNNELIIQS(MSE)TTTKTHDVEATVAEIKRLEEAGCQVVRVAVPDER
AANAIADIKKQINIPLVADIHFDYRLALKAIEGGIDKVRINPGNIGRRHKVEAVVNAAKERGIPIRIGVNAGSLERHILE
KYGYPTADG(MSE)VESALHHIKILEDLDFHDIIVS(MSE)KASDVNLAIEAYEKAARAFDYPLHLGITESGTLFAGTVK
SAAGLGAILNKGIGNTLRISLSADPVEEVKVARELLKSFGLASNAATLISCPTCGR
;
D,F,H
5 'polypeptide(L)'
;SNA(MSE)NE(MSE)THRTKTRPVKVGNLTIGGNNELIIQS(MSE)TTT(KCX)THDVEATVAEIKRLEEAGCQVVRVAV
PDERAANAIADIKKQINIPLVADIHFDYRLALKAIEGGID(KCX)VRINPGNIGRRHKVEAVVNAAKERGIPIRIGVNAG
SLERHILEKYGYPTADG(MSE)VESALHHIKILEDLDFHDIIVS(MSE)KASDVNLAIEAYEKAARAFDYPLHLGITESG
TLFAGTVKSAAGLGAILNKGIGNTLRISLSADPVEEVKVARELLKSFGLASNAATLISCPTCGR
;
E
#
loop_
_chem_comp.id
_chem_comp.type
_chem_comp.name
_chem_comp.formula
CL non-polymer 'CHLORIDE ION' 'Cl -1'
SO4 non-polymer 'SULFATE ION' 'O4 S -2'
#
# COMPACT_ATOMS: atom_id res chain seq x y z
N MSE A 4 -18.08 -22.62 40.74
CA MSE A 4 -17.89 -23.59 41.87
C MSE A 4 -16.61 -24.35 41.63
O MSE A 4 -15.83 -24.56 42.57
CB MSE A 4 -19.09 -24.53 42.00
CG MSE A 4 -19.55 -24.65 43.45
SE MSE A 4 -18.12 -25.44 44.56
CE MSE A 4 -19.15 -25.67 46.23
N ASN A 5 -16.42 -24.82 40.40
CA ASN A 5 -15.19 -25.50 40.03
C ASN A 5 -14.22 -24.36 39.76
N GLU A 6 -12.96 -24.52 40.17
CA GLU A 6 -11.95 -23.47 39.97
C GLU A 6 -11.43 -23.47 38.51
N MSE A 7 -11.17 -22.28 37.95
CA MSE A 7 -10.63 -22.15 36.59
C MSE A 7 -9.24 -22.72 36.64
O MSE A 7 -8.47 -22.34 37.52
CB MSE A 7 -10.48 -20.71 36.09
CG MSE A 7 -11.73 -20.12 35.44
SE MSE A 7 -11.40 -18.25 34.83
CE MSE A 7 -11.98 -17.39 36.50
N THR A 8 -8.91 -23.63 35.73
CA THR A 8 -7.55 -24.20 35.67
C THR A 8 -6.65 -23.13 35.04
N HIS A 9 -5.47 -22.93 35.62
CA HIS A 9 -4.52 -21.96 35.12
C HIS A 9 -3.75 -22.59 33.94
N ARG A 10 -3.50 -21.79 32.89
CA ARG A 10 -2.82 -22.28 31.69
C ARG A 10 -1.61 -23.19 31.99
N THR A 11 -0.94 -22.94 33.10
CA THR A 11 0.22 -23.73 33.51
C THR A 11 -0.19 -25.12 34.03
N LYS A 12 -1.50 -25.33 34.22
CA LYS A 12 -2.05 -26.61 34.73
C LYS A 12 -2.88 -27.42 33.74
N THR A 13 -3.03 -26.89 32.53
CA THR A 13 -3.78 -27.57 31.48
C THR A 13 -2.94 -28.76 30.97
N ARG A 14 -3.56 -29.76 30.35
CA ARG A 14 -2.83 -30.92 29.85
C ARG A 14 -1.86 -30.47 28.75
N PRO A 15 -0.59 -30.89 28.86
CA PRO A 15 0.36 -30.53 27.81
C PRO A 15 0.05 -31.36 26.58
N VAL A 16 -0.04 -30.69 25.44
CA VAL A 16 -0.32 -31.34 24.18
C VAL A 16 0.72 -30.89 23.17
N LYS A 17 1.47 -31.86 22.66
CA LYS A 17 2.51 -31.57 21.69
C LYS A 17 1.94 -31.34 20.27
N VAL A 18 2.38 -30.26 19.64
CA VAL A 18 2.01 -29.94 18.26
C VAL A 18 3.34 -29.78 17.55
N GLY A 19 3.68 -30.70 16.67
CA GLY A 19 5.02 -30.62 16.08
C GLY A 19 5.97 -30.68 17.27
N ASN A 20 7.08 -29.95 17.22
CA ASN A 20 8.07 -29.97 18.34
C ASN A 20 7.68 -29.02 19.49
N LEU A 21 6.52 -28.39 19.40
CA LEU A 21 6.06 -27.46 20.43
C LEU A 21 5.16 -28.16 21.46
N THR A 22 4.93 -27.49 22.58
CA THR A 22 4.06 -27.98 23.64
C THR A 22 3.03 -26.93 24.03
N ILE A 23 1.77 -27.16 23.66
CA ILE A 23 0.66 -26.27 24.01
C ILE A 23 -0.06 -26.83 25.25
N GLY A 24 0.00 -26.09 26.37
CA GLY A 24 -0.60 -26.52 27.63
C GLY A 24 0.44 -26.89 28.68
N GLY A 25 0.06 -26.83 29.94
CA GLY A 25 0.98 -27.14 31.06
C GLY A 25 2.17 -26.19 31.19
N ASN A 26 2.03 -24.99 30.63
CA ASN A 26 3.09 -23.99 30.67
C ASN A 26 2.50 -22.59 30.65
N ASN A 27 3.33 -21.56 30.85
CA ASN A 27 2.82 -20.19 30.90
C ASN A 27 2.95 -19.43 29.57
N GLU A 28 3.30 -20.13 28.50
CA GLU A 28 3.49 -19.51 27.19
C GLU A 28 2.21 -19.52 26.34
N LEU A 29 2.13 -18.58 25.39
CA LEU A 29 1.01 -18.44 24.47
C LEU A 29 1.54 -18.65 23.06
N ILE A 30 1.23 -19.79 22.45
CA ILE A 30 1.69 -20.08 21.08
C ILE A 30 0.81 -19.25 20.13
N ILE A 31 1.45 -18.53 19.21
CA ILE A 31 0.73 -17.66 18.27
C ILE A 31 0.46 -18.43 16.98
N GLN A 32 -0.74 -18.25 16.43
CA GLN A 32 -1.14 -18.95 15.21
C GLN A 32 -1.89 -18.00 14.27
N SER A 33 -1.98 -18.42 13.01
CA SER A 33 -2.72 -17.71 11.97
C SER A 33 -3.28 -18.79 11.02
N MSE A 34 -4.01 -18.37 10.01
N MSE A 34 -3.99 -18.35 10.00
CA MSE A 34 -4.60 -19.29 9.05
CA MSE A 34 -4.60 -19.26 9.06
C MSE A 34 -4.38 -18.70 7.68
C MSE A 34 -4.38 -18.69 7.68
O MSE A 34 -4.42 -17.47 7.52
O MSE A 34 -4.43 -17.47 7.50
CB MSE A 34 -6.09 -19.45 9.40
CB MSE A 34 -6.06 -19.29 9.52
CG MSE A 34 -6.97 -19.67 8.17
CG MSE A 34 -7.07 -19.36 8.39
SE MSE A 34 -8.77 -20.24 8.75
SE MSE A 34 -7.25 -21.25 7.87
CE MSE A 34 -8.90 -21.87 7.65
CE MSE A 34 -9.17 -21.23 7.44
N THR A 35 -4.12 -19.56 6.70
CA THR A 35 -3.88 -19.11 5.33
C THR A 35 -5.20 -18.62 4.72
N THR A 36 -5.08 -17.80 3.66
CA THR A 36 -6.26 -17.24 2.96
C THR A 36 -6.23 -17.64 1.49
N THR A 37 -5.34 -18.58 1.18
CA THR A 37 -5.16 -19.09 -0.15
C THR A 37 -5.91 -20.38 -0.34
N LYS A 38 -5.95 -20.84 -1.60
CA LYS A 38 -6.50 -22.15 -1.94
C LYS A 38 -5.44 -23.12 -1.50
N THR A 39 -5.81 -24.09 -0.68
CA THR A 39 -4.85 -25.05 -0.17
C THR A 39 -4.27 -25.86 -1.33
N HIS A 40 -5.08 -26.21 -2.32
CA HIS A 40 -4.55 -26.98 -3.45
C HIS A 40 -3.49 -26.20 -4.25
N ASP A 41 -3.46 -24.87 -4.15
CA ASP A 41 -2.39 -24.08 -4.80
C ASP A 41 -1.20 -24.12 -3.84
N VAL A 42 -0.38 -25.15 -4.02
CA VAL A 42 0.78 -25.36 -3.15
C VAL A 42 1.73 -24.17 -3.10
N GLU A 43 2.08 -23.63 -4.26
CA GLU A 43 3.03 -22.52 -4.29
C GLU A 43 2.51 -21.31 -3.54
N ALA A 44 1.28 -20.88 -3.82
CA ALA A 44 0.71 -19.72 -3.14
C ALA A 44 0.65 -19.94 -1.61
N THR A 45 0.19 -21.11 -1.21
CA THR A 45 0.03 -21.46 0.23
C THR A 45 1.38 -21.49 0.98
N VAL A 46 2.39 -22.12 0.39
CA VAL A 46 3.70 -22.21 1.01
C VAL A 46 4.32 -20.80 1.16
N ALA A 47 4.10 -19.92 0.18
CA ALA A 47 4.63 -18.56 0.22
C ALA A 47 3.88 -17.73 1.26
N GLU A 48 2.62 -18.05 1.52
CA GLU A 48 1.92 -17.27 2.52
C GLU A 48 2.41 -17.71 3.91
N ILE A 49 2.68 -18.99 4.04
CA ILE A 49 3.18 -19.56 5.30
C ILE A 49 4.58 -19.01 5.60
N LYS A 50 5.40 -18.85 4.58
CA LYS A 50 6.74 -18.36 4.77
C LYS A 50 6.75 -16.90 5.27
N ARG A 51 5.84 -16.13 4.76
N ARG A 51 5.84 -16.12 4.76
CA ARG A 51 5.68 -14.78 5.22
CA ARG A 51 5.68 -14.76 5.23
C ARG A 51 5.22 -14.78 6.68
C ARG A 51 5.22 -14.78 6.68
N LEU A 52 4.34 -15.71 7.00
CA LEU A 52 3.83 -15.85 8.37
C LEU A 52 4.97 -16.22 9.36
N GLU A 53 5.83 -17.16 8.97
CA GLU A 53 6.92 -17.58 9.81
C GLU A 53 7.84 -16.41 10.09
N GLU A 54 8.04 -15.57 9.05
CA GLU A 54 8.93 -14.40 9.12
C GLU A 54 8.43 -13.37 10.14
N ALA A 55 7.11 -13.24 10.24
CA ALA A 55 6.46 -12.34 11.18
C ALA A 55 6.37 -12.95 12.57
N GLY A 56 6.80 -14.19 12.73
CA GLY A 56 6.75 -14.84 14.05
C GLY A 56 5.60 -15.81 14.31
N CYS A 57 4.87 -16.22 13.27
CA CYS A 57 3.81 -17.22 13.43
C CYS A 57 4.46 -18.56 13.84
N GLN A 58 3.80 -19.31 14.71
CA GLN A 58 4.34 -20.59 15.22
C GLN A 58 3.62 -21.85 14.77
N VAL A 59 2.34 -21.70 14.43
CA VAL A 59 1.47 -22.79 13.98
C VAL A 59 0.51 -22.20 12.92
N VAL A 60 0.32 -22.88 11.81
CA VAL A 60 -0.57 -22.39 10.78
C VAL A 60 -1.70 -23.39 10.41
N ARG A 61 -2.94 -22.90 10.32
CA ARG A 61 -4.03 -23.76 9.93
C ARG A 61 -4.44 -23.49 8.47
N VAL A 62 -4.75 -24.55 7.76
CA VAL A 62 -5.21 -24.42 6.39
C VAL A 62 -6.53 -25.16 6.28
N ALA A 63 -7.44 -24.64 5.46
CA ALA A 63 -8.70 -25.31 5.24
C ALA A 63 -8.38 -26.52 4.39
N VAL A 64 -9.12 -27.60 4.60
CA VAL A 64 -9.00 -28.82 3.79
C VAL A 64 -10.46 -29.17 3.44
N PRO A 65 -11.06 -28.40 2.49
CA PRO A 65 -12.45 -28.58 2.08
C PRO A 65 -12.74 -29.63 1.00
N ASP A 66 -11.72 -30.09 0.29
CA ASP A 66 -11.91 -31.09 -0.76
C ASP A 66 -10.70 -32.00 -0.90
N GLU A 67 -10.84 -33.05 -1.71
CA GLU A 67 -9.76 -34.02 -1.85
C GLU A 67 -8.44 -33.42 -2.40
N ARG A 68 -8.55 -32.46 -3.32
CA ARG A 68 -7.33 -31.82 -3.87
C ARG A 68 -6.54 -31.03 -2.82
N ALA A 69 -7.23 -30.52 -1.79
CA ALA A 69 -6.55 -29.78 -0.75
C ALA A 69 -5.87 -30.73 0.23
N ALA A 70 -6.50 -31.88 0.50
CA ALA A 70 -5.94 -32.86 1.45
C ALA A 70 -4.74 -33.61 0.85
N ASN A 71 -4.71 -33.76 -0.46
CA ASN A 71 -3.58 -34.44 -1.10
C ASN A 71 -2.38 -33.50 -1.23
N ALA A 72 -2.63 -32.19 -1.07
CA ALA A 72 -1.57 -31.18 -1.16
C ALA A 72 -0.86 -30.96 0.16
N ILE A 73 -1.41 -31.52 1.24
CA ILE A 73 -0.80 -31.36 2.57
C ILE A 73 0.64 -31.83 2.61
N ALA A 74 0.90 -33.02 2.06
CA ALA A 74 2.25 -33.59 2.06
C ALA A 74 3.29 -32.61 1.47
N ASP A 75 3.07 -32.11 0.27
CA ASP A 75 4.00 -31.15 -0.39
C ASP A 75 4.12 -29.77 0.30
N ILE A 76 3.09 -29.35 1.03
CA ILE A 76 3.16 -28.07 1.73
C ILE A 76 4.06 -28.29 2.93
N LYS A 77 3.83 -29.39 3.63
CA LYS A 77 4.57 -29.73 4.84
C LYS A 77 6.07 -29.79 4.56
N LYS A 78 6.43 -30.28 3.38
CA LYS A 78 7.83 -30.43 3.00
C LYS A 78 8.56 -29.10 2.79
N GLN A 79 7.82 -28.01 2.60
CA GLN A 79 8.43 -26.73 2.32
C GLN A 79 8.39 -25.73 3.49
N ILE A 80 7.65 -26.04 4.55
CA ILE A 80 7.52 -25.10 5.69
C ILE A 80 8.21 -25.63 6.95
N ASN A 81 8.52 -24.71 7.86
CA ASN A 81 9.19 -25.04 9.13
C ASN A 81 8.33 -24.86 10.38
N ILE A 82 7.01 -24.75 10.23
CA ILE A 82 6.13 -24.62 11.40
C ILE A 82 5.04 -25.70 11.33
N PRO A 83 4.52 -26.12 12.48
CA PRO A 83 3.50 -27.14 12.48
C PRO A 83 2.28 -26.70 11.70
N LEU A 84 1.69 -27.62 10.94
CA LEU A 84 0.55 -27.35 10.10
C LEU A 84 -0.74 -27.98 10.67
N VAL A 85 -1.88 -27.34 10.40
CA VAL A 85 -3.17 -27.79 10.90
C VAL A 85 -4.25 -27.85 9.82
N ALA A 86 -4.87 -29.02 9.70
CA ALA A 86 -5.98 -29.22 8.77
C ALA A 86 -7.28 -28.87 9.46
N ASP A 87 -8.11 -28.06 8.81
CA ASP A 87 -9.42 -27.69 9.34
C ASP A 87 -10.44 -28.36 8.44
N ILE A 88 -11.13 -29.33 9.03
CA ILE A 88 -12.12 -30.13 8.35
C ILE A 88 -13.29 -30.23 9.33
N HIS A 89 -14.50 -29.92 8.88
CA HIS A 89 -15.62 -29.97 9.79
C HIS A 89 -16.17 -31.36 10.09
N PHE A 90 -16.09 -32.29 9.15
CA PHE A 90 -16.65 -33.62 9.43
C PHE A 90 -16.28 -34.78 8.51
N ASP A 91 -16.03 -34.48 7.24
N ASP A 91 -16.04 -34.50 7.23
CA ASP A 91 -15.74 -35.49 6.21
CA ASP A 91 -15.71 -35.57 6.25
C ASP A 91 -14.67 -36.52 6.54
C ASP A 91 -14.48 -36.31 6.73
N TYR A 92 -15.14 -37.76 6.67
N TYR A 92 -14.70 -37.50 7.29
CA TYR A 92 -14.32 -38.92 6.99
CA TYR A 92 -13.61 -38.29 7.88
C TYR A 92 -13.09 -39.11 6.09
C TYR A 92 -12.59 -38.70 6.82
N ARG A 93 -13.31 -39.22 4.78
N ARG A 93 -13.09 -39.02 5.63
CA ARG A 93 -12.20 -39.48 3.87
CA ARG A 93 -12.22 -39.43 4.52
C ARG A 93 -11.22 -38.31 3.69
C ARG A 93 -11.16 -38.36 4.24
N LEU A 94 -11.58 -37.10 4.12
CA LEU A 94 -10.64 -35.98 3.92
C LEU A 94 -9.66 -35.86 5.07
N ALA A 95 -10.10 -36.20 6.28
CA ALA A 95 -9.24 -36.14 7.44
C ALA A 95 -8.20 -37.26 7.44
N LEU A 96 -8.62 -38.47 7.06
CA LEU A 96 -7.69 -39.60 6.96
C LEU A 96 -6.57 -39.23 6.00
N LYS A 97 -6.92 -38.63 4.86
CA LYS A 97 -5.89 -38.18 3.92
C LYS A 97 -4.97 -37.16 4.58
N ALA A 98 -5.56 -36.15 5.24
CA ALA A 98 -4.78 -35.10 5.90
C ALA A 98 -3.81 -35.74 6.87
N ILE A 99 -4.30 -36.69 7.67
CA ILE A 99 -3.46 -37.39 8.65
C ILE A 99 -2.38 -38.25 7.98
N GLU A 100 -2.72 -38.85 6.83
N GLU A 100 -2.72 -38.86 6.84
CA GLU A 100 -1.76 -39.67 6.09
CA GLU A 100 -1.74 -39.66 6.08
C GLU A 100 -0.76 -38.75 5.37
C GLU A 100 -0.76 -38.75 5.36
N GLY A 101 -1.18 -37.51 5.12
CA GLY A 101 -0.33 -36.53 4.48
C GLY A 101 0.72 -36.03 5.46
N GLY A 102 0.50 -36.31 6.74
CA GLY A 102 1.44 -35.95 7.80
C GLY A 102 1.11 -34.65 8.53
N ILE A 103 -0.18 -34.31 8.62
CA ILE A 103 -0.64 -33.08 9.30
C ILE A 103 -0.19 -33.15 10.77
N ASP A 104 0.06 -32.01 11.42
CA ASP A 104 0.56 -32.03 12.80
C ASP A 104 -0.54 -31.88 13.86
N KCX A 105 -1.78 -31.73 13.40
CA KCX A 105 -2.95 -31.57 14.26
CB KCX A 105 -2.83 -30.30 15.11
CG KCX A 105 -4.10 -30.03 15.92
CD KCX A 105 -3.80 -29.11 17.11
CE KCX A 105 -3.33 -27.75 16.59
NZ KCX A 105 -3.34 -26.73 17.62
C KCX A 105 -4.13 -31.44 13.32
O KCX A 105 -3.97 -30.99 12.18
CX KCX A 105 -4.36 -25.94 17.87
OQ1 KCX A 105 -4.31 -25.10 18.74
OQ2 KCX A 105 -5.50 -26.03 17.16
N VAL A 106 -5.31 -31.85 13.77
CA VAL A 106 -6.54 -31.68 12.99
C VAL A 106 -7.61 -30.91 13.77
N ARG A 107 -8.22 -29.92 13.12
CA ARG A 107 -9.29 -29.17 13.75
C ARG A 107 -10.56 -29.74 13.14
N ILE A 108 -11.26 -30.50 13.95
CA ILE A 108 -12.49 -31.15 13.55
C ILE A 108 -13.22 -31.47 14.84
N ASN A 109 -14.53 -31.45 14.80
CA ASN A 109 -15.38 -31.74 15.95
C ASN A 109 -15.97 -33.14 15.73
N PRO A 110 -15.48 -34.15 16.50
CA PRO A 110 -15.89 -35.57 16.33
C PRO A 110 -17.39 -35.89 16.36
N GLY A 111 -18.15 -35.14 17.14
CA GLY A 111 -19.60 -35.33 17.19
C GLY A 111 -20.29 -34.99 15.88
N ASN A 112 -19.53 -34.41 14.93
CA ASN A 112 -20.05 -34.04 13.59
C ASN A 112 -19.76 -35.09 12.51
N ILE A 113 -18.88 -36.05 12.81
CA ILE A 113 -18.39 -37.02 11.80
C ILE A 113 -19.46 -37.87 11.05
N GLY A 114 -20.33 -38.61 11.73
CA GLY A 114 -20.42 -38.78 13.18
C GLY A 114 -21.01 -40.17 13.36
N ARG A 115 -20.42 -41.12 12.64
CA ARG A 115 -20.79 -42.53 12.57
C ARG A 115 -19.69 -43.32 13.28
N ARG A 116 -20.05 -44.30 14.12
CA ARG A 116 -19.01 -45.03 14.86
C ARG A 116 -17.80 -45.51 14.05
N HIS A 117 -18.00 -46.20 12.93
CA HIS A 117 -16.84 -46.66 12.15
C HIS A 117 -16.04 -45.46 11.61
N LYS A 118 -16.74 -44.33 11.37
CA LYS A 118 -16.08 -43.11 10.88
C LYS A 118 -15.29 -42.40 11.99
N VAL A 119 -15.84 -42.35 13.20
CA VAL A 119 -15.15 -41.71 14.33
C VAL A 119 -13.88 -42.47 14.76
N GLU A 120 -14.04 -43.76 15.07
CA GLU A 120 -12.90 -44.58 15.51
C GLU A 120 -11.79 -44.67 14.44
N ALA A 121 -12.17 -44.53 13.17
CA ALA A 121 -11.18 -44.56 12.10
C ALA A 121 -10.28 -43.32 12.24
N VAL A 122 -10.89 -42.14 12.18
CA VAL A 122 -10.15 -40.87 12.33
C VAL A 122 -9.41 -40.83 13.66
N VAL A 123 -10.06 -41.36 14.69
CA VAL A 123 -9.46 -41.43 16.03
C VAL A 123 -8.22 -42.31 16.04
N ASN A 124 -8.35 -43.57 15.64
CA ASN A 124 -7.18 -44.46 15.61
C ASN A 124 -6.07 -43.94 14.69
N ALA A 125 -6.45 -43.33 13.55
CA ALA A 125 -5.45 -42.77 12.61
C ALA A 125 -4.60 -41.72 13.30
N ALA A 126 -5.28 -40.85 14.06
CA ALA A 126 -4.58 -39.80 14.82
C ALA A 126 -3.73 -40.48 15.90
N LYS A 127 -4.32 -41.48 16.56
CA LYS A 127 -3.60 -42.24 17.61
C LYS A 127 -2.30 -42.83 17.08
N GLU A 128 -2.37 -43.42 15.90
CA GLU A 128 -1.22 -44.03 15.24
C GLU A 128 -0.13 -43.01 14.93
N ARG A 129 -0.55 -41.81 14.50
CA ARG A 129 0.42 -40.76 14.19
C ARG A 129 0.77 -39.95 15.42
N GLY A 130 0.03 -40.14 16.51
CA GLY A 130 0.28 -39.44 17.76
C GLY A 130 -0.01 -37.95 17.71
N ILE A 131 -0.87 -37.56 16.75
CA ILE A 131 -1.29 -36.19 16.51
C ILE A 131 -2.54 -35.83 17.31
N PRO A 132 -2.62 -34.57 17.80
CA PRO A 132 -3.74 -34.12 18.61
C PRO A 132 -4.92 -33.56 17.80
N ILE A 133 -6.07 -33.41 18.45
CA ILE A 133 -7.27 -32.89 17.79
C ILE A 133 -7.75 -31.65 18.50
N ARG A 134 -7.91 -30.53 17.79
CA ARG A 134 -8.50 -29.35 18.42
C ARG A 134 -9.98 -29.34 18.12
N ILE A 135 -10.78 -29.29 19.18
CA ILE A 135 -12.22 -29.19 19.08
C ILE A 135 -12.49 -27.70 19.04
N GLY A 136 -13.30 -27.27 18.07
CA GLY A 136 -13.58 -25.84 17.88
C GLY A 136 -15.05 -25.50 17.86
N VAL A 137 -15.57 -25.12 19.02
CA VAL A 137 -16.98 -24.75 19.12
C VAL A 137 -17.12 -23.27 18.74
N ASN A 138 -18.05 -22.97 17.83
CA ASN A 138 -18.26 -21.58 17.42
C ASN A 138 -19.70 -21.17 17.73
N ALA A 139 -19.84 -20.13 18.53
CA ALA A 139 -21.16 -19.62 18.94
C ALA A 139 -22.16 -19.54 17.79
N GLY A 140 -21.68 -19.19 16.60
CA GLY A 140 -22.53 -19.03 15.41
C GLY A 140 -22.82 -20.32 14.64
N SER A 141 -22.10 -21.39 14.97
CA SER A 141 -22.26 -22.68 14.31
C SER A 141 -22.51 -23.79 15.34
N LEU A 142 -23.38 -23.51 16.30
CA LEU A 142 -23.78 -24.45 17.33
C LEU A 142 -24.82 -25.40 16.74
N GLU A 143 -24.94 -26.57 17.35
CA GLU A 143 -25.90 -27.56 16.87
C GLU A 143 -27.34 -27.14 17.14
N ARG A 144 -28.24 -27.60 16.29
CA ARG A 144 -29.67 -27.28 16.45
C ARG A 144 -30.23 -27.67 17.83
N HIS A 145 -29.92 -28.87 18.35
CA HIS A 145 -30.47 -29.26 19.67
C HIS A 145 -30.03 -28.35 20.85
N ILE A 146 -28.93 -27.61 20.65
CA ILE A 146 -28.47 -26.65 21.66
C ILE A 146 -29.34 -25.41 21.51
N LEU A 147 -29.49 -24.97 20.27
CA LEU A 147 -30.26 -23.78 19.99
C LEU A 147 -31.72 -23.93 20.42
N GLU A 148 -32.34 -25.08 20.13
N GLU A 148 -32.32 -25.08 20.13
CA GLU A 148 -33.74 -25.29 20.53
CA GLU A 148 -33.71 -25.34 20.51
C GLU A 148 -33.88 -25.28 22.06
C GLU A 148 -33.88 -25.32 22.05
N LYS A 149 -32.86 -25.82 22.75
CA LYS A 149 -32.86 -25.87 24.23
C LYS A 149 -32.61 -24.51 24.90
N TYR A 150 -31.46 -23.89 24.59
CA TYR A 150 -31.12 -22.61 25.22
C TYR A 150 -31.79 -21.42 24.52
N GLY A 151 -32.25 -21.62 23.30
CA GLY A 151 -32.90 -20.55 22.52
C GLY A 151 -31.91 -19.89 21.57
N TYR A 152 -30.90 -19.26 22.15
CA TYR A 152 -29.85 -18.54 21.44
C TYR A 152 -28.47 -19.00 21.90
N PRO A 153 -27.39 -18.57 21.19
CA PRO A 153 -26.03 -18.94 21.60
C PRO A 153 -25.65 -18.43 22.99
N THR A 154 -25.29 -19.34 23.89
CA THR A 154 -24.89 -18.98 25.24
C THR A 154 -23.62 -19.73 25.61
N ALA A 155 -22.98 -19.31 26.68
CA ALA A 155 -21.76 -19.96 27.17
C ALA A 155 -22.08 -21.37 27.67
N ASP A 156 -23.18 -21.54 28.41
CA ASP A 156 -23.57 -22.86 28.89
C ASP A 156 -23.79 -23.77 27.69
N GLY A 157 -24.36 -23.22 26.62
CA GLY A 157 -24.58 -23.99 25.41
C GLY A 157 -23.26 -24.39 24.75
N MSE A 158 -22.32 -23.45 24.65
CA MSE A 158 -20.99 -23.73 24.04
C MSE A 158 -20.29 -24.75 24.89
O MSE A 158 -19.59 -25.65 24.37
CB MSE A 158 -20.17 -22.43 23.91
CG MSE A 158 -20.77 -21.52 22.85
SE MSE A 158 -19.99 -19.71 22.90
CE MSE A 158 -18.27 -20.17 22.07
N VAL A 159 -20.47 -24.65 26.20
CA VAL A 159 -19.84 -25.59 27.12
C VAL A 159 -20.51 -26.96 27.01
N GLU A 160 -21.82 -26.98 26.79
CA GLU A 160 -22.53 -28.25 26.60
C GLU A 160 -21.94 -28.94 25.37
N SER A 161 -21.80 -28.18 24.28
CA SER A 161 -21.27 -28.69 23.02
C SER A 161 -19.85 -29.26 23.18
N ALA A 162 -18.92 -28.42 23.61
CA ALA A 162 -17.51 -28.84 23.83
C ALA A 162 -17.44 -30.15 24.60
N LEU A 163 -18.22 -30.25 25.69
CA LEU A 163 -18.23 -31.49 26.49
C LEU A 163 -18.67 -32.76 25.74
N HIS A 164 -19.62 -32.66 24.83
CA HIS A 164 -20.01 -33.88 24.11
C HIS A 164 -18.91 -34.32 23.13
N HIS A 165 -18.33 -33.36 22.42
CA HIS A 165 -17.26 -33.68 21.49
C HIS A 165 -16.12 -34.28 22.29
N ILE A 166 -15.84 -33.70 23.46
CA ILE A 166 -14.79 -34.22 24.34
C ILE A 166 -15.09 -35.65 24.79
N LYS A 167 -16.35 -35.93 25.14
CA LYS A 167 -16.74 -37.28 25.60
C LYS A 167 -16.50 -38.33 24.54
N ILE A 168 -16.90 -38.04 23.31
CA ILE A 168 -16.72 -38.96 22.20
C ILE A 168 -15.28 -39.45 22.19
N LEU A 169 -14.36 -38.52 22.45
CA LEU A 169 -12.95 -38.85 22.44
C LEU A 169 -12.52 -39.57 23.73
N GLU A 170 -12.86 -39.00 24.88
CA GLU A 170 -12.52 -39.60 26.16
C GLU A 170 -13.01 -41.05 26.16
N ASP A 171 -14.22 -41.29 25.61
CA ASP A 171 -14.81 -42.65 25.52
C ASP A 171 -14.05 -43.58 24.56
N LEU A 172 -13.09 -43.03 23.83
CA LEU A 172 -12.24 -43.82 22.94
C LEU A 172 -10.83 -43.84 23.49
N ASP A 173 -10.69 -43.34 24.72
CA ASP A 173 -9.40 -43.29 25.40
C ASP A 173 -8.43 -42.36 24.66
N PHE A 174 -8.99 -41.26 24.13
CA PHE A 174 -8.24 -40.22 23.42
C PHE A 174 -8.37 -38.93 24.27
N HIS A 175 -7.24 -38.38 24.69
CA HIS A 175 -7.15 -37.18 25.54
C HIS A 175 -6.15 -36.14 25.02
N ASP A 176 -5.66 -36.33 23.78
CA ASP A 176 -4.68 -35.41 23.18
C ASP A 176 -5.53 -34.32 22.51
N ILE A 177 -6.09 -33.46 23.36
CA ILE A 177 -7.10 -32.49 22.98
C ILE A 177 -6.84 -31.02 23.34
N ILE A 178 -7.12 -30.12 22.39
CA ILE A 178 -7.06 -28.67 22.62
C ILE A 178 -8.50 -28.15 22.30
N VAL A 179 -8.95 -27.13 23.02
CA VAL A 179 -10.32 -26.59 22.83
C VAL A 179 -10.40 -25.08 22.55
N SER A 180 -11.18 -24.74 21.52
CA SER A 180 -11.47 -23.36 21.12
C SER A 180 -12.95 -23.06 21.38
N MSE A 181 -13.24 -21.82 21.77
CA MSE A 181 -14.60 -21.39 22.05
C MSE A 181 -14.82 -20.03 21.42
O MSE A 181 -14.77 -18.99 22.09
CB MSE A 181 -14.79 -21.33 23.58
CG MSE A 181 -14.43 -22.61 24.33
SE MSE A 181 -15.92 -23.91 24.18
CE MSE A 181 -17.06 -23.17 25.59
N LYS A 182 -15.05 -20.04 20.11
CA LYS A 182 -15.24 -18.80 19.30
C LYS A 182 -16.61 -18.15 19.25
N ALA A 183 -16.61 -16.86 19.55
CA ALA A 183 -17.81 -16.06 19.58
C ALA A 183 -17.53 -14.68 18.98
N SER A 184 -18.57 -13.98 18.57
CA SER A 184 -18.44 -12.62 18.04
C SER A 184 -18.57 -11.62 19.18
N ASP A 185 -19.66 -11.78 19.94
CA ASP A 185 -19.97 -10.97 21.10
C ASP A 185 -18.81 -11.16 22.08
N VAL A 186 -18.11 -10.08 22.36
CA VAL A 186 -16.96 -10.16 23.25
C VAL A 186 -17.31 -10.66 24.66
N ASN A 187 -18.51 -10.32 25.14
CA ASN A 187 -18.98 -10.75 26.47
C ASN A 187 -19.17 -12.26 26.54
N LEU A 188 -19.71 -12.82 25.46
CA LEU A 188 -19.88 -14.26 25.39
C LEU A 188 -18.53 -14.98 25.32
N ALA A 189 -17.64 -14.48 24.45
CA ALA A 189 -16.33 -15.09 24.29
C ALA A 189 -15.62 -15.20 25.64
N ILE A 190 -15.63 -14.09 26.38
CA ILE A 190 -14.98 -14.03 27.70
C ILE A 190 -15.57 -15.05 28.68
N GLU A 191 -16.89 -15.13 28.74
N GLU A 191 -16.90 -15.14 28.75
CA GLU A 191 -17.56 -16.06 29.64
CA GLU A 191 -17.54 -16.07 29.67
C GLU A 191 -17.43 -17.51 29.18
C GLU A 191 -17.47 -17.53 29.18
N ALA A 192 -17.40 -17.73 27.86
CA ALA A 192 -17.29 -19.10 27.32
C ALA A 192 -15.96 -19.72 27.72
N TYR A 193 -14.90 -18.89 27.72
CA TYR A 193 -13.56 -19.36 28.09
C TYR A 193 -13.36 -19.55 29.58
N GLU A 194 -14.04 -18.78 30.43
CA GLU A 194 -13.86 -18.96 31.87
C GLU A 194 -14.68 -20.18 32.27
N LYS A 195 -15.83 -20.34 31.64
CA LYS A 195 -16.69 -21.50 31.88
C LYS A 195 -15.99 -22.77 31.37
N ALA A 196 -15.14 -22.62 30.35
CA ALA A 196 -14.38 -23.74 29.77
C ALA A 196 -13.30 -24.22 30.72
N ALA A 197 -12.57 -23.26 31.29
CA ALA A 197 -11.48 -23.55 32.23
C ALA A 197 -11.94 -24.29 33.49
N ARG A 198 -13.20 -24.09 33.89
CA ARG A 198 -13.77 -24.74 35.08
C ARG A 198 -14.32 -26.14 34.78
N ALA A 199 -14.79 -26.35 33.55
CA ALA A 199 -15.37 -27.63 33.15
C ALA A 199 -14.33 -28.72 32.88
N PHE A 200 -13.26 -28.34 32.19
CA PHE A 200 -12.20 -29.29 31.84
C PHE A 200 -10.82 -28.70 31.94
N ASP A 201 -9.82 -29.59 31.92
CA ASP A 201 -8.43 -29.20 32.07
C ASP A 201 -7.64 -29.18 30.76
N TYR A 202 -8.32 -29.27 29.62
CA TYR A 202 -7.63 -29.22 28.34
C TYR A 202 -7.18 -27.78 28.05
N PRO A 203 -5.99 -27.61 27.44
CA PRO A 203 -5.53 -26.25 27.16
C PRO A 203 -6.49 -25.56 26.20
N LEU A 204 -6.70 -24.26 26.39
CA LEU A 204 -7.61 -23.48 25.56
C LEU A 204 -6.91 -22.67 24.45
N HIS A 205 -7.55 -22.66 23.29
CA HIS A 205 -7.09 -21.97 22.09
C HIS A 205 -7.99 -20.77 21.98
N LEU A 206 -7.43 -19.59 22.24
N LEU A 206 -7.44 -19.59 22.25
CA LEU A 206 -8.20 -18.34 22.22
CA LEU A 206 -8.18 -18.34 22.23
C LEU A 206 -8.40 -17.76 20.80
C LEU A 206 -8.40 -17.74 20.83
N GLY A 207 -9.66 -17.51 20.47
CA GLY A 207 -10.02 -16.91 19.17
C GLY A 207 -11.29 -16.08 19.33
N ILE A 208 -11.47 -15.10 18.43
CA ILE A 208 -12.65 -14.22 18.38
C ILE A 208 -13.00 -13.96 16.91
N THR A 209 -14.26 -14.18 16.55
CA THR A 209 -14.70 -13.97 15.17
C THR A 209 -14.22 -12.65 14.61
N GLU A 210 -13.79 -12.67 13.36
CA GLU A 210 -13.33 -11.47 12.68
C GLU A 210 -14.46 -10.47 12.45
N SER A 211 -14.27 -9.23 12.90
CA SER A 211 -15.24 -8.16 12.66
C SER A 211 -15.12 -7.77 11.20
N GLY A 212 -16.06 -6.97 10.73
CA GLY A 212 -16.07 -6.52 9.35
C GLY A 212 -14.77 -5.90 8.84
N THR A 213 -14.12 -5.09 9.69
CA THR A 213 -12.87 -4.41 9.33
C THR A 213 -11.69 -4.68 10.27
N LEU A 214 -10.49 -4.43 9.75
CA LEU A 214 -9.23 -4.55 10.52
C LEU A 214 -9.24 -3.72 11.80
N PHE A 215 -9.68 -2.47 11.71
CA PHE A 215 -9.71 -1.58 12.88
C PHE A 215 -10.61 -2.13 14.00
N ALA A 216 -11.87 -2.32 13.68
CA ALA A 216 -12.85 -2.83 14.63
C ALA A 216 -12.41 -4.19 15.15
N GLY A 217 -11.82 -4.99 14.27
CA GLY A 217 -11.36 -6.34 14.62
C GLY A 217 -10.21 -6.29 15.61
N THR A 218 -9.28 -5.37 15.39
CA THR A 218 -8.13 -5.22 16.28
C THR A 218 -8.60 -4.79 17.69
N VAL A 219 -9.46 -3.79 17.78
CA VAL A 219 -9.94 -3.31 19.09
C VAL A 219 -10.75 -4.38 19.84
N LYS A 220 -11.73 -4.95 19.14
CA LYS A 220 -12.62 -5.99 19.71
C LYS A 220 -11.81 -7.21 20.17
N SER A 221 -10.86 -7.65 19.35
CA SER A 221 -10.06 -8.83 19.70
C SER A 221 -9.04 -8.60 20.81
N ALA A 222 -8.40 -7.43 20.84
CA ALA A 222 -7.44 -7.14 21.91
C ALA A 222 -8.19 -6.95 23.21
N ALA A 223 -9.36 -6.31 23.14
CA ALA A 223 -10.17 -6.07 24.33
C ALA A 223 -10.69 -7.38 24.94
N GLY A 224 -11.14 -8.28 24.08
CA GLY A 224 -11.69 -9.56 24.51
C GLY A 224 -10.63 -10.51 24.99
N LEU A 225 -9.62 -10.74 24.17
CA LEU A 225 -8.53 -11.64 24.54
C LEU A 225 -7.75 -11.11 25.72
N GLY A 226 -7.62 -9.79 25.85
CA GLY A 226 -6.95 -9.21 27.00
C GLY A 226 -7.71 -9.59 28.27
N ALA A 227 -9.02 -9.49 28.19
CA ALA A 227 -9.87 -9.84 29.32
C ALA A 227 -9.54 -11.27 29.76
N ILE A 228 -9.55 -12.16 28.78
CA ILE A 228 -9.30 -13.61 28.95
C ILE A 228 -7.89 -13.86 29.49
N LEU A 229 -6.88 -13.38 28.78
CA LEU A 229 -5.49 -13.56 29.21
C LEU A 229 -5.27 -13.13 30.68
N ASN A 230 -5.92 -12.04 31.10
CA ASN A 230 -5.75 -11.55 32.49
C ASN A 230 -6.32 -12.51 33.58
N LYS A 231 -7.20 -13.43 33.18
N LYS A 231 -7.19 -13.44 33.18
CA LYS A 231 -7.77 -14.42 34.10
CA LYS A 231 -7.76 -14.40 34.12
C LYS A 231 -6.76 -15.54 34.37
C LYS A 231 -6.80 -15.58 34.34
N GLY A 232 -5.70 -15.61 33.57
CA GLY A 232 -4.69 -16.64 33.72
C GLY A 232 -4.96 -17.92 32.95
N ILE A 233 -5.79 -17.84 31.90
CA ILE A 233 -6.11 -19.02 31.09
C ILE A 233 -5.72 -18.80 29.64
N GLY A 234 -5.78 -19.87 28.86
CA GLY A 234 -5.40 -19.84 27.46
C GLY A 234 -3.94 -20.26 27.33
N ASN A 235 -3.67 -21.08 26.32
CA ASN A 235 -2.34 -21.62 26.04
C ASN A 235 -1.84 -21.37 24.61
N THR A 236 -2.73 -20.85 23.75
CA THR A 236 -2.38 -20.52 22.38
C THR A 236 -3.46 -19.57 21.89
N LEU A 237 -3.17 -18.76 20.89
CA LEU A 237 -4.19 -17.84 20.41
C LEU A 237 -4.09 -17.59 18.93
N ARG A 238 -5.20 -17.11 18.37
CA ARG A 238 -5.24 -16.66 16.99
C ARG A 238 -6.14 -15.43 16.90
N ILE A 239 -5.61 -14.39 16.31
CA ILE A 239 -6.35 -13.19 16.05
C ILE A 239 -6.89 -13.40 14.63
N SER A 240 -8.19 -13.17 14.46
CA SER A 240 -8.86 -13.26 13.17
C SER A 240 -9.22 -11.84 12.73
N LEU A 241 -8.65 -11.39 11.62
CA LEU A 241 -8.87 -10.04 11.12
C LEU A 241 -9.11 -10.07 9.63
N SER A 242 -9.82 -9.05 9.16
CA SER A 242 -10.06 -8.85 7.75
C SER A 242 -8.83 -8.09 7.28
N ALA A 243 -7.74 -8.83 7.17
CA ALA A 243 -6.48 -8.30 6.74
C ALA A 243 -5.58 -9.44 6.38
N ASP A 244 -4.34 -9.12 6.05
CA ASP A 244 -3.39 -10.14 5.70
C ASP A 244 -3.17 -10.94 6.98
N PRO A 245 -2.94 -12.24 6.84
CA PRO A 245 -2.69 -13.02 8.04
C PRO A 245 -1.47 -12.46 8.83
N VAL A 246 -0.52 -11.82 8.14
CA VAL A 246 0.62 -11.23 8.84
C VAL A 246 0.14 -10.23 9.89
N GLU A 247 -0.92 -9.48 9.57
CA GLU A 247 -1.49 -8.51 10.55
C GLU A 247 -1.96 -9.24 11.82
N GLU A 248 -2.48 -10.45 11.66
CA GLU A 248 -2.96 -11.24 12.81
C GLU A 248 -1.82 -11.59 13.77
N VAL A 249 -0.67 -11.94 13.18
CA VAL A 249 0.51 -12.30 13.94
C VAL A 249 1.05 -11.06 14.65
N LYS A 250 1.05 -9.92 13.97
CA LYS A 250 1.54 -8.67 14.58
C LYS A 250 0.65 -8.25 15.77
N VAL A 251 -0.67 -8.39 15.64
CA VAL A 251 -1.58 -8.02 16.74
C VAL A 251 -1.35 -8.94 17.95
N ALA A 252 -1.18 -10.24 17.68
CA ALA A 252 -0.92 -11.22 18.72
C ALA A 252 0.40 -10.93 19.44
N ARG A 253 1.43 -10.51 18.71
CA ARG A 253 2.69 -10.21 19.35
C ARG A 253 2.59 -9.00 20.24
N GLU A 254 2.03 -7.91 19.73
CA GLU A 254 1.88 -6.68 20.51
C GLU A 254 0.93 -6.86 21.71
N LEU A 255 -0.04 -7.76 21.58
CA LEU A 255 -0.99 -8.06 22.65
C LEU A 255 -0.29 -8.81 23.79
N LEU A 256 0.48 -9.84 23.43
CA LEU A 256 1.29 -10.61 24.38
C LEU A 256 2.36 -9.71 24.98
N LYS A 257 2.92 -8.81 24.17
CA LYS A 257 3.92 -7.88 24.67
C LYS A 257 3.28 -7.05 25.81
N SER A 258 2.06 -6.58 25.60
CA SER A 258 1.31 -5.77 26.59
C SER A 258 1.11 -6.43 27.96
N PHE A 259 1.07 -7.76 28.00
CA PHE A 259 0.87 -8.50 29.27
C PHE A 259 2.17 -9.10 29.82
N GLY A 260 3.29 -8.82 29.15
CA GLY A 260 4.58 -9.39 29.55
C GLY A 260 4.62 -10.90 29.32
N LEU A 261 3.65 -11.43 28.57
CA LEU A 261 3.60 -12.87 28.28
C LEU A 261 4.47 -13.20 27.06
N ALA A 262 4.98 -14.43 27.02
CA ALA A 262 5.85 -14.86 25.94
C ALA A 262 5.29 -16.03 25.15
N SER A 263 5.89 -16.25 23.99
CA SER A 263 5.51 -17.38 23.12
C SER A 263 6.50 -18.53 23.29
N ASN A 264 7.60 -18.26 24.01
CA ASN A 264 8.69 -19.20 24.38
C ASN A 264 10.07 -18.78 23.82
N ASN B 5 -52.62 4.31 -5.46
CA ASN B 5 -52.05 3.07 -4.84
C ASN B 5 -51.26 3.33 -3.55
N GLU B 6 -51.17 2.30 -2.72
CA GLU B 6 -50.47 2.35 -1.45
C GLU B 6 -49.23 1.45 -1.49
N MSE B 7 -48.10 2.00 -1.06
CA MSE B 7 -46.85 1.25 -1.00
C MSE B 7 -46.99 0.37 0.21
O MSE B 7 -47.07 0.85 1.34
CB MSE B 7 -45.66 2.21 -0.84
CG MSE B 7 -44.32 1.48 -0.66
SE MSE B 7 -42.84 2.44 -1.55
CE MSE B 7 -43.03 4.13 -0.55
N THR B 8 -47.08 -0.95 -0.01
CA THR B 8 -47.20 -1.86 1.11
C THR B 8 -45.90 -1.81 1.92
N HIS B 9 -45.98 -1.23 3.11
CA HIS B 9 -44.80 -1.11 3.98
C HIS B 9 -44.33 -2.52 4.33
N ARG B 10 -43.07 -2.67 4.72
CA ARG B 10 -42.52 -4.01 5.02
C ARG B 10 -43.26 -4.71 6.18
N THR B 11 -43.69 -3.90 7.15
CA THR B 11 -44.41 -4.41 8.32
C THR B 11 -45.86 -4.83 7.98
N LYS B 12 -46.33 -4.44 6.80
CA LYS B 12 -47.67 -4.77 6.33
C LYS B 12 -47.68 -5.88 5.26
N THR B 13 -46.52 -6.53 5.07
CA THR B 13 -46.40 -7.62 4.13
C THR B 13 -46.76 -8.97 4.81
N ARG B 14 -47.03 -9.98 3.99
CA ARG B 14 -47.39 -11.32 4.48
C ARG B 14 -46.20 -12.10 5.08
N PRO B 15 -46.34 -12.60 6.32
CA PRO B 15 -45.20 -13.34 6.91
C PRO B 15 -45.10 -14.78 6.40
N VAL B 16 -43.92 -15.15 5.93
CA VAL B 16 -43.69 -16.51 5.43
C VAL B 16 -42.60 -17.16 6.29
N LYS B 17 -42.61 -18.47 6.37
CA LYS B 17 -41.59 -19.22 7.10
C LYS B 17 -40.50 -19.72 6.15
N VAL B 18 -39.25 -19.34 6.41
CA VAL B 18 -38.11 -19.85 5.64
C VAL B 18 -37.31 -20.60 6.69
N GLY B 19 -37.54 -21.90 6.74
CA GLY B 19 -36.91 -22.74 7.73
C GLY B 19 -37.52 -22.30 9.05
N ASN B 20 -36.65 -22.02 10.02
CA ASN B 20 -37.07 -21.59 11.34
C ASN B 20 -37.35 -20.10 11.46
N LEU B 21 -37.09 -19.33 10.40
CA LEU B 21 -37.27 -17.88 10.43
C LEU B 21 -38.55 -17.42 9.77
N THR B 22 -38.95 -16.20 10.13
CA THR B 22 -40.13 -15.55 9.59
C THR B 22 -39.71 -14.34 8.77
N ILE B 23 -39.95 -14.39 7.47
CA ILE B 23 -39.63 -13.27 6.60
C ILE B 23 -40.92 -12.51 6.30
N GLY B 24 -40.90 -11.21 6.56
CA GLY B 24 -42.05 -10.35 6.26
C GLY B 24 -43.00 -10.08 7.41
N GLY B 25 -43.72 -8.96 7.31
CA GLY B 25 -44.68 -8.57 8.35
C GLY B 25 -44.06 -7.80 9.49
N ASN B 26 -42.74 -7.65 9.50
CA ASN B 26 -42.04 -6.92 10.57
C ASN B 26 -41.10 -5.83 9.99
N ASN B 27 -40.39 -5.09 10.84
CA ASN B 27 -39.50 -4.04 10.35
C ASN B 27 -38.02 -4.44 10.42
N GLU B 28 -37.72 -5.67 10.04
CA GLU B 28 -36.34 -6.15 10.05
C GLU B 28 -36.06 -6.87 8.73
N LEU B 29 -34.82 -6.81 8.26
CA LEU B 29 -34.42 -7.53 7.05
C LEU B 29 -33.42 -8.64 7.37
N ILE B 30 -33.71 -9.83 6.87
CA ILE B 30 -32.85 -11.00 7.05
C ILE B 30 -31.76 -11.03 5.97
N ILE B 31 -30.49 -11.14 6.40
CA ILE B 31 -29.36 -11.19 5.46
C ILE B 31 -29.17 -12.58 4.81
N GLN B 32 -28.92 -12.56 3.50
CA GLN B 32 -28.72 -13.77 2.70
C GLN B 32 -27.48 -13.63 1.84
N SER B 33 -26.86 -14.75 1.50
CA SER B 33 -25.72 -14.75 0.58
C SER B 33 -25.81 -16.06 -0.19
N MSE B 34 -24.74 -16.49 -0.86
CA MSE B 34 -24.77 -17.72 -1.65
C MSE B 34 -23.41 -18.38 -1.65
O MSE B 34 -22.39 -17.69 -1.60
CB MSE B 34 -25.29 -17.33 -3.03
CG MSE B 34 -24.38 -17.54 -4.25
SE MSE B 34 -25.45 -17.46 -5.91
CE MSE B 34 -26.15 -19.30 -5.90
N THR B 35 -23.38 -19.71 -1.66
CA THR B 35 -22.12 -20.45 -1.69
C THR B 35 -21.51 -20.44 -3.11
N THR B 36 -20.18 -20.44 -3.19
CA THR B 36 -19.45 -20.39 -4.47
C THR B 36 -18.85 -21.72 -4.88
N THR B 37 -18.98 -22.72 -4.02
CA THR B 37 -18.48 -24.07 -4.26
C THR B 37 -19.46 -24.90 -5.08
N LYS B 38 -19.06 -26.13 -5.44
CA LYS B 38 -19.96 -27.04 -6.13
C LYS B 38 -20.73 -27.68 -5.00
N THR B 39 -22.05 -27.58 -5.03
CA THR B 39 -22.89 -28.14 -3.96
C THR B 39 -22.55 -29.60 -3.66
N HIS B 40 -22.19 -30.36 -4.72
CA HIS B 40 -21.78 -31.77 -4.63
C HIS B 40 -20.69 -32.04 -3.60
N ASP B 41 -19.71 -31.14 -3.54
CA ASP B 41 -18.60 -31.22 -2.60
C ASP B 41 -19.17 -30.82 -1.23
N VAL B 42 -19.58 -31.82 -0.45
CA VAL B 42 -20.25 -31.56 0.83
C VAL B 42 -19.40 -30.72 1.77
N GLU B 43 -18.23 -31.23 2.15
CA GLU B 43 -17.35 -30.55 3.10
C GLU B 43 -17.07 -29.10 2.67
N ALA B 44 -16.86 -28.92 1.36
CA ALA B 44 -16.55 -27.60 0.81
C ALA B 44 -17.66 -26.60 1.00
N THR B 45 -18.89 -27.05 0.74
CA THR B 45 -20.03 -26.15 0.84
C THR B 45 -20.32 -25.82 2.32
N VAL B 46 -20.18 -26.83 3.18
CA VAL B 46 -20.36 -26.67 4.64
C VAL B 46 -19.30 -25.73 5.21
N ALA B 47 -18.06 -25.96 4.80
CA ALA B 47 -16.97 -25.12 5.25
C ALA B 47 -17.28 -23.66 4.91
N GLU B 48 -17.83 -23.42 3.72
CA GLU B 48 -18.14 -22.05 3.31
C GLU B 48 -19.36 -21.51 4.09
N ILE B 49 -20.38 -22.34 4.28
CA ILE B 49 -21.59 -21.92 5.03
C ILE B 49 -21.22 -21.63 6.49
N LYS B 50 -20.29 -22.41 7.04
CA LYS B 50 -19.82 -22.21 8.41
C LYS B 50 -19.18 -20.84 8.56
N ARG B 51 -18.44 -20.41 7.52
CA ARG B 51 -17.79 -19.09 7.54
C ARG B 51 -18.83 -17.99 7.46
N LEU B 52 -19.88 -18.25 6.69
CA LEU B 52 -20.97 -17.29 6.55
C LEU B 52 -21.80 -17.25 7.85
N GLU B 53 -22.00 -18.42 8.49
CA GLU B 53 -22.73 -18.49 9.79
C GLU B 53 -21.99 -17.70 10.86
N GLU B 54 -20.68 -17.89 10.90
CA GLU B 54 -19.78 -17.16 11.79
C GLU B 54 -19.92 -15.64 11.55
N ALA B 55 -20.02 -15.29 10.27
CA ALA B 55 -20.11 -13.88 9.86
C ALA B 55 -21.42 -13.18 10.19
N GLY B 56 -22.51 -13.93 10.32
CA GLY B 56 -23.82 -13.35 10.63
C GLY B 56 -24.81 -13.56 9.48
N CYS B 57 -24.44 -14.39 8.50
CA CYS B 57 -25.35 -14.69 7.41
C CYS B 57 -26.50 -15.45 8.06
N GLN B 58 -27.74 -15.15 7.63
CA GLN B 58 -28.96 -15.76 8.18
C GLN B 58 -29.66 -16.76 7.26
N VAL B 59 -29.51 -16.59 5.94
CA VAL B 59 -30.09 -17.51 4.95
C VAL B 59 -29.04 -17.70 3.84
N VAL B 60 -28.88 -18.92 3.32
CA VAL B 60 -27.90 -19.13 2.25
C VAL B 60 -28.44 -19.89 1.04
N ARG B 61 -28.12 -19.37 -0.14
CA ARG B 61 -28.56 -19.91 -1.40
C ARG B 61 -27.48 -20.78 -1.97
N VAL B 62 -27.83 -22.01 -2.38
CA VAL B 62 -26.85 -22.92 -2.96
C VAL B 62 -27.15 -23.24 -4.43
N ALA B 63 -26.09 -23.42 -5.21
CA ALA B 63 -26.22 -23.75 -6.62
C ALA B 63 -26.88 -25.13 -6.77
N VAL B 64 -27.88 -25.21 -7.63
CA VAL B 64 -28.56 -26.48 -7.93
C VAL B 64 -28.69 -26.55 -9.46
N PRO B 65 -27.54 -26.63 -10.14
CA PRO B 65 -27.53 -26.71 -11.59
C PRO B 65 -27.83 -28.12 -12.08
N ASP B 66 -27.53 -29.11 -11.24
CA ASP B 66 -27.70 -30.51 -11.62
C ASP B 66 -28.23 -31.42 -10.52
N GLU B 67 -28.50 -32.67 -10.89
CA GLU B 67 -29.04 -33.66 -9.94
C GLU B 67 -28.12 -33.96 -8.76
N ARG B 68 -26.82 -34.12 -9.01
CA ARG B 68 -25.86 -34.37 -7.90
C ARG B 68 -25.96 -33.26 -6.87
N ALA B 69 -26.05 -32.02 -7.31
CA ALA B 69 -26.16 -30.89 -6.39
C ALA B 69 -27.40 -31.04 -5.54
N ALA B 70 -28.50 -31.42 -6.20
CA ALA B 70 -29.80 -31.59 -5.55
C ALA B 70 -29.81 -32.71 -4.54
N ASN B 71 -29.08 -33.79 -4.85
CA ASN B 71 -29.02 -34.95 -3.98
C ASN B 71 -28.15 -34.78 -2.73
N ALA B 72 -27.38 -33.70 -2.64
CA ALA B 72 -26.48 -33.47 -1.50
C ALA B 72 -27.09 -32.54 -0.44
N ILE B 73 -28.26 -31.97 -0.74
CA ILE B 73 -28.91 -31.04 0.20
C ILE B 73 -29.05 -31.60 1.61
N ALA B 74 -29.53 -32.84 1.78
CA ALA B 74 -29.68 -33.40 3.13
C ALA B 74 -28.34 -33.52 3.89
N ASP B 75 -27.27 -33.82 3.18
CA ASP B 75 -25.96 -33.98 3.79
C ASP B 75 -25.44 -32.62 4.29
N ILE B 76 -25.67 -31.59 3.50
CA ILE B 76 -25.26 -30.24 3.88
C ILE B 76 -26.06 -29.84 5.14
N LYS B 77 -27.35 -30.15 5.13
CA LYS B 77 -28.30 -29.85 6.23
C LYS B 77 -27.93 -30.37 7.61
N LYS B 78 -27.39 -31.58 7.65
CA LYS B 78 -27.01 -32.19 8.92
C LYS B 78 -25.94 -31.38 9.66
N GLN B 79 -25.13 -30.63 8.90
CA GLN B 79 -23.96 -29.90 9.43
C GLN B 79 -24.04 -28.37 9.65
N ILE B 80 -25.18 -27.76 9.34
CA ILE B 80 -25.34 -26.31 9.47
C ILE B 80 -26.58 -25.93 10.28
N ASN B 81 -26.71 -24.64 10.57
CA ASN B 81 -27.86 -24.11 11.32
C ASN B 81 -28.89 -23.50 10.39
N ILE B 82 -28.44 -22.48 9.64
CA ILE B 82 -29.29 -21.67 8.76
C ILE B 82 -29.98 -22.35 7.58
N PRO B 83 -31.18 -21.85 7.22
CA PRO B 83 -31.96 -22.31 6.07
C PRO B 83 -31.16 -22.30 4.75
N LEU B 84 -31.41 -23.32 3.93
CA LEU B 84 -30.79 -23.47 2.63
C LEU B 84 -31.83 -23.18 1.59
N VAL B 85 -31.46 -22.36 0.59
CA VAL B 85 -32.36 -21.98 -0.50
C VAL B 85 -31.72 -22.36 -1.85
N ALA B 86 -32.52 -22.46 -2.91
CA ALA B 86 -32.03 -22.82 -4.24
C ALA B 86 -32.88 -22.27 -5.40
N ASP B 87 -32.20 -21.78 -6.44
CA ASP B 87 -32.82 -21.20 -7.62
C ASP B 87 -32.85 -22.21 -8.74
N ILE B 88 -34.04 -22.49 -9.24
CA ILE B 88 -34.20 -23.42 -10.36
C ILE B 88 -34.72 -22.59 -11.51
N HIS B 89 -33.92 -22.44 -12.56
CA HIS B 89 -34.33 -21.64 -13.73
C HIS B 89 -35.29 -22.31 -14.70
N PHE B 90 -34.94 -23.49 -15.17
CA PHE B 90 -35.74 -24.17 -16.20
C PHE B 90 -36.27 -25.53 -15.77
N ASP B 91 -35.36 -26.49 -15.60
CA ASP B 91 -35.71 -27.86 -15.27
C ASP B 91 -36.46 -28.04 -13.94
N TYR B 92 -37.74 -28.40 -14.05
CA TYR B 92 -38.61 -28.63 -12.88
C TYR B 92 -38.17 -29.83 -12.06
N ARG B 93 -37.55 -30.81 -12.70
CA ARG B 93 -37.06 -31.99 -12.01
C ARG B 93 -36.08 -31.57 -10.91
N LEU B 94 -35.27 -30.55 -11.21
CA LEU B 94 -34.32 -30.02 -10.23
C LEU B 94 -35.06 -29.40 -9.05
N ALA B 95 -36.17 -28.70 -9.33
CA ALA B 95 -36.97 -28.12 -8.27
C ALA B 95 -37.57 -29.23 -7.44
N LEU B 96 -38.18 -30.20 -8.11
CA LEU B 96 -38.77 -31.31 -7.39
C LEU B 96 -37.70 -32.01 -6.56
N LYS B 97 -36.57 -32.38 -7.19
CA LYS B 97 -35.47 -33.04 -6.47
C LYS B 97 -35.02 -32.21 -5.28
N ALA B 98 -34.81 -30.90 -5.47
CA ALA B 98 -34.40 -30.03 -4.36
C ALA B 98 -35.44 -30.05 -3.23
N ILE B 99 -36.71 -29.90 -3.61
CA ILE B 99 -37.81 -29.91 -2.63
C ILE B 99 -37.79 -31.20 -1.84
N GLU B 100 -37.91 -32.35 -2.51
CA GLU B 100 -37.86 -33.64 -1.79
C GLU B 100 -36.52 -33.80 -1.08
N GLY B 101 -35.49 -33.16 -1.62
CA GLY B 101 -34.15 -33.21 -1.04
C GLY B 101 -34.02 -32.53 0.32
N GLY B 102 -34.98 -31.67 0.65
CA GLY B 102 -34.98 -30.95 1.94
C GLY B 102 -34.72 -29.45 1.91
N ILE B 103 -34.99 -28.82 0.76
CA ILE B 103 -34.78 -27.37 0.58
C ILE B 103 -35.77 -26.55 1.42
N ASP B 104 -35.39 -25.32 1.78
CA ASP B 104 -36.22 -24.47 2.64
C ASP B 104 -37.03 -23.42 1.89
N LYS B 105 -36.67 -23.21 0.63
CA LYS B 105 -37.32 -22.24 -0.20
C LYS B 105 -36.73 -22.45 -1.57
N VAL B 106 -37.56 -22.37 -2.60
CA VAL B 106 -37.08 -22.55 -3.98
C VAL B 106 -37.48 -21.34 -4.78
N ARG B 107 -36.61 -21.00 -5.73
CA ARG B 107 -36.79 -19.89 -6.65
C ARG B 107 -37.12 -20.49 -8.04
N ILE B 108 -38.40 -20.56 -8.39
CA ILE B 108 -38.84 -21.11 -9.68
C ILE B 108 -39.57 -20.10 -10.54
N ASN B 109 -39.65 -20.40 -11.83
CA ASN B 109 -40.32 -19.55 -12.78
C ASN B 109 -41.50 -20.35 -13.33
N PRO B 110 -42.65 -20.34 -12.60
CA PRO B 110 -43.83 -21.08 -13.00
C PRO B 110 -44.12 -21.07 -14.49
N GLY B 111 -44.00 -19.90 -15.13
CA GLY B 111 -44.30 -19.76 -16.56
C GLY B 111 -43.35 -20.45 -17.54
N ASN B 112 -42.14 -20.76 -17.07
CA ASN B 112 -41.13 -21.40 -17.92
C ASN B 112 -41.22 -22.92 -17.85
N ILE B 113 -41.17 -23.44 -16.62
CA ILE B 113 -41.27 -24.88 -16.34
C ILE B 113 -41.81 -25.74 -17.48
N GLY B 114 -43.01 -25.42 -17.95
CA GLY B 114 -43.64 -26.16 -19.04
C GLY B 114 -45.05 -26.59 -18.67
N ARG B 115 -45.37 -27.86 -18.95
CA ARG B 115 -46.68 -28.44 -18.68
C ARG B 115 -47.31 -28.04 -17.35
N ARG B 116 -48.64 -28.11 -17.31
CA ARG B 116 -49.40 -27.78 -16.13
C ARG B 116 -49.12 -28.78 -15.00
N HIS B 117 -48.90 -30.05 -15.36
CA HIS B 117 -48.63 -31.10 -14.39
C HIS B 117 -47.23 -30.96 -13.78
N LYS B 118 -46.36 -30.22 -14.45
CA LYS B 118 -44.99 -29.98 -13.95
C LYS B 118 -45.05 -28.99 -12.81
N VAL B 119 -45.71 -27.86 -13.06
CA VAL B 119 -45.86 -26.81 -12.07
C VAL B 119 -46.68 -27.36 -10.90
N GLU B 120 -47.76 -28.08 -11.22
CA GLU B 120 -48.61 -28.68 -10.19
C GLU B 120 -47.84 -29.61 -9.24
N ALA B 121 -46.85 -30.32 -9.76
CA ALA B 121 -46.05 -31.23 -8.93
C ALA B 121 -45.14 -30.41 -8.00
N VAL B 122 -44.56 -29.34 -8.55
CA VAL B 122 -43.68 -28.46 -7.75
C VAL B 122 -44.48 -27.65 -6.73
N VAL B 123 -45.56 -27.03 -7.19
CA VAL B 123 -46.44 -26.29 -6.28
C VAL B 123 -46.86 -27.26 -5.18
N ASN B 124 -47.40 -28.41 -5.58
CA ASN B 124 -47.81 -29.44 -4.62
C ASN B 124 -46.62 -29.95 -3.81
N ALA B 125 -45.47 -30.15 -4.47
CA ALA B 125 -44.28 -30.63 -3.77
C ALA B 125 -43.95 -29.66 -2.65
N ALA B 126 -43.89 -28.38 -3.00
CA ALA B 126 -43.60 -27.31 -2.05
C ALA B 126 -44.76 -27.12 -1.06
N LYS B 127 -45.99 -27.16 -1.57
CA LYS B 127 -47.18 -27.01 -0.72
C LYS B 127 -47.26 -28.14 0.31
N GLU B 128 -47.02 -29.37 -0.14
CA GLU B 128 -47.04 -30.54 0.74
C GLU B 128 -46.01 -30.41 1.84
N ARG B 129 -44.78 -30.15 1.44
CA ARG B 129 -43.67 -30.04 2.37
C ARG B 129 -43.73 -28.75 3.19
N GLY B 130 -44.66 -27.85 2.87
CA GLY B 130 -44.81 -26.57 3.60
C GLY B 130 -43.69 -25.57 3.33
N ILE B 131 -43.14 -25.62 2.12
CA ILE B 131 -42.04 -24.74 1.70
C ILE B 131 -42.51 -23.53 0.87
N PRO B 132 -41.88 -22.37 1.08
CA PRO B 132 -42.23 -21.20 0.29
C PRO B 132 -41.55 -21.17 -1.07
N ILE B 133 -42.11 -20.39 -1.98
CA ILE B 133 -41.52 -20.21 -3.28
C ILE B 133 -41.20 -18.73 -3.45
N ARG B 134 -40.14 -18.48 -4.18
CA ARG B 134 -39.73 -17.14 -4.47
C ARG B 134 -39.89 -16.93 -5.97
N ILE B 135 -40.48 -15.81 -6.32
CA ILE B 135 -40.66 -15.44 -7.71
C ILE B 135 -39.62 -14.36 -7.94
N GLY B 136 -38.65 -14.65 -8.80
CA GLY B 136 -37.58 -13.72 -9.09
C GLY B 136 -37.56 -13.21 -10.52
N VAL B 137 -38.05 -11.99 -10.69
CA VAL B 137 -38.05 -11.35 -11.99
C VAL B 137 -36.70 -10.65 -12.09
N ASN B 138 -36.05 -10.84 -13.23
CA ASN B 138 -34.75 -10.26 -13.54
C ASN B 138 -34.87 -9.50 -14.86
N ALA B 139 -34.48 -8.22 -14.83
CA ALA B 139 -34.55 -7.30 -16.00
C ALA B 139 -34.01 -7.88 -17.30
N GLY B 140 -32.91 -8.62 -17.20
CA GLY B 140 -32.30 -9.23 -18.36
C GLY B 140 -32.92 -10.56 -18.77
N SER B 141 -34.00 -10.96 -18.10
CA SER B 141 -34.64 -12.24 -18.41
C SER B 141 -36.15 -12.14 -18.66
N LEU B 142 -36.62 -10.97 -19.05
CA LEU B 142 -38.05 -10.82 -19.29
C LEU B 142 -38.54 -11.70 -20.44
N GLU B 143 -39.78 -12.14 -20.33
CA GLU B 143 -40.37 -13.00 -21.35
C GLU B 143 -40.44 -12.26 -22.70
N ARG B 144 -40.54 -13.00 -23.80
CA ARG B 144 -40.56 -12.37 -25.13
C ARG B 144 -41.70 -11.36 -25.30
N HIS B 145 -42.92 -11.75 -24.93
N HIS B 145 -42.92 -11.74 -24.93
CA HIS B 145 -44.09 -10.87 -25.06
CA HIS B 145 -44.07 -10.83 -25.10
C HIS B 145 -43.98 -9.62 -24.19
C HIS B 145 -43.96 -9.59 -24.20
N ILE B 146 -43.24 -9.73 -23.08
CA ILE B 146 -43.04 -8.60 -22.18
C ILE B 146 -42.16 -7.57 -22.86
N LEU B 147 -41.03 -8.05 -23.39
CA LEU B 147 -40.11 -7.18 -24.08
C LEU B 147 -40.75 -6.58 -25.34
N GLU B 148 -41.62 -7.33 -26.02
CA GLU B 148 -42.28 -6.80 -27.24
C GLU B 148 -43.33 -5.73 -26.88
N LYS B 149 -44.03 -5.94 -25.76
CA LYS B 149 -45.03 -4.97 -25.28
C LYS B 149 -44.43 -3.61 -24.91
N TYR B 150 -43.41 -3.62 -24.05
CA TYR B 150 -42.75 -2.41 -23.57
C TYR B 150 -41.53 -1.97 -24.39
N GLY B 151 -41.01 -2.88 -25.20
CA GLY B 151 -39.88 -2.56 -26.09
C GLY B 151 -38.49 -2.80 -25.53
N TYR B 152 -38.39 -2.84 -24.20
CA TYR B 152 -37.12 -3.06 -23.49
C TYR B 152 -37.45 -3.32 -22.01
N PRO B 153 -36.46 -3.72 -21.19
CA PRO B 153 -36.72 -3.94 -19.76
C PRO B 153 -37.14 -2.68 -19.02
N THR B 154 -38.28 -2.74 -18.34
CA THR B 154 -38.83 -1.63 -17.59
C THR B 154 -39.52 -2.08 -16.34
N ALA B 155 -39.58 -1.19 -15.34
CA ALA B 155 -40.24 -1.50 -14.08
C ALA B 155 -41.64 -2.10 -14.28
N ASP B 156 -42.46 -1.45 -15.11
CA ASP B 156 -43.80 -1.94 -15.38
C ASP B 156 -43.82 -3.39 -15.91
N GLY B 157 -42.86 -3.73 -16.79
CA GLY B 157 -42.79 -5.08 -17.38
C GLY B 157 -42.32 -6.14 -16.40
N MSE B 158 -41.48 -5.73 -15.46
CA MSE B 158 -41.01 -6.64 -14.43
C MSE B 158 -42.18 -6.89 -13.52
O MSE B 158 -42.38 -8.00 -13.03
CB MSE B 158 -39.85 -6.02 -13.65
CG MSE B 158 -38.64 -5.83 -14.56
SE MSE B 158 -37.16 -4.82 -13.71
CE MSE B 158 -36.72 -6.07 -12.25
N VAL B 159 -42.97 -5.85 -13.29
CA VAL B 159 -44.16 -5.94 -12.42
C VAL B 159 -45.23 -6.79 -13.11
N GLU B 160 -45.32 -6.71 -14.44
CA GLU B 160 -46.31 -7.51 -15.18
C GLU B 160 -45.95 -8.99 -15.05
N SER B 161 -44.66 -9.29 -15.25
CA SER B 161 -44.16 -10.66 -15.12
C SER B 161 -44.41 -11.19 -13.71
N ALA B 162 -44.02 -10.40 -12.72
CA ALA B 162 -44.22 -10.79 -11.31
C ALA B 162 -45.64 -11.26 -11.07
N LEU B 163 -46.61 -10.35 -11.27
CA LEU B 163 -48.01 -10.68 -11.05
C LEU B 163 -48.44 -12.01 -11.69
N HIS B 164 -48.00 -12.26 -12.93
CA HIS B 164 -48.39 -13.50 -13.62
C HIS B 164 -47.83 -14.75 -12.93
N HIS B 165 -46.59 -14.70 -12.46
CA HIS B 165 -46.03 -15.84 -11.74
C HIS B 165 -46.89 -16.04 -10.51
N ILE B 166 -47.19 -14.92 -9.85
CA ILE B 166 -48.01 -14.90 -8.66
C ILE B 166 -49.40 -15.43 -8.93
N LYS B 167 -49.98 -15.05 -10.08
CA LYS B 167 -51.33 -15.48 -10.44
C LYS B 167 -51.36 -16.98 -10.79
N ILE B 168 -50.30 -17.48 -11.43
CA ILE B 168 -50.23 -18.90 -11.74
C ILE B 168 -50.32 -19.64 -10.41
N LEU B 169 -49.48 -19.24 -9.46
CA LEU B 169 -49.45 -19.92 -8.16
C LEU B 169 -50.73 -19.69 -7.36
N GLU B 170 -51.25 -18.46 -7.39
CA GLU B 170 -52.49 -18.17 -6.66
C GLU B 170 -53.65 -18.99 -7.23
N ASP B 171 -53.65 -19.20 -8.55
CA ASP B 171 -54.70 -20.02 -9.17
C ASP B 171 -54.59 -21.50 -8.75
N LEU B 172 -53.47 -21.88 -8.13
CA LEU B 172 -53.29 -23.25 -7.60
C LEU B 172 -53.31 -23.21 -6.06
N ASP B 173 -53.99 -22.22 -5.49
CA ASP B 173 -54.08 -22.04 -4.02
C ASP B 173 -52.71 -22.00 -3.34
N PHE B 174 -51.78 -21.28 -3.95
CA PHE B 174 -50.43 -21.16 -3.38
C PHE B 174 -50.16 -19.70 -3.05
N HIS B 175 -49.79 -19.44 -1.79
CA HIS B 175 -49.59 -18.08 -1.28
C HIS B 175 -48.34 -17.81 -0.41
N ASP B 176 -47.45 -18.79 -0.25
CA ASP B 176 -46.23 -18.57 0.53
C ASP B 176 -45.20 -18.12 -0.50
N ILE B 177 -45.32 -16.84 -0.85
CA ILE B 177 -44.55 -16.20 -1.88
C ILE B 177 -43.69 -15.03 -1.39
N ILE B 178 -42.48 -14.97 -1.92
CA ILE B 178 -41.54 -13.88 -1.72
C ILE B 178 -41.25 -13.46 -3.16
N VAL B 179 -41.08 -12.16 -3.42
CA VAL B 179 -40.84 -11.69 -4.78
C VAL B 179 -39.54 -10.89 -4.86
N SER B 180 -38.74 -11.19 -5.87
CA SER B 180 -37.49 -10.48 -6.15
C SER B 180 -37.62 -9.74 -7.49
N MSE B 181 -37.00 -8.57 -7.55
CA MSE B 181 -37.02 -7.66 -8.71
C MSE B 181 -35.61 -7.19 -8.97
O MSE B 181 -35.27 -6.02 -8.71
CB MSE B 181 -37.88 -6.43 -8.40
CG MSE B 181 -39.31 -6.72 -7.91
SE MSE B 181 -40.45 -7.62 -9.24
CE MSE B 181 -41.12 -6.05 -10.20
N LYS B 182 -34.78 -8.09 -9.48
CA LYS B 182 -33.34 -7.80 -9.69
C LYS B 182 -32.96 -7.15 -11.03
N ALA B 183 -32.35 -5.97 -10.93
CA ALA B 183 -31.86 -5.21 -12.09
C ALA B 183 -30.41 -4.78 -11.86
N SER B 184 -29.69 -4.45 -12.93
CA SER B 184 -28.33 -3.93 -12.83
C SER B 184 -28.39 -2.42 -12.65
N ASP B 185 -29.26 -1.76 -13.42
CA ASP B 185 -29.43 -0.30 -13.34
C ASP B 185 -30.09 0.05 -12.00
N VAL B 186 -29.48 0.89 -11.17
N VAL B 186 -29.47 0.96 -11.25
CA VAL B 186 -30.12 1.21 -9.88
CA VAL B 186 -29.94 1.38 -9.92
C VAL B 186 -31.45 1.94 -10.06
C VAL B 186 -31.32 2.06 -9.98
N ASN B 187 -31.52 2.86 -11.03
CA ASN B 187 -32.77 3.58 -11.28
C ASN B 187 -33.92 2.61 -11.52
N LEU B 188 -33.66 1.58 -12.33
CA LEU B 188 -34.67 0.58 -12.61
C LEU B 188 -34.97 -0.21 -11.36
N ALA B 189 -33.92 -0.67 -10.68
CA ALA B 189 -34.10 -1.44 -9.48
C ALA B 189 -35.01 -0.69 -8.49
N ILE B 190 -34.70 0.57 -8.21
CA ILE B 190 -35.50 1.38 -7.28
C ILE B 190 -36.98 1.42 -7.68
N GLU B 191 -37.24 1.69 -8.96
CA GLU B 191 -38.62 1.73 -9.48
C GLU B 191 -39.28 0.38 -9.38
N ALA B 192 -38.60 -0.62 -9.91
CA ALA B 192 -39.11 -1.99 -9.91
C ALA B 192 -39.60 -2.43 -8.50
N TYR B 193 -38.82 -2.14 -7.47
CA TYR B 193 -39.26 -2.50 -6.13
C TYR B 193 -40.40 -1.60 -5.63
N GLU B 194 -40.36 -0.31 -5.95
CA GLU B 194 -41.44 0.59 -5.50
C GLU B 194 -42.82 0.17 -6.05
N LYS B 195 -42.88 -0.23 -7.31
CA LYS B 195 -44.14 -0.62 -7.93
C LYS B 195 -44.65 -1.99 -7.45
N ALA B 196 -43.71 -2.86 -7.06
CA ALA B 196 -43.99 -4.19 -6.54
C ALA B 196 -44.66 -4.06 -5.16
N ALA B 197 -44.16 -3.11 -4.37
CA ALA B 197 -44.75 -2.88 -3.06
C ALA B 197 -46.18 -2.31 -3.23
N ARG B 198 -46.45 -1.66 -4.36
CA ARG B 198 -47.79 -1.10 -4.66
C ARG B 198 -48.68 -2.12 -5.39
N ALA B 199 -48.05 -3.10 -6.05
CA ALA B 199 -48.74 -4.14 -6.84
C ALA B 199 -49.09 -5.41 -6.06
N PHE B 200 -48.50 -5.61 -4.89
CA PHE B 200 -48.82 -6.80 -4.08
C PHE B 200 -48.33 -6.68 -2.65
N ASP B 201 -48.80 -7.61 -1.80
CA ASP B 201 -48.50 -7.64 -0.36
C ASP B 201 -47.41 -8.64 0.07
N TYR B 202 -46.84 -9.39 -0.86
CA TYR B 202 -45.83 -10.36 -0.47
C TYR B 202 -44.53 -9.69 -0.05
N PRO B 203 -43.73 -10.38 0.76
CA PRO B 203 -42.46 -9.75 1.12
C PRO B 203 -41.54 -9.68 -0.09
N LEU B 204 -40.69 -8.65 -0.11
CA LEU B 204 -39.75 -8.42 -1.19
C LEU B 204 -38.35 -8.76 -0.78
N HIS B 205 -37.68 -9.50 -1.65
CA HIS B 205 -36.28 -9.84 -1.47
C HIS B 205 -35.46 -8.83 -2.31
N LEU B 206 -34.68 -7.99 -1.62
CA LEU B 206 -33.86 -6.97 -2.27
C LEU B 206 -32.50 -7.45 -2.73
N GLY B 207 -32.24 -7.26 -4.02
CA GLY B 207 -30.97 -7.59 -4.61
C GLY B 207 -30.73 -6.68 -5.82
N ILE B 208 -29.46 -6.44 -6.11
CA ILE B 208 -29.03 -5.62 -7.24
C ILE B 208 -28.06 -6.50 -8.05
N THR B 209 -28.22 -6.57 -9.37
CA THR B 209 -27.29 -7.34 -10.20
C THR B 209 -25.88 -6.75 -10.05
N GLU B 210 -24.88 -7.58 -9.74
CA GLU B 210 -23.51 -7.03 -9.59
C GLU B 210 -22.97 -6.47 -10.89
N SER B 211 -22.31 -5.30 -10.79
CA SER B 211 -21.72 -4.63 -11.92
C SER B 211 -20.35 -4.04 -11.50
N GLY B 212 -19.38 -4.07 -12.41
CA GLY B 212 -18.04 -3.49 -12.19
C GLY B 212 -17.06 -4.23 -11.29
N THR B 213 -16.15 -3.46 -10.69
CA THR B 213 -15.14 -3.99 -9.77
C THR B 213 -15.80 -4.14 -8.38
N LEU B 214 -15.14 -4.77 -7.41
CA LEU B 214 -15.72 -4.88 -6.07
C LEU B 214 -16.12 -3.50 -5.58
N PHE B 215 -15.21 -2.56 -5.78
CA PHE B 215 -15.40 -1.17 -5.39
C PHE B 215 -16.65 -0.53 -5.99
N ALA B 216 -16.92 -0.81 -7.26
CA ALA B 216 -18.08 -0.22 -7.91
C ALA B 216 -19.34 -0.96 -7.50
N GLY B 217 -19.22 -2.28 -7.35
CA GLY B 217 -20.37 -3.10 -6.97
C GLY B 217 -20.89 -2.72 -5.61
N THR B 218 -19.96 -2.38 -4.70
CA THR B 218 -20.28 -2.02 -3.33
C THR B 218 -20.97 -0.65 -3.27
N VAL B 219 -20.48 0.30 -4.06
CA VAL B 219 -21.04 1.65 -4.11
C VAL B 219 -22.43 1.67 -4.74
N KCX B 220 -22.58 1.00 -5.88
CA KCX B 220 -23.85 0.95 -6.60
CB KCX B 220 -23.59 0.30 -7.96
CG KCX B 220 -24.85 0.14 -8.79
CD KCX B 220 -24.56 -0.66 -10.04
CE KCX B 220 -24.00 0.23 -11.14
NZ KCX B 220 -24.98 0.42 -12.19
C KCX B 220 -24.90 0.17 -5.85
O KCX B 220 -26.09 0.52 -5.88
CX KCX B 220 -24.75 1.13 -13.29
OQ1 KCX B 220 -23.68 1.69 -13.53
OQ2 KCX B 220 -25.75 1.21 -14.15
N SER B 221 -24.49 -0.89 -5.16
CA SER B 221 -25.43 -1.69 -4.40
C SER B 221 -25.92 -0.89 -3.20
N ALA B 222 -24.99 -0.23 -2.51
CA ALA B 222 -25.35 0.58 -1.34
C ALA B 222 -26.27 1.72 -1.74
N ALA B 223 -25.96 2.36 -2.86
CA ALA B 223 -26.75 3.49 -3.38
C ALA B 223 -28.20 3.10 -3.65
N GLY B 224 -28.38 2.13 -4.54
CA GLY B 224 -29.72 1.69 -4.88
C GLY B 224 -30.51 1.15 -3.70
N LEU B 225 -29.86 0.29 -2.90
CA LEU B 225 -30.51 -0.31 -1.73
C LEU B 225 -30.83 0.75 -0.66
N GLY B 226 -30.07 1.85 -0.63
CA GLY B 226 -30.34 2.95 0.34
C GLY B 226 -31.65 3.64 0.03
N ALA B 227 -31.89 3.83 -1.26
CA ALA B 227 -33.12 4.46 -1.70
C ALA B 227 -34.33 3.54 -1.50
N ILE B 228 -34.12 2.22 -1.68
CA ILE B 228 -35.21 1.27 -1.48
C ILE B 228 -35.53 1.10 0.01
N LEU B 229 -34.50 0.91 0.85
CA LEU B 229 -34.71 0.77 2.30
C LEU B 229 -35.39 2.01 2.94
N ASN B 230 -35.13 3.20 2.37
CA ASN B 230 -35.74 4.45 2.84
C ASN B 230 -37.22 4.52 2.42
N LYS B 231 -37.60 3.72 1.42
CA LYS B 231 -39.00 3.66 0.97
C LYS B 231 -39.84 2.82 1.93
N GLY B 232 -39.20 2.20 2.92
CA GLY B 232 -39.93 1.38 3.89
C GLY B 232 -40.36 0.02 3.38
N ILE B 233 -39.64 -0.48 2.38
CA ILE B 233 -39.94 -1.80 1.80
C ILE B 233 -38.68 -2.67 1.84
N GLY B 234 -38.87 -3.97 1.63
CA GLY B 234 -37.78 -4.93 1.72
C GLY B 234 -37.91 -5.66 3.03
N ASN B 235 -37.84 -6.99 2.97
CA ASN B 235 -37.97 -7.86 4.15
C ASN B 235 -36.78 -8.79 4.28
N THR B 236 -35.99 -8.85 3.22
CA THR B 236 -34.79 -9.66 3.23
C THR B 236 -33.91 -9.11 2.11
N LEU B 237 -32.66 -9.49 2.08
CA LEU B 237 -31.76 -9.01 1.05
C LEU B 237 -30.44 -9.73 0.94
N ARG B 238 -29.83 -9.54 -0.23
CA ARG B 238 -28.52 -10.05 -0.52
C ARG B 238 -27.75 -9.05 -1.37
N ILE B 239 -26.50 -8.81 -0.97
CA ILE B 239 -25.57 -7.99 -1.73
C ILE B 239 -24.84 -8.94 -2.67
N SER B 240 -24.80 -8.65 -3.97
CA SER B 240 -24.09 -9.56 -4.88
C SER B 240 -22.73 -8.96 -5.22
N LEU B 241 -21.66 -9.75 -5.00
CA LEU B 241 -20.28 -9.34 -5.25
C LEU B 241 -19.36 -10.49 -5.66
N SER B 242 -18.56 -10.28 -6.72
CA SER B 242 -17.59 -11.27 -7.17
C SER B 242 -16.48 -11.24 -6.13
N ALA B 243 -16.76 -11.90 -5.03
CA ALA B 243 -15.86 -11.95 -3.90
C ALA B 243 -16.33 -13.04 -3.00
N ASP B 244 -15.48 -13.34 -2.03
CA ASP B 244 -15.77 -14.28 -0.97
C ASP B 244 -17.16 -13.88 -0.44
N PRO B 245 -18.15 -14.80 -0.49
CA PRO B 245 -19.51 -14.52 -0.02
C PRO B 245 -19.59 -13.78 1.31
N VAL B 246 -18.57 -13.97 2.16
CA VAL B 246 -18.48 -13.29 3.44
C VAL B 246 -18.51 -11.77 3.25
N GLU B 247 -17.88 -11.27 2.19
CA GLU B 247 -17.87 -9.83 1.93
C GLU B 247 -19.29 -9.30 1.68
N GLU B 248 -20.10 -10.11 1.01
CA GLU B 248 -21.50 -9.76 0.76
C GLU B 248 -22.18 -9.55 2.12
N VAL B 249 -22.00 -10.50 3.05
CA VAL B 249 -22.58 -10.38 4.40
C VAL B 249 -22.10 -9.09 5.08
N LYS B 250 -20.79 -8.81 5.00
CA LYS B 250 -20.22 -7.60 5.64
C LYS B 250 -20.97 -6.36 5.21
N VAL B 251 -21.13 -6.21 3.91
CA VAL B 251 -21.78 -5.07 3.33
C VAL B 251 -23.24 -5.03 3.77
N ALA B 252 -23.94 -6.17 3.73
CA ALA B 252 -25.34 -6.19 4.15
C ALA B 252 -25.47 -5.75 5.62
N ARG B 253 -24.57 -6.24 6.49
CA ARG B 253 -24.57 -5.88 7.93
C ARG B 253 -24.34 -4.38 8.19
N GLU B 254 -23.43 -3.78 7.41
CA GLU B 254 -23.19 -2.32 7.54
C GLU B 254 -24.43 -1.56 7.11
N LEU B 255 -25.02 -1.99 6.00
CA LEU B 255 -26.25 -1.36 5.51
C LEU B 255 -27.36 -1.42 6.50
N LEU B 256 -27.54 -2.56 7.14
CA LEU B 256 -28.63 -2.68 8.11
C LEU B 256 -28.33 -1.86 9.36
N LYS B 257 -27.07 -1.88 9.82
CA LYS B 257 -26.65 -1.10 11.00
C LYS B 257 -26.96 0.39 10.78
N SER B 258 -26.69 0.87 9.57
CA SER B 258 -26.97 2.26 9.16
C SER B 258 -28.41 2.65 9.39
N PHE B 259 -29.32 1.82 8.89
CA PHE B 259 -30.75 2.11 8.95
C PHE B 259 -31.45 1.57 10.18
N GLY B 260 -30.78 0.69 10.92
CA GLY B 260 -31.37 0.10 12.13
C GLY B 260 -32.43 -0.94 11.77
N LEU B 261 -32.21 -1.64 10.66
CA LEU B 261 -33.16 -2.63 10.19
C LEU B 261 -32.66 -4.08 10.29
N ALA B 262 -31.68 -4.32 11.16
CA ALA B 262 -31.16 -5.67 11.36
C ALA B 262 -32.08 -6.46 12.32
N SER B 263 -32.06 -7.79 12.22
CA SER B 263 -32.90 -8.59 13.10
C SER B 263 -32.57 -8.29 14.56
N GLU C 6 -43.58 20.89 0.00
CA GLU C 6 -43.04 20.43 -1.33
C GLU C 6 -41.54 20.74 -1.43
N MSE C 7 -40.76 19.78 -1.92
CA MSE C 7 -39.32 19.95 -2.07
C MSE C 7 -38.94 20.70 -3.32
O MSE C 7 -39.57 20.54 -4.36
CB MSE C 7 -38.65 18.57 -2.22
CG MSE C 7 -38.84 17.69 -1.01
SE MSE C 7 -37.96 15.96 -1.38
CE MSE C 7 -39.28 15.21 -2.63
N THR C 8 -37.89 21.54 -3.22
CA THR C 8 -37.37 22.30 -4.36
C THR C 8 -36.33 21.45 -5.11
N HIS C 9 -36.70 20.96 -6.29
CA HIS C 9 -35.81 20.13 -7.10
C HIS C 9 -34.46 20.84 -7.29
N ARG C 10 -33.39 20.08 -7.49
CA ARG C 10 -32.05 20.68 -7.64
C ARG C 10 -31.96 21.62 -8.87
N THR C 11 -32.84 21.38 -9.84
CA THR C 11 -32.90 22.18 -11.08
C THR C 11 -33.63 23.51 -10.93
N LYS C 12 -34.37 23.70 -9.83
CA LYS C 12 -35.09 24.99 -9.61
C LYS C 12 -34.65 25.71 -8.34
N THR C 13 -33.51 25.27 -7.82
CA THR C 13 -32.88 25.87 -6.65
C THR C 13 -32.14 27.17 -7.12
N ARG C 14 -31.78 28.06 -6.19
CA ARG C 14 -31.09 29.32 -6.57
C ARG C 14 -29.64 29.07 -7.02
N PRO C 15 -29.25 29.63 -8.17
CA PRO C 15 -27.88 29.44 -8.62
C PRO C 15 -26.89 30.18 -7.73
N VAL C 16 -25.77 29.53 -7.43
CA VAL C 16 -24.72 30.13 -6.58
C VAL C 16 -23.34 29.94 -7.25
N LYS C 17 -22.72 31.07 -7.60
CA LYS C 17 -21.41 31.12 -8.23
C LYS C 17 -20.31 30.81 -7.19
N VAL C 18 -19.47 29.81 -7.48
CA VAL C 18 -18.34 29.44 -6.60
C VAL C 18 -17.09 29.41 -7.49
N GLY C 19 -16.40 30.55 -7.55
CA GLY C 19 -15.27 30.67 -8.44
C GLY C 19 -15.86 30.65 -9.84
N ASN C 20 -15.36 29.75 -10.69
CA ASN C 20 -15.85 29.62 -12.06
C ASN C 20 -17.03 28.65 -12.27
N LEU C 21 -17.42 27.92 -11.21
CA LEU C 21 -18.52 26.95 -11.28
C LEU C 21 -19.81 27.48 -10.68
N THR C 22 -20.93 26.87 -11.09
CA THR C 22 -22.20 27.20 -10.50
C THR C 22 -22.79 25.97 -9.83
N ILE C 23 -23.28 26.21 -8.63
CA ILE C 23 -23.88 25.22 -7.80
C ILE C 23 -25.33 25.68 -7.65
N GLY C 24 -26.27 24.80 -7.97
CA GLY C 24 -27.68 25.14 -7.89
C GLY C 24 -28.23 25.57 -9.25
N GLY C 25 -29.53 25.34 -9.45
CA GLY C 25 -30.20 25.73 -10.71
C GLY C 25 -29.89 24.90 -11.95
N ASN C 26 -29.50 23.66 -11.73
CA ASN C 26 -29.17 22.70 -12.80
C ASN C 26 -29.11 21.28 -12.18
N ASN C 27 -28.87 20.24 -12.97
CA ASN C 27 -28.89 18.86 -12.44
C ASN C 27 -27.46 18.31 -12.33
N GLU C 28 -26.49 19.22 -12.15
CA GLU C 28 -25.08 18.86 -12.06
C GLU C 28 -24.62 18.84 -10.59
N LEU C 29 -24.16 17.70 -10.11
CA LEU C 29 -23.68 17.59 -8.74
C LEU C 29 -22.16 17.76 -8.70
N ILE C 30 -21.75 18.96 -8.31
CA ILE C 30 -20.32 19.34 -8.23
C ILE C 30 -19.66 18.51 -7.12
N ILE C 31 -18.50 17.88 -7.40
CA ILE C 31 -17.80 17.03 -6.40
C ILE C 31 -16.82 17.83 -5.56
N GLN C 32 -16.89 17.72 -4.24
CA GLN C 32 -15.99 18.46 -3.37
C GLN C 32 -15.28 17.53 -2.41
N SER C 33 -14.24 18.06 -1.77
CA SER C 33 -13.50 17.33 -0.74
C SER C 33 -12.85 18.35 0.18
N MSE C 34 -11.90 17.92 1.01
CA MSE C 34 -11.22 18.78 1.95
C MSE C 34 -9.88 18.21 2.20
O MSE C 34 -9.67 16.98 2.08
CB MSE C 34 -12.02 18.81 3.24
CG MSE C 34 -11.62 19.94 4.19
SE MSE C 34 -12.84 19.93 5.72
CE MSE C 34 -12.34 18.18 6.47
N THR C 35 -8.96 19.07 2.59
CA THR C 35 -7.60 18.68 2.86
C THR C 35 -7.38 18.17 4.27
N THR C 36 -6.32 17.38 4.44
CA THR C 36 -5.92 16.79 5.72
C THR C 36 -4.66 17.45 6.27
N THR C 37 -4.01 18.24 5.42
CA THR C 37 -2.78 18.93 5.73
C THR C 37 -2.97 20.15 6.62
N LYS C 38 -1.84 20.67 7.09
CA LYS C 38 -1.80 21.92 7.85
C LYS C 38 -2.05 23.02 6.80
N THR C 39 -3.15 23.77 6.92
CA THR C 39 -3.47 24.81 5.93
C THR C 39 -2.33 25.82 5.69
N HIS C 40 -1.57 26.14 6.75
CA HIS C 40 -0.45 27.06 6.63
C HIS C 40 0.79 26.41 5.99
N ASP C 41 0.79 25.07 5.88
CA ASP C 41 1.87 24.36 5.18
C ASP C 41 1.42 24.43 3.72
N VAL C 42 1.87 25.48 3.03
CA VAL C 42 1.42 25.73 1.66
C VAL C 42 1.84 24.63 0.69
N GLU C 43 3.08 24.15 0.78
CA GLU C 43 3.58 23.10 -0.13
C GLU C 43 2.76 21.81 -0.05
N ALA C 44 2.57 21.36 1.19
CA ALA C 44 1.85 20.13 1.43
C ALA C 44 0.39 20.25 0.99
N THR C 45 -0.23 21.37 1.35
CA THR C 45 -1.64 21.61 1.04
C THR C 45 -1.80 21.63 -0.47
N VAL C 46 -0.99 22.45 -1.16
CA VAL C 46 -1.04 22.53 -2.62
C VAL C 46 -0.83 21.09 -3.22
N ALA C 47 0.20 20.38 -2.76
CA ALA C 47 0.47 19.02 -3.25
C ALA C 47 -0.77 18.11 -3.16
N GLU C 48 -1.41 18.10 -2.00
CA GLU C 48 -2.60 17.28 -1.81
C GLU C 48 -3.76 17.76 -2.69
N ILE C 49 -3.89 19.07 -2.87
CA ILE C 49 -4.94 19.60 -3.75
C ILE C 49 -4.77 19.15 -5.21
N LYS C 50 -3.53 19.14 -5.69
CA LYS C 50 -3.29 18.72 -7.07
C LYS C 50 -3.60 17.23 -7.25
N ARG C 51 -3.46 16.44 -6.19
CA ARG C 51 -3.81 15.01 -6.23
C ARG C 51 -5.32 14.87 -6.28
N LEU C 52 -6.02 15.76 -5.59
CA LEU C 52 -7.49 15.79 -5.60
C LEU C 52 -7.98 16.22 -7.01
N GLU C 53 -7.35 17.25 -7.59
CA GLU C 53 -7.70 17.71 -8.94
C GLU C 53 -7.46 16.55 -9.91
N GLU C 54 -6.38 15.81 -9.71
CA GLU C 54 -6.05 14.67 -10.58
C GLU C 54 -7.12 13.57 -10.50
N ALA C 55 -7.71 13.42 -9.30
CA ALA C 55 -8.77 12.46 -9.04
C ALA C 55 -10.12 12.88 -9.60
N GLY C 56 -10.36 14.18 -9.74
CA GLY C 56 -11.66 14.67 -10.26
C GLY C 56 -12.36 15.69 -9.35
N CYS C 57 -11.64 16.15 -8.34
CA CYS C 57 -12.20 17.12 -7.38
C CYS C 57 -12.42 18.47 -8.07
N GLN C 58 -13.61 19.03 -7.89
CA GLN C 58 -13.99 20.28 -8.57
C GLN C 58 -13.91 21.52 -7.68
N VAL C 59 -14.13 21.31 -6.40
CA VAL C 59 -14.10 22.32 -5.39
C VAL C 59 -13.46 21.71 -4.15
N VAL C 60 -12.59 22.43 -3.47
CA VAL C 60 -11.95 21.90 -2.24
C VAL C 60 -11.98 22.90 -1.09
N ARG C 61 -12.12 22.37 0.13
CA ARG C 61 -12.20 23.18 1.32
C ARG C 61 -10.94 22.99 2.19
N VAL C 62 -10.52 24.07 2.84
CA VAL C 62 -9.37 24.05 3.74
C VAL C 62 -9.75 24.69 5.07
N ALA C 63 -9.33 24.05 6.17
CA ALA C 63 -9.64 24.60 7.47
C ALA C 63 -8.75 25.79 7.74
N VAL C 64 -9.35 26.86 8.27
CA VAL C 64 -8.63 28.08 8.61
C VAL C 64 -8.84 28.33 10.10
N PRO C 65 -8.05 27.64 10.96
CA PRO C 65 -8.21 27.81 12.40
C PRO C 65 -7.54 29.04 12.98
N ASP C 66 -6.61 29.62 12.25
CA ASP C 66 -5.83 30.72 12.79
C ASP C 66 -5.25 31.67 11.75
N GLU C 67 -4.39 32.55 12.24
CA GLU C 67 -3.74 33.56 11.39
C GLU C 67 -2.78 32.92 10.41
N ARG C 68 -1.97 31.98 10.87
CA ARG C 68 -1.05 31.26 9.97
C ARG C 68 -1.88 30.74 8.78
N ALA C 69 -2.99 30.06 9.09
CA ALA C 69 -3.85 29.50 8.06
C ALA C 69 -4.47 30.55 7.19
N ALA C 70 -5.03 31.59 7.78
CA ALA C 70 -5.64 32.66 7.01
C ALA C 70 -4.59 33.30 6.09
N ASN C 71 -3.40 33.54 6.62
CA ASN C 71 -2.32 34.12 5.82
C ASN C 71 -1.95 33.29 4.60
N ALA C 72 -2.06 31.96 4.68
CA ALA C 72 -1.70 31.05 3.56
C ALA C 72 -2.64 31.04 2.34
N ILE C 73 -3.82 31.64 2.48
CA ILE C 73 -4.80 31.60 1.39
C ILE C 73 -4.32 32.01 -0.01
N ALA C 74 -3.81 33.24 -0.16
CA ALA C 74 -3.33 33.71 -1.48
C ALA C 74 -2.26 32.80 -2.09
N ASP C 75 -1.28 32.40 -1.28
CA ASP C 75 -0.22 31.49 -1.71
C ASP C 75 -0.76 30.13 -2.17
N ILE C 76 -1.83 29.66 -1.54
CA ILE C 76 -2.44 28.39 -1.94
C ILE C 76 -3.20 28.60 -3.26
N LYS C 77 -4.12 29.55 -3.28
CA LYS C 77 -4.96 29.77 -4.45
C LYS C 77 -4.17 30.08 -5.74
N LYS C 78 -3.03 30.77 -5.63
CA LYS C 78 -2.21 31.07 -6.80
C LYS C 78 -1.63 29.81 -7.45
N GLN C 79 -1.48 28.75 -6.66
CA GLN C 79 -0.89 27.50 -7.12
C GLN C 79 -1.91 26.40 -7.35
N ILE C 80 -3.19 26.78 -7.56
CA ILE C 80 -4.29 25.83 -7.76
C ILE C 80 -5.18 26.28 -8.92
N ASN C 81 -6.06 25.39 -9.36
CA ASN C 81 -6.97 25.69 -10.47
C ASN C 81 -8.43 25.66 -10.06
N ILE C 82 -8.79 24.80 -9.12
CA ILE C 82 -10.20 24.71 -8.70
C ILE C 82 -10.53 25.68 -7.54
N PRO C 83 -11.83 25.98 -7.31
CA PRO C 83 -12.16 26.91 -6.22
C PRO C 83 -11.76 26.40 -4.83
N LEU C 84 -11.43 27.34 -3.94
CA LEU C 84 -10.99 27.07 -2.60
C LEU C 84 -11.97 27.71 -1.62
N VAL C 85 -12.55 26.88 -0.75
CA VAL C 85 -13.51 27.32 0.27
C VAL C 85 -12.73 27.33 1.59
N ALA C 86 -13.06 28.23 2.52
CA ALA C 86 -12.38 28.26 3.83
C ALA C 86 -13.33 27.85 4.96
N ASP C 87 -12.84 27.03 5.88
CA ASP C 87 -13.60 26.59 7.08
C ASP C 87 -13.31 27.54 8.22
N ILE C 88 -14.36 28.12 8.77
CA ILE C 88 -14.25 29.06 9.87
C ILE C 88 -15.54 29.00 10.70
N HIS C 89 -15.42 28.58 11.96
CA HIS C 89 -16.61 28.50 12.83
C HIS C 89 -17.20 29.83 13.31
N PHE C 90 -16.36 30.79 13.66
CA PHE C 90 -16.91 32.05 14.19
C PHE C 90 -16.00 33.26 14.15
N ASP C 91 -14.75 33.08 13.79
CA ASP C 91 -13.81 34.21 13.86
C ASP C 91 -13.94 35.13 12.64
N TYR C 92 -14.50 36.32 12.88
CA TYR C 92 -14.73 37.29 11.80
C TYR C 92 -13.40 37.88 11.27
N ARG C 93 -12.40 37.96 12.11
CA ARG C 93 -11.11 38.49 11.65
C ARG C 93 -10.51 37.49 10.66
N LEU C 94 -10.59 36.20 10.97
CA LEU C 94 -10.07 35.17 10.06
C LEU C 94 -10.91 35.15 8.77
N ALA C 95 -12.22 35.32 8.93
CA ALA C 95 -13.12 35.37 7.81
C ALA C 95 -12.62 36.47 6.89
N LEU C 96 -12.53 37.68 7.43
CA LEU C 96 -12.02 38.83 6.68
C LEU C 96 -10.66 38.58 6.01
N LYS C 97 -9.73 37.93 6.73
CA LYS C 97 -8.38 37.69 6.19
C LYS C 97 -8.39 36.72 5.00
N ALA C 98 -9.19 35.68 5.11
CA ALA C 98 -9.31 34.66 4.05
C ALA C 98 -10.00 35.25 2.82
N ILE C 99 -11.03 36.06 3.05
CA ILE C 99 -11.77 36.73 1.97
C ILE C 99 -10.81 37.66 1.22
N GLU C 100 -10.17 38.57 1.95
CA GLU C 100 -9.16 39.44 1.34
C GLU C 100 -8.16 38.63 0.49
N GLY C 101 -7.78 37.46 1.01
CA GLY C 101 -6.81 36.57 0.35
C GLY C 101 -7.27 35.86 -0.91
N GLY C 102 -8.55 35.94 -1.24
CA GLY C 102 -9.07 35.32 -2.48
C GLY C 102 -9.89 34.05 -2.40
N ILE C 103 -10.26 33.62 -1.20
CA ILE C 103 -11.06 32.41 -1.06
C ILE C 103 -12.30 32.58 -1.91
N ASP C 104 -12.80 31.49 -2.47
CA ASP C 104 -13.98 31.54 -3.33
C ASP C 104 -15.29 31.45 -2.58
N KCX C 105 -15.25 30.92 -1.35
CA KCX C 105 -16.45 30.80 -0.51
CB KCX C 105 -17.28 29.61 -0.98
CG KCX C 105 -18.37 29.17 0.03
CD KCX C 105 -19.34 28.12 -0.55
CE KCX C 105 -18.66 26.81 -0.90
NZ KCX C 105 -19.59 25.79 -1.34
C KCX C 105 -16.04 30.55 0.91
O KCX C 105 -15.01 29.89 1.15
CX KCX C 105 -19.87 24.68 -0.65
OQ1 KCX C 105 -20.67 23.83 -1.04
OQ2 KCX C 105 -19.25 24.47 0.51
N VAL C 106 -16.83 31.04 1.86
CA VAL C 106 -16.56 30.77 3.27
C VAL C 106 -17.68 29.94 3.89
N ARG C 107 -17.30 28.84 4.53
CA ARG C 107 -18.24 28.02 5.23
C ARG C 107 -18.16 28.59 6.64
N ILE C 108 -19.19 29.35 6.99
CA ILE C 108 -19.30 30.02 8.30
C ILE C 108 -20.79 30.12 8.63
N ASN C 109 -21.15 29.86 9.89
CA ASN C 109 -22.54 29.92 10.34
C ASN C 109 -22.78 31.27 11.01
N PRO C 110 -23.53 32.20 10.33
CA PRO C 110 -23.80 33.59 10.76
C PRO C 110 -24.15 33.82 12.23
N GLY C 111 -24.96 32.93 12.78
CA GLY C 111 -25.39 33.08 14.16
C GLY C 111 -24.29 32.92 15.19
N ASN C 112 -23.18 32.28 14.80
CA ASN C 112 -22.04 32.07 15.71
C ASN C 112 -21.07 33.27 15.79
N ILE C 113 -21.11 34.15 14.79
CA ILE C 113 -20.17 35.28 14.68
C ILE C 113 -20.21 36.29 15.84
N GLY C 114 -21.39 36.44 16.45
CA GLY C 114 -21.54 37.34 17.60
C GLY C 114 -22.19 38.66 17.21
N ARG C 115 -21.82 39.71 17.93
CA ARG C 115 -22.35 41.07 17.74
C ARG C 115 -22.54 41.45 16.28
N ARG C 116 -23.64 42.14 15.99
CA ARG C 116 -23.95 42.52 14.62
C ARG C 116 -22.82 43.18 13.83
N HIS C 117 -22.04 44.07 14.45
CA HIS C 117 -20.97 44.73 13.70
C HIS C 117 -19.97 43.72 13.12
N LYS C 118 -19.79 42.58 13.80
CA LYS C 118 -18.91 41.52 13.32
C LYS C 118 -19.57 40.82 12.15
N VAL C 119 -20.87 40.55 12.29
CA VAL C 119 -21.66 39.92 11.23
C VAL C 119 -21.63 40.78 9.97
N GLU C 120 -21.75 42.10 10.11
CA GLU C 120 -21.73 43.00 8.94
C GLU C 120 -20.36 43.11 8.30
N ALA C 121 -19.30 43.10 9.10
CA ALA C 121 -17.95 43.18 8.54
C ALA C 121 -17.72 41.98 7.62
N VAL C 122 -18.39 40.88 7.89
CA VAL C 122 -18.23 39.68 7.06
C VAL C 122 -19.04 39.76 5.77
N VAL C 123 -20.36 39.92 5.93
CA VAL C 123 -21.28 40.03 4.81
C VAL C 123 -20.85 41.13 3.83
N ASN C 124 -20.44 42.29 4.36
CA ASN C 124 -19.98 43.39 3.50
C ASN C 124 -18.77 42.98 2.68
N ALA C 125 -17.83 42.27 3.32
CA ALA C 125 -16.63 41.81 2.63
C ALA C 125 -17.02 40.80 1.57
N ALA C 126 -17.98 39.92 1.93
CA ALA C 126 -18.47 38.90 1.01
C ALA C 126 -19.09 39.52 -0.25
N LYS C 127 -19.90 40.55 -0.06
CA LYS C 127 -20.53 41.23 -1.20
C LYS C 127 -19.48 41.99 -2.02
N GLU C 128 -18.60 42.71 -1.32
CA GLU C 128 -17.53 43.49 -1.96
C GLU C 128 -16.82 42.73 -3.10
N ARG C 129 -16.57 41.44 -2.94
CA ARG C 129 -15.91 40.69 -4.02
C ARG C 129 -16.71 39.51 -4.55
N GLY C 130 -18.03 39.52 -4.32
CA GLY C 130 -18.94 38.49 -4.83
C GLY C 130 -18.71 37.05 -4.39
N ILE C 131 -18.48 36.85 -3.11
CA ILE C 131 -18.23 35.51 -2.54
C ILE C 131 -19.42 34.99 -1.72
N PRO C 132 -19.78 33.70 -1.91
CA PRO C 132 -20.88 33.15 -1.16
C PRO C 132 -20.50 32.54 0.18
N ILE C 133 -21.52 32.24 0.94
CA ILE C 133 -21.36 31.61 2.23
C ILE C 133 -22.09 30.27 2.23
N ARG C 134 -21.45 29.24 2.80
CA ARG C 134 -22.15 27.98 3.01
C ARG C 134 -22.47 27.89 4.49
N ILE C 135 -23.77 27.74 4.78
CA ILE C 135 -24.29 27.55 6.12
C ILE C 135 -24.18 26.07 6.35
N GLY C 136 -23.35 25.65 7.28
CA GLY C 136 -23.17 24.22 7.50
C GLY C 136 -23.71 23.75 8.81
N VAL C 137 -24.92 23.21 8.79
CA VAL C 137 -25.57 22.67 10.00
C VAL C 137 -25.05 21.24 10.26
N ASN C 138 -24.71 20.97 11.53
CA ASN C 138 -24.17 19.68 11.94
C ASN C 138 -24.90 19.13 13.16
N ALA C 139 -25.27 17.85 13.09
CA ALA C 139 -26.03 17.13 14.11
C ALA C 139 -25.36 17.04 15.47
N GLY C 140 -24.04 16.99 15.47
CA GLY C 140 -23.30 16.89 16.71
C GLY C 140 -23.04 18.24 17.35
N SER C 141 -23.29 19.33 16.62
CA SER C 141 -23.00 20.69 17.10
C SER C 141 -24.18 21.65 16.98
N LEU C 142 -25.34 21.24 17.47
CA LEU C 142 -26.50 22.11 17.40
C LEU C 142 -26.48 23.08 18.58
N GLU C 143 -26.98 24.28 18.34
CA GLU C 143 -27.02 25.29 19.38
C GLU C 143 -27.52 24.71 20.71
N ARG C 144 -26.94 25.21 21.80
CA ARG C 144 -27.29 24.77 23.15
C ARG C 144 -28.80 24.82 23.41
N HIS C 145 -29.46 25.88 22.94
CA HIS C 145 -30.90 26.04 23.18
C HIS C 145 -31.75 25.07 22.37
N ILE C 146 -31.42 24.89 21.09
CA ILE C 146 -32.17 23.94 20.27
C ILE C 146 -31.91 22.55 20.81
N GLU C 148 -32.43 24.00 25.34
CA GLU C 148 -33.26 22.88 25.74
C GLU C 148 -34.65 22.99 25.10
N LYS C 149 -34.82 22.40 23.92
CA LYS C 149 -36.10 22.45 23.21
C LYS C 149 -36.55 21.08 22.65
N TYR C 150 -35.62 20.33 22.08
CA TYR C 150 -35.93 19.00 21.52
C TYR C 150 -35.36 17.84 22.33
N GLY C 151 -34.36 18.12 23.16
CA GLY C 151 -33.73 17.10 24.01
C GLY C 151 -32.63 16.29 23.34
N TYR C 152 -32.45 16.48 22.03
CA TYR C 152 -31.44 15.76 21.28
C TYR C 152 -31.52 16.21 19.82
N PRO C 153 -30.47 15.94 19.00
CA PRO C 153 -30.53 16.38 17.62
C PRO C 153 -31.63 15.67 16.83
N THR C 154 -32.49 16.46 16.18
CA THR C 154 -33.58 15.95 15.35
C THR C 154 -33.68 16.78 14.10
N ALA C 155 -34.29 16.21 13.07
CA ALA C 155 -34.45 16.89 11.78
C ALA C 155 -34.94 18.32 11.98
N ASP C 156 -35.97 18.47 12.81
CA ASP C 156 -36.55 19.78 13.13
C ASP C 156 -35.55 20.75 13.75
N GLY C 157 -34.69 20.26 14.63
CA GLY C 157 -33.68 21.11 15.27
C GLY C 157 -32.60 21.59 14.31
N MSE C 158 -32.38 20.84 13.24
CA MSE C 158 -31.38 21.22 12.23
C MSE C 158 -31.92 22.30 11.35
O MSE C 158 -31.26 23.32 11.16
CB MSE C 158 -31.00 20.01 11.39
CG MSE C 158 -30.51 18.95 12.35
SE MSE C 158 -29.67 17.44 11.45
CE MSE C 158 -29.36 16.62 13.20
N VAL C 159 -33.13 22.11 10.82
CA VAL C 159 -33.75 23.14 9.96
C VAL C 159 -33.93 24.46 10.72
N GLU C 160 -34.39 24.39 11.96
CA GLU C 160 -34.57 25.59 12.75
C GLU C 160 -33.23 26.34 12.88
N SER C 161 -32.15 25.60 13.13
CA SER C 161 -30.83 26.19 13.26
C SER C 161 -30.46 26.79 11.91
N ALA C 162 -30.75 26.05 10.84
CA ALA C 162 -30.49 26.52 9.48
C ALA C 162 -31.23 27.82 9.22
N LEU C 163 -32.54 27.83 9.47
CA LEU C 163 -33.39 29.01 9.28
C LEU C 163 -32.80 30.25 9.93
N HIS C 164 -32.44 30.11 11.20
CA HIS C 164 -31.84 31.17 11.98
C HIS C 164 -30.61 31.80 11.28
N HIS C 165 -29.78 30.95 10.69
CA HIS C 165 -28.58 31.40 9.98
C HIS C 165 -28.93 32.12 8.67
N ILE C 166 -29.87 31.57 7.90
CA ILE C 166 -30.29 32.20 6.65
C ILE C 166 -30.87 33.58 6.95
N LYS C 167 -31.77 33.62 7.95
CA LYS C 167 -32.41 34.87 8.42
C LYS C 167 -31.44 36.03 8.63
N ILE C 168 -30.27 35.74 9.21
N ILE C 168 -30.27 35.73 9.20
CA ILE C 168 -29.27 36.79 9.45
CA ILE C 168 -29.26 36.77 9.45
C ILE C 168 -28.70 37.36 8.14
C ILE C 168 -28.75 37.36 8.14
N LEU C 169 -28.47 36.48 7.17
CA LEU C 169 -27.96 36.89 5.85
C LEU C 169 -29.03 37.59 5.00
N GLU C 170 -30.24 37.06 4.97
CA GLU C 170 -31.32 37.65 4.20
C GLU C 170 -31.68 39.02 4.73
N ASP C 171 -31.55 39.21 6.04
CA ASP C 171 -31.82 40.51 6.66
C ASP C 171 -30.78 41.53 6.20
N LEU C 172 -29.62 41.05 5.76
CA LEU C 172 -28.55 41.93 5.28
C LEU C 172 -28.48 41.94 3.75
N ASP C 173 -29.62 41.64 3.11
CA ASP C 173 -29.70 41.59 1.65
C ASP C 173 -28.62 40.71 1.04
N PHE C 174 -28.43 39.53 1.64
CA PHE C 174 -27.45 38.56 1.16
C PHE C 174 -28.15 37.23 0.93
N HIS C 175 -28.18 36.78 -0.33
CA HIS C 175 -28.84 35.54 -0.70
C HIS C 175 -27.94 34.57 -1.46
N ASP C 176 -26.62 34.83 -1.49
CA ASP C 176 -25.66 33.93 -2.14
C ASP C 176 -25.30 32.88 -1.11
N ILE C 177 -26.22 31.94 -0.89
CA ILE C 177 -26.07 30.94 0.15
C ILE C 177 -26.24 29.49 -0.32
N ILE C 178 -25.38 28.62 0.22
CA ILE C 178 -25.39 27.18 -0.01
C ILE C 178 -25.59 26.61 1.40
N VAL C 179 -26.37 25.54 1.55
CA VAL C 179 -26.60 25.00 2.88
C VAL C 179 -26.34 23.51 2.95
N SER C 180 -25.82 23.06 4.09
CA SER C 180 -25.61 21.63 4.38
C SER C 180 -26.23 21.28 5.76
N MSE C 181 -26.68 20.03 5.87
CA MSE C 181 -27.33 19.46 7.03
C MSE C 181 -26.66 18.12 7.30
O MSE C 181 -27.22 17.06 7.04
CB MSE C 181 -28.80 19.20 6.67
CG MSE C 181 -29.48 20.39 5.99
SE MSE C 181 -29.97 21.70 7.35
CE MSE C 181 -31.56 20.79 8.04
N LYS C 182 -25.45 18.19 7.85
CA LYS C 182 -24.63 17.00 8.04
C LYS C 182 -24.81 16.27 9.37
N ALA C 183 -25.21 15.00 9.29
CA ALA C 183 -25.44 14.14 10.46
C ALA C 183 -24.70 12.78 10.31
N SER C 184 -24.60 12.06 11.42
CA SER C 184 -23.92 10.76 11.41
C SER C 184 -24.90 9.61 11.17
N ASP C 185 -26.17 9.80 11.55
CA ASP C 185 -27.22 8.80 11.36
C ASP C 185 -27.95 8.97 10.01
N VAL C 186 -28.01 7.90 9.22
CA VAL C 186 -28.63 7.94 7.89
C VAL C 186 -30.09 8.39 7.81
N ASN C 187 -30.95 7.84 8.66
CA ASN C 187 -32.36 8.25 8.65
C ASN C 187 -32.46 9.74 8.95
N LEU C 188 -31.70 10.21 9.95
CA LEU C 188 -31.67 11.64 10.26
C LEU C 188 -31.11 12.45 9.08
N ALA C 189 -30.10 11.90 8.40
CA ALA C 189 -29.49 12.54 7.25
C ALA C 189 -30.58 12.80 6.20
N ILE C 190 -31.20 11.72 5.73
CA ILE C 190 -32.25 11.82 4.70
C ILE C 190 -33.36 12.76 5.16
N GLU C 191 -33.81 12.58 6.40
CA GLU C 191 -34.87 13.40 6.97
C GLU C 191 -34.47 14.88 6.98
N ALA C 192 -33.19 15.15 7.28
CA ALA C 192 -32.74 16.55 7.36
C ALA C 192 -32.74 17.25 6.00
N TYR C 193 -32.21 16.60 4.96
CA TYR C 193 -32.16 17.22 3.61
C TYR C 193 -33.57 17.35 3.05
N GLU C 194 -34.40 16.32 3.25
CA GLU C 194 -35.80 16.39 2.85
C GLU C 194 -36.45 17.68 3.31
N LYS C 195 -36.37 17.92 4.63
CA LYS C 195 -37.01 19.07 5.23
C LYS C 195 -36.38 20.40 4.83
N ALA C 196 -35.06 20.45 4.78
CA ALA C 196 -34.38 21.66 4.36
C ALA C 196 -34.78 22.00 2.92
N ALA C 197 -35.04 20.99 2.10
CA ALA C 197 -35.48 21.24 0.71
C ALA C 197 -36.91 21.80 0.68
N ARG C 198 -37.72 21.43 1.67
CA ARG C 198 -39.09 21.93 1.77
C ARG C 198 -39.13 23.23 2.54
N ALA C 199 -38.03 23.53 3.26
CA ALA C 199 -37.94 24.73 4.08
C ALA C 199 -37.30 25.94 3.39
N PHE C 200 -36.46 25.69 2.37
CA PHE C 200 -35.79 26.78 1.62
C PHE C 200 -35.37 26.41 0.20
N ASP C 201 -35.10 27.44 -0.60
CA ASP C 201 -34.76 27.26 -2.02
C ASP C 201 -33.28 27.31 -2.40
N TYR C 202 -32.40 27.50 -1.43
CA TYR C 202 -30.97 27.54 -1.70
C TYR C 202 -30.41 26.16 -2.08
N PRO C 203 -29.30 26.13 -2.84
CA PRO C 203 -28.71 24.86 -3.20
C PRO C 203 -28.25 24.10 -1.99
N LEU C 204 -28.44 22.79 -2.02
CA LEU C 204 -28.05 21.90 -0.94
C LEU C 204 -26.73 21.17 -1.18
N HIS C 205 -25.79 21.38 -0.27
CA HIS C 205 -24.48 20.77 -0.27
C HIS C 205 -24.69 19.47 0.50
N LEU C 206 -24.56 18.34 -0.19
CA LEU C 206 -24.82 17.06 0.44
C LEU C 206 -23.59 16.49 1.13
N GLY C 207 -23.80 15.97 2.34
CA GLY C 207 -22.74 15.32 3.08
C GLY C 207 -23.28 14.53 4.26
N ILE C 208 -22.56 13.46 4.61
CA ILE C 208 -22.86 12.64 5.78
C ILE C 208 -21.58 12.57 6.58
N THR C 209 -21.73 12.51 7.90
CA THR C 209 -20.60 12.48 8.79
C THR C 209 -19.69 11.27 8.62
N GLU C 210 -18.38 11.52 8.71
CA GLU C 210 -17.35 10.49 8.57
C GLU C 210 -17.63 9.36 9.54
N SER C 211 -17.56 8.13 9.05
CA SER C 211 -17.72 6.96 9.89
C SER C 211 -16.34 6.62 10.42
N GLY C 212 -16.29 5.69 11.37
CA GLY C 212 -15.04 5.24 11.97
C GLY C 212 -14.05 4.64 10.99
N THR C 213 -14.54 3.78 10.11
CA THR C 213 -13.72 3.12 9.10
C THR C 213 -14.11 3.57 7.70
N LEU C 214 -13.22 3.33 6.75
CA LEU C 214 -13.43 3.65 5.34
C LEU C 214 -14.55 2.79 4.78
N PHE C 215 -14.62 1.55 5.26
CA PHE C 215 -15.64 0.63 4.78
C PHE C 215 -17.03 1.04 5.25
N ALA C 216 -17.13 1.39 6.54
CA ALA C 216 -18.39 1.81 7.15
C ALA C 216 -18.91 3.06 6.47
N GLY C 217 -18.01 4.04 6.35
CA GLY C 217 -18.31 5.30 5.72
C GLY C 217 -18.64 5.17 4.25
N THR C 218 -17.99 4.26 3.55
CA THR C 218 -18.31 4.10 2.14
C THR C 218 -19.75 3.59 1.99
N VAL C 219 -20.08 2.57 2.76
CA VAL C 219 -21.40 1.95 2.65
C VAL C 219 -22.51 2.90 3.13
N LYS C 220 -22.30 3.54 4.27
CA LYS C 220 -23.31 4.43 4.84
C LYS C 220 -23.60 5.64 3.95
N SER C 221 -22.53 6.30 3.46
CA SER C 221 -22.66 7.50 2.62
C SER C 221 -23.29 7.17 1.29
N ALA C 222 -22.85 6.06 0.70
CA ALA C 222 -23.39 5.61 -0.56
C ALA C 222 -24.91 5.42 -0.39
N ALA C 223 -25.32 4.82 0.71
CA ALA C 223 -26.75 4.57 0.99
C ALA C 223 -27.54 5.84 1.23
N GLY C 224 -27.07 6.64 2.19
CA GLY C 224 -27.74 7.90 2.57
C GLY C 224 -27.84 8.91 1.45
N LEU C 225 -26.72 9.16 0.78
CA LEU C 225 -26.72 10.08 -0.33
C LEU C 225 -27.48 9.46 -1.47
N GLY C 226 -27.48 8.13 -1.55
CA GLY C 226 -28.24 7.45 -2.59
C GLY C 226 -29.73 7.81 -2.50
N ALA C 227 -30.27 7.74 -1.29
CA ALA C 227 -31.67 8.03 -1.09
C ALA C 227 -32.01 9.52 -1.26
N ILE C 228 -31.04 10.39 -1.01
CA ILE C 228 -31.24 11.84 -1.14
C ILE C 228 -31.23 12.23 -2.61
N LEU C 229 -30.23 11.74 -3.36
CA LEU C 229 -30.17 11.98 -4.81
C LEU C 229 -31.38 11.45 -5.55
N ASN C 230 -31.92 10.32 -5.11
CA ASN C 230 -33.09 9.72 -5.76
C ASN C 230 -34.33 10.66 -5.62
N LYS C 231 -34.32 11.48 -4.58
CA LYS C 231 -35.41 12.44 -4.38
C LYS C 231 -35.32 13.66 -5.30
N GLY C 232 -34.27 13.73 -6.13
CA GLY C 232 -34.09 14.85 -7.04
C GLY C 232 -33.44 16.07 -6.41
N ILE C 233 -32.91 15.94 -5.19
CA ILE C 233 -32.27 17.07 -4.53
C ILE C 233 -30.77 16.89 -4.40
N GLY C 234 -30.08 18.00 -4.14
CA GLY C 234 -28.64 18.04 -4.00
C GLY C 234 -28.02 18.61 -5.26
N ASN C 235 -27.23 19.68 -5.07
CA ASN C 235 -26.57 20.40 -6.13
C ASN C 235 -25.03 20.22 -6.11
N THR C 236 -24.53 19.72 -4.98
CA THR C 236 -23.11 19.43 -4.81
C THR C 236 -23.00 18.43 -3.68
N LEU C 237 -21.89 17.68 -3.63
CA LEU C 237 -21.69 16.74 -2.52
C LEU C 237 -20.22 16.51 -2.15
N ARG C 238 -20.04 16.14 -0.88
CA ARG C 238 -18.73 15.83 -0.36
C ARG C 238 -18.94 14.53 0.44
N ILE C 239 -18.20 13.48 0.08
CA ILE C 239 -18.29 12.23 0.81
C ILE C 239 -17.14 12.22 1.82
N SER C 240 -17.48 12.20 3.10
CA SER C 240 -16.47 12.21 4.16
C SER C 240 -16.07 10.80 4.54
N LEU C 241 -14.76 10.49 4.46
CA LEU C 241 -14.27 9.16 4.78
C LEU C 241 -12.96 9.15 5.54
N SER C 242 -12.82 8.14 6.40
CA SER C 242 -11.60 7.92 7.17
C SER C 242 -10.56 7.35 6.21
N ALA C 243 -10.02 8.22 5.35
CA ALA C 243 -9.06 7.84 4.34
C ALA C 243 -8.45 9.03 3.64
N ASP C 244 -7.49 8.74 2.77
CA ASP C 244 -6.88 9.74 1.91
C ASP C 244 -8.00 10.39 1.10
N PRO C 245 -8.11 11.72 1.13
CA PRO C 245 -9.16 12.47 0.43
C PRO C 245 -9.48 12.02 -0.98
N VAL C 246 -8.49 11.52 -1.72
CA VAL C 246 -8.72 11.04 -3.08
C VAL C 246 -9.84 9.98 -3.13
N GLU C 247 -9.95 9.15 -2.11
CA GLU C 247 -11.00 8.12 -2.07
C GLU C 247 -12.42 8.71 -1.95
N GLU C 248 -12.52 9.92 -1.42
CA GLU C 248 -13.81 10.62 -1.31
C GLU C 248 -14.26 11.04 -2.69
N VAL C 249 -13.31 11.42 -3.53
CA VAL C 249 -13.60 11.85 -4.88
C VAL C 249 -14.00 10.60 -5.68
N KCX C 250 -13.33 9.48 -5.41
CA KCX C 250 -13.65 8.22 -6.11
CB KCX C 250 -12.64 7.13 -5.81
CG KCX C 250 -11.35 7.26 -6.62
CD KCX C 250 -10.31 6.29 -6.06
CE KCX C 250 -10.82 4.86 -5.90
NZ KCX C 250 -9.73 3.92 -5.85
C KCX C 250 -15.05 7.77 -5.76
O KCX C 250 -15.82 7.46 -6.67
CX KCX C 250 -9.87 2.61 -6.07
OQ1 KCX C 250 -10.94 2.07 -6.32
OQ2 KCX C 250 -8.78 1.86 -6.01
N VAL C 251 -15.41 7.73 -4.48
CA VAL C 251 -16.78 7.29 -4.12
C VAL C 251 -17.83 8.26 -4.68
N ALA C 252 -17.55 9.55 -4.62
CA ALA C 252 -18.51 10.53 -5.14
C ALA C 252 -18.78 10.27 -6.62
N ARG C 253 -17.71 10.12 -7.42
CA ARG C 253 -17.84 9.81 -8.85
C ARG C 253 -18.66 8.54 -9.11
N GLU C 254 -18.36 7.48 -8.37
CA GLU C 254 -19.08 6.21 -8.52
C GLU C 254 -20.58 6.34 -8.16
N LEU C 255 -20.89 7.15 -7.15
CA LEU C 255 -22.28 7.38 -6.74
C LEU C 255 -23.10 8.07 -7.84
N LEU C 256 -22.52 9.12 -8.40
CA LEU C 256 -23.18 9.89 -9.46
C LEU C 256 -23.34 9.08 -10.77
N LYS C 257 -22.32 8.30 -11.14
CA LYS C 257 -22.37 7.45 -12.33
C LYS C 257 -23.46 6.41 -12.13
N SER C 258 -23.54 5.88 -10.91
CA SER C 258 -24.58 4.91 -10.55
C SER C 258 -25.98 5.40 -10.93
N PHE C 259 -26.32 6.63 -10.56
CA PHE C 259 -27.63 7.19 -10.91
C PHE C 259 -27.70 7.83 -12.30
N GLY C 260 -26.56 7.90 -12.99
CA GLY C 260 -26.51 8.52 -14.30
C GLY C 260 -26.59 10.03 -14.15
N LEU C 261 -25.84 10.56 -13.20
CA LEU C 261 -25.80 11.99 -12.94
C LEU C 261 -24.49 12.61 -13.44
N ALA C 262 -24.61 13.80 -14.04
CA ALA C 262 -23.47 14.57 -14.55
C ALA C 262 -23.01 15.56 -13.49
N SER C 263 -21.74 15.96 -13.55
CA SER C 263 -21.19 16.92 -12.59
C SER C 263 -20.79 18.22 -13.27
N ASN D 5 -12.60 -5.90 50.83
CA ASN D 5 -13.61 -5.11 50.06
C ASN D 5 -13.79 -5.65 48.64
N GLU D 6 -15.04 -5.70 48.22
CA GLU D 6 -15.40 -6.13 46.88
C GLU D 6 -15.50 -4.85 46.09
N MSE D 7 -15.31 -4.95 44.78
CA MSE D 7 -15.37 -3.78 43.91
C MSE D 7 -16.74 -3.20 43.80
O MSE D 7 -17.76 -3.91 43.86
CB MSE D 7 -14.89 -4.18 42.52
CG MSE D 7 -13.45 -4.68 42.54
SE MSE D 7 -12.88 -5.30 40.77
CE MSE D 7 -14.67 -5.48 39.95
N THR D 8 -16.79 -1.87 43.67
CA THR D 8 -18.02 -1.14 43.51
C THR D 8 -18.35 -1.22 42.04
N HIS D 9 -19.53 -1.71 41.69
CA HIS D 9 -19.90 -1.82 40.28
C HIS D 9 -20.15 -0.43 39.75
N ARG D 10 -19.91 -0.21 38.45
CA ARG D 10 -20.09 1.12 37.86
C ARG D 10 -21.52 1.64 38.09
N THR D 11 -22.48 0.72 38.16
CA THR D 11 -23.87 1.12 38.33
C THR D 11 -24.18 1.63 39.74
N LYS D 12 -23.28 1.33 40.68
N LYS D 12 -23.29 1.37 40.70
CA LYS D 12 -23.41 1.69 42.10
CA LYS D 12 -23.49 1.78 42.09
C LYS D 12 -22.45 2.79 42.60
C LYS D 12 -22.58 2.91 42.57
N THR D 13 -21.75 3.45 41.68
CA THR D 13 -20.84 4.52 42.05
C THR D 13 -21.63 5.82 42.33
N ARG D 14 -21.05 6.72 43.11
CA ARG D 14 -21.74 7.97 43.51
C ARG D 14 -21.90 8.92 42.32
N PRO D 15 -23.15 9.12 41.83
CA PRO D 15 -23.31 10.01 40.69
C PRO D 15 -22.67 11.40 40.88
N VAL D 16 -22.15 11.91 39.78
CA VAL D 16 -21.49 13.19 39.69
C VAL D 16 -21.90 13.84 38.37
N LYS D 17 -22.38 15.08 38.43
CA LYS D 17 -22.77 15.82 37.22
C LYS D 17 -21.57 16.53 36.60
N VAL D 18 -21.56 16.58 35.26
CA VAL D 18 -20.54 17.27 34.47
C VAL D 18 -21.37 17.85 33.31
N GLY D 19 -21.52 19.16 33.29
CA GLY D 19 -22.39 19.78 32.30
C GLY D 19 -23.77 19.21 32.60
N ASN D 20 -24.41 18.65 31.59
CA ASN D 20 -25.73 18.03 31.73
C ASN D 20 -25.62 16.52 31.94
N LEU D 21 -24.43 15.98 31.70
CA LEU D 21 -24.20 14.54 31.84
C LEU D 21 -24.01 14.10 33.27
N THR D 22 -24.45 12.88 33.57
CA THR D 22 -24.21 12.28 34.86
C THR D 22 -23.03 11.38 34.60
N ILE D 23 -22.19 11.23 35.61
CA ILE D 23 -21.05 10.34 35.54
C ILE D 23 -21.21 9.51 36.78
N GLY D 24 -21.49 8.21 36.58
CA GLY D 24 -21.67 7.29 37.69
C GLY D 24 -23.13 6.88 37.85
N GLY D 25 -23.35 5.81 38.60
CA GLY D 25 -24.72 5.34 38.87
C GLY D 25 -25.44 4.67 37.72
N ASN D 26 -24.76 4.44 36.62
CA ASN D 26 -25.36 3.77 35.47
C ASN D 26 -24.33 2.86 34.83
N ASN D 27 -24.76 2.00 33.91
CA ASN D 27 -23.85 1.02 33.33
C ASN D 27 -23.17 1.47 32.04
N GLU D 28 -23.27 2.75 31.73
CA GLU D 28 -22.72 3.28 30.49
C GLU D 28 -21.60 4.28 30.76
N LEU D 29 -20.48 4.09 30.06
CA LEU D 29 -19.35 5.00 30.24
C LEU D 29 -19.44 6.16 29.26
N ILE D 30 -18.97 7.32 29.73
CA ILE D 30 -18.90 8.53 28.96
C ILE D 30 -17.56 8.61 28.22
N ILE D 31 -17.59 9.04 26.97
CA ILE D 31 -16.38 9.15 26.14
C ILE D 31 -15.71 10.51 26.25
N GLN D 32 -14.43 10.52 26.58
CA GLN D 32 -13.68 11.76 26.65
C GLN D 32 -12.50 11.75 25.69
N SER D 33 -12.12 12.94 25.24
CA SER D 33 -10.98 13.09 24.39
C SER D 33 -10.23 14.35 24.91
N MSE D 34 -9.25 14.86 24.18
CA MSE D 34 -8.50 16.02 24.63
C MSE D 34 -8.02 16.75 23.42
O MSE D 34 -7.65 16.14 22.43
CB MSE D 34 -7.31 15.56 25.49
CG MSE D 34 -6.30 16.67 25.81
SE MSE D 34 -4.53 15.89 26.30
CE MSE D 34 -3.80 15.55 24.50
N THR D 35 -8.01 18.07 23.49
CA THR D 35 -7.54 18.88 22.39
C THR D 35 -6.04 18.89 22.35
N THR D 36 -5.51 19.29 21.20
CA THR D 36 -4.07 19.38 20.97
C THR D 36 -3.66 20.79 20.53
N THR D 37 -4.65 21.66 20.24
CA THR D 37 -4.41 23.04 19.81
C THR D 37 -4.04 23.93 20.98
N LYS D 38 -3.77 25.21 20.71
CA LYS D 38 -3.52 26.15 21.82
C LYS D 38 -4.87 26.57 22.34
N THR D 39 -5.12 26.22 23.60
CA THR D 39 -6.38 26.56 24.26
C THR D 39 -6.65 28.06 24.15
N HIS D 40 -5.58 28.87 24.16
CA HIS D 40 -5.76 30.32 24.04
C HIS D 40 -6.10 30.75 22.59
N ASP D 41 -5.89 29.84 21.62
CA ASP D 41 -6.27 30.10 20.21
C ASP D 41 -7.70 29.53 20.07
N VAL D 42 -8.67 30.40 20.28
CA VAL D 42 -10.09 30.03 20.35
C VAL D 42 -10.69 29.32 19.12
N GLU D 43 -10.67 29.94 17.93
CA GLU D 43 -11.23 29.31 16.73
C GLU D 43 -10.53 27.96 16.51
N ALA D 44 -9.20 27.95 16.69
CA ALA D 44 -8.40 26.74 16.55
C ALA D 44 -8.91 25.64 17.44
N THR D 45 -9.06 25.96 18.71
CA THR D 45 -9.53 25.02 19.70
C THR D 45 -10.97 24.61 19.37
N VAL D 46 -11.87 25.58 19.21
CA VAL D 46 -13.25 25.30 18.84
C VAL D 46 -13.34 24.36 17.62
N ALA D 47 -12.48 24.56 16.62
CA ALA D 47 -12.51 23.74 15.42
C ALA D 47 -12.23 22.27 15.73
N GLU D 48 -11.29 22.03 16.64
CA GLU D 48 -10.94 20.69 16.99
C GLU D 48 -12.13 20.06 17.76
N ILE D 49 -12.70 20.83 18.69
N ILE D 49 -12.69 20.83 18.70
CA ILE D 49 -13.84 20.35 19.49
CA ILE D 49 -13.83 20.35 19.49
C ILE D 49 -15.02 20.00 18.59
C ILE D 49 -15.04 20.04 18.62
N LYS D 50 -15.23 20.82 17.56
CA LYS D 50 -16.34 20.63 16.65
C LYS D 50 -16.20 19.31 15.90
N ARG D 51 -14.96 18.91 15.55
CA ARG D 51 -14.76 17.62 14.88
C ARG D 51 -14.92 16.51 15.90
N LEU D 52 -14.44 16.74 17.12
CA LEU D 52 -14.58 15.77 18.19
C LEU D 52 -16.02 15.50 18.45
N GLU D 53 -16.79 16.56 18.66
CA GLU D 53 -18.23 16.43 18.88
C GLU D 53 -18.80 15.52 17.79
N GLU D 54 -18.78 16.00 16.53
CA GLU D 54 -19.33 15.23 15.41
C GLU D 54 -18.94 13.73 15.53
N ALA D 55 -17.67 13.45 15.82
CA ALA D 55 -17.19 12.05 15.94
C ALA D 55 -17.80 11.22 17.09
N GLY D 56 -18.47 11.89 18.02
CA GLY D 56 -19.12 11.22 19.15
C GLY D 56 -18.44 11.43 20.50
N CYS D 57 -17.56 12.42 20.57
CA CYS D 57 -16.90 12.72 21.82
C CYS D 57 -17.94 13.35 22.76
N GLN D 58 -17.96 12.93 24.02
CA GLN D 58 -18.93 13.45 24.98
C GLN D 58 -18.42 14.50 25.96
N VAL D 59 -17.13 14.48 26.28
CA VAL D 59 -16.53 15.43 27.17
C VAL D 59 -15.13 15.69 26.62
N VAL D 60 -14.62 16.89 26.77
CA VAL D 60 -13.28 17.18 26.24
C VAL D 60 -12.43 17.96 27.23
N ARG D 61 -11.18 17.56 27.32
CA ARG D 61 -10.25 18.20 28.21
C ARG D 61 -9.38 19.16 27.41
N VAL D 62 -9.22 20.38 27.91
CA VAL D 62 -8.38 21.38 27.27
C VAL D 62 -7.28 21.78 28.26
N ALA D 63 -6.05 21.83 27.79
CA ALA D 63 -4.93 22.20 28.65
C ALA D 63 -5.04 23.66 29.05
N VAL D 64 -4.73 23.93 30.33
CA VAL D 64 -4.73 25.29 30.84
C VAL D 64 -3.37 25.47 31.53
N PRO D 65 -2.28 25.51 30.73
CA PRO D 65 -0.94 25.69 31.30
C PRO D 65 -0.65 27.06 31.87
N ASP D 66 -1.49 28.05 31.56
CA ASP D 66 -1.29 29.42 32.06
C ASP D 66 -2.58 30.29 32.00
N GLU D 67 -2.46 31.59 32.23
CA GLU D 67 -3.64 32.46 32.26
C GLU D 67 -4.22 32.76 30.86
N ARG D 68 -3.41 32.61 29.80
CA ARG D 68 -3.92 32.82 28.45
C ARG D 68 -4.99 31.77 28.20
N ALA D 69 -4.64 30.52 28.50
CA ALA D 69 -5.60 29.42 28.30
C ALA D 69 -6.80 29.55 29.22
N ALA D 70 -6.56 29.97 30.45
CA ALA D 70 -7.61 30.09 31.46
C ALA D 70 -8.66 31.12 31.04
N ASN D 71 -8.20 32.25 30.50
CA ASN D 71 -9.10 33.31 30.02
C ASN D 71 -9.91 32.97 28.78
N ALA D 72 -9.43 32.04 27.95
CA ALA D 72 -10.15 31.68 26.72
C ALA D 72 -11.30 30.71 26.97
N ILE D 73 -11.29 30.06 28.15
CA ILE D 73 -12.30 29.06 28.53
C ILE D 73 -13.73 29.51 28.25
N ALA D 74 -14.07 30.74 28.60
CA ALA D 74 -15.42 31.26 28.39
C ALA D 74 -15.78 31.38 26.89
N ASP D 75 -14.88 31.98 26.09
CA ASP D 75 -15.15 32.12 24.66
C ASP D 75 -15.25 30.74 24.01
N ILE D 76 -14.52 29.76 24.52
CA ILE D 76 -14.59 28.41 23.94
C ILE D 76 -15.97 27.79 24.20
N LYS D 77 -16.51 27.97 25.41
CA LYS D 77 -17.80 27.37 25.74
C LYS D 77 -19.00 27.96 25.02
N LYS D 78 -18.91 29.22 24.65
CA LYS D 78 -20.03 29.86 23.96
C LYS D 78 -20.14 29.34 22.53
N GLN D 79 -19.18 28.50 22.14
CA GLN D 79 -19.14 27.96 20.80
C GLN D 79 -19.41 26.47 20.77
N ILE D 80 -19.02 25.77 21.84
CA ILE D 80 -19.20 24.32 21.92
C ILE D 80 -20.48 23.90 22.65
N ASN D 81 -20.79 22.62 22.53
CA ASN D 81 -21.97 22.05 23.15
C ASN D 81 -21.68 20.84 24.04
N ILE D 82 -20.41 20.42 24.17
CA ILE D 82 -20.05 19.31 25.09
C ILE D 82 -19.30 19.93 26.29
N PRO D 83 -19.36 19.29 27.47
CA PRO D 83 -18.67 19.88 28.62
C PRO D 83 -17.12 19.85 28.54
N LEU D 84 -16.50 20.91 29.06
CA LEU D 84 -15.04 21.07 29.07
C LEU D 84 -14.44 20.74 30.41
N VAL D 85 -13.29 20.09 30.35
CA VAL D 85 -12.52 19.71 31.51
C VAL D 85 -11.19 20.44 31.49
N ALA D 86 -10.82 21.06 32.61
CA ALA D 86 -9.53 21.73 32.69
C ALA D 86 -8.55 20.79 33.38
N ASP D 87 -7.28 20.91 33.01
CA ASP D 87 -6.23 20.11 33.60
C ASP D 87 -5.14 21.02 34.14
N ILE D 88 -5.13 21.20 35.47
CA ILE D 88 -4.16 22.06 36.14
C ILE D 88 -3.21 21.20 36.98
N HIS D 89 -1.91 21.53 36.95
CA HIS D 89 -0.92 20.75 37.70
C HIS D 89 -0.37 21.40 38.97
N PHE D 90 0.25 22.58 38.83
CA PHE D 90 0.88 23.26 39.99
C PHE D 90 0.19 24.50 40.55
N ASP D 91 -0.29 25.38 39.69
CA ASP D 91 -0.95 26.62 40.15
C ASP D 91 -2.41 26.47 40.58
N TYR D 92 -2.69 26.91 41.81
CA TYR D 92 -4.05 26.89 42.35
C TYR D 92 -4.83 28.03 41.68
N ARG D 93 -4.09 29.06 41.25
CA ARG D 93 -4.68 30.24 40.59
C ARG D 93 -5.27 29.97 39.21
N LEU D 94 -4.58 29.15 38.41
CA LEU D 94 -5.08 28.81 37.06
C LEU D 94 -6.38 28.04 37.18
N ALA D 95 -6.47 27.18 38.18
CA ALA D 95 -7.70 26.44 38.43
C ALA D 95 -8.79 27.44 38.87
N LEU D 96 -8.41 28.43 39.69
CA LEU D 96 -9.40 29.42 40.08
C LEU D 96 -9.87 30.12 38.81
N LYS D 97 -8.93 30.48 37.93
CA LYS D 97 -9.25 31.17 36.67
C LYS D 97 -10.18 30.33 35.78
N ALA D 98 -9.85 29.05 35.63
CA ALA D 98 -10.64 28.13 34.80
C ALA D 98 -12.08 28.01 35.31
N ILE D 99 -12.24 28.01 36.62
CA ILE D 99 -13.57 27.91 37.25
C ILE D 99 -14.38 29.17 37.03
N GLU D 100 -13.75 30.34 37.12
CA GLU D 100 -14.46 31.62 36.87
C GLU D 100 -14.91 31.68 35.40
N GLY D 101 -14.13 31.04 34.53
CA GLY D 101 -14.41 31.02 33.09
C GLY D 101 -15.49 30.03 32.67
N GLY D 102 -16.02 29.29 33.64
CA GLY D 102 -17.09 28.34 33.40
C GLY D 102 -16.68 26.89 33.14
N ILE D 103 -15.44 26.52 33.46
CA ILE D 103 -15.03 25.13 33.24
C ILE D 103 -16.02 24.20 33.95
N ASP D 104 -16.39 23.09 33.27
CA ASP D 104 -17.39 22.13 33.77
C ASP D 104 -16.83 21.08 34.73
N LYS D 105 -15.52 20.99 34.80
CA LYS D 105 -14.86 20.09 35.70
C LYS D 105 -13.40 20.44 35.69
N VAL D 106 -12.78 20.33 36.86
CA VAL D 106 -11.38 20.64 36.99
C VAL D 106 -10.65 19.39 37.44
N ARG D 107 -9.74 18.91 36.60
CA ARG D 107 -8.90 17.76 36.92
C ARG D 107 -7.67 18.28 37.62
N ILE D 108 -7.66 18.15 38.95
CA ILE D 108 -6.56 18.60 39.80
C ILE D 108 -6.42 17.76 41.07
N ASN D 109 -5.21 17.74 41.60
CA ASN D 109 -4.92 16.99 42.83
C ASN D 109 -4.74 17.94 44.02
N LYS D 118 -5.96 28.51 49.95
CA LYS D 118 -5.72 28.06 48.59
C LYS D 118 -6.37 26.71 48.37
N VAL D 119 -5.94 25.71 49.14
CA VAL D 119 -6.50 24.37 49.03
C VAL D 119 -8.00 24.44 49.33
N GLU D 120 -8.38 25.27 50.29
CA GLU D 120 -9.79 25.45 50.61
C GLU D 120 -10.46 26.43 49.63
N ALA D 121 -9.67 27.34 49.07
CA ALA D 121 -10.19 28.33 48.12
C ALA D 121 -10.61 27.69 46.80
N VAL D 122 -9.85 26.70 46.36
CA VAL D 122 -10.19 26.00 45.10
C VAL D 122 -11.51 25.24 45.28
N VAL D 123 -11.67 24.58 46.42
CA VAL D 123 -12.92 23.86 46.72
C VAL D 123 -14.09 24.86 46.81
N ASN D 124 -13.90 25.97 47.53
CA ASN D 124 -14.95 26.99 47.65
C ASN D 124 -15.40 27.51 46.29
N ALA D 125 -14.47 27.64 45.37
CA ALA D 125 -14.80 28.04 44.02
C ALA D 125 -15.56 26.87 43.37
N ALA D 126 -15.07 25.63 43.60
CA ALA D 126 -15.73 24.44 43.06
C ALA D 126 -17.12 24.24 43.69
N LYS D 127 -17.27 24.60 44.97
CA LYS D 127 -18.54 24.51 45.70
C LYS D 127 -19.55 25.47 45.07
N GLU D 128 -19.11 26.72 44.95
CA GLU D 128 -19.90 27.83 44.42
C GLU D 128 -20.51 27.61 43.04
N ARG D 129 -19.72 27.06 42.10
CA ARG D 129 -20.19 26.86 40.74
C ARG D 129 -20.93 25.52 40.58
N GLY D 130 -20.72 24.60 41.51
CA GLY D 130 -21.36 23.29 41.47
C GLY D 130 -20.67 22.42 40.42
N ILE D 131 -19.36 22.26 40.56
CA ILE D 131 -18.53 21.52 39.61
C ILE D 131 -17.72 20.47 40.37
N PRO D 132 -17.44 19.33 39.71
CA PRO D 132 -16.63 18.28 40.36
C PRO D 132 -15.13 18.45 40.19
N ILE D 133 -14.38 17.62 40.92
CA ILE D 133 -12.94 17.61 40.84
C ILE D 133 -12.46 16.18 40.58
N ARG D 134 -11.78 15.97 39.46
CA ARG D 134 -11.23 14.66 39.19
C ARG D 134 -9.84 14.59 39.79
N ILE D 135 -9.72 13.76 40.81
CA ILE D 135 -8.43 13.48 41.41
C ILE D 135 -7.74 12.59 40.37
N GLY D 136 -6.58 13.02 39.89
CA GLY D 136 -5.82 12.28 38.92
C GLY D 136 -4.57 11.69 39.52
N VAL D 137 -4.57 10.38 39.72
CA VAL D 137 -3.42 9.70 40.25
C VAL D 137 -2.64 9.10 39.07
N ASN D 138 -1.32 9.26 39.07
CA ASN D 138 -0.48 8.73 37.99
C ASN D 138 0.77 8.02 38.50
N ALA D 139 1.06 6.88 37.85
CA ALA D 139 2.22 6.06 38.19
C ALA D 139 3.55 6.74 37.87
N GLY D 140 3.50 7.75 37.02
CA GLY D 140 4.71 8.48 36.62
C GLY D 140 4.99 9.71 37.47
N SER D 141 4.16 9.95 38.47
CA SER D 141 4.34 11.13 39.32
C SER D 141 3.78 10.93 40.71
N LEU D 142 4.25 9.91 41.41
CA LEU D 142 3.80 9.66 42.78
C LEU D 142 4.75 10.44 43.70
N GLU D 143 4.25 10.91 44.82
CA GLU D 143 5.09 11.68 45.74
C GLU D 143 6.21 10.78 46.32
N ARG D 144 7.31 11.43 46.69
CA ARG D 144 8.50 10.78 47.20
C ARG D 144 8.29 9.85 48.40
N HIS D 145 7.46 10.24 49.36
CA HIS D 145 7.26 9.40 50.55
C HIS D 145 6.59 8.05 50.26
N ILE D 146 5.67 8.01 49.30
CA ILE D 146 5.08 6.70 49.00
C ILE D 146 6.07 5.89 48.15
N LEU D 147 6.91 6.57 47.36
CA LEU D 147 7.94 5.86 46.59
C LEU D 147 8.97 5.28 47.58
N GLU D 148 9.23 6.02 48.66
CA GLU D 148 10.18 5.57 49.70
C GLU D 148 9.59 4.43 50.54
N LYS D 149 8.26 4.39 50.66
CA LYS D 149 7.58 3.35 51.42
C LYS D 149 7.44 2.04 50.64
N TYR D 150 7.06 2.15 49.35
CA TYR D 150 6.82 0.99 48.49
C TYR D 150 8.01 0.60 47.58
N GLY D 151 8.97 1.51 47.41
CA GLY D 151 10.16 1.21 46.61
C GLY D 151 10.13 1.60 45.14
N TYR D 152 8.92 1.58 44.57
CA TYR D 152 8.72 1.96 43.16
C TYR D 152 7.23 2.12 42.97
N PRO D 153 6.78 2.48 41.75
CA PRO D 153 5.34 2.64 41.59
C PRO D 153 4.65 1.30 41.68
N THR D 154 3.52 1.29 42.39
CA THR D 154 2.78 0.08 42.60
C THR D 154 1.29 0.41 42.85
N ALA D 155 0.43 -0.60 42.72
CA ALA D 155 -1.02 -0.41 42.91
C ALA D 155 -1.39 0.03 44.33
N ASP D 156 -0.66 -0.47 45.33
CA ASP D 156 -0.91 -0.11 46.74
C ASP D 156 -0.55 1.34 47.05
N GLY D 157 0.49 1.85 46.38
CA GLY D 157 0.91 3.23 46.56
C GLY D 157 -0.12 4.16 45.91
N MSE D 158 -0.56 3.80 44.70
CA MSE D 158 -1.55 4.58 43.94
C MSE D 158 -2.82 4.77 44.72
O MSE D 158 -3.28 5.90 44.89
CB MSE D 158 -1.84 3.92 42.58
CG MSE D 158 -0.68 4.19 41.63
SE MSE D 158 -0.86 3.31 39.87
CE MSE D 158 1.06 2.88 39.75
N VAL D 159 -3.39 3.67 45.22
CA VAL D 159 -4.62 3.72 46.03
C VAL D 159 -4.39 4.52 47.29
N GLU D 160 -3.20 4.40 47.88
CA GLU D 160 -2.90 5.16 49.08
C GLU D 160 -2.81 6.66 48.69
N SER D 161 -2.19 6.96 47.55
CA SER D 161 -2.09 8.35 47.09
C SER D 161 -3.49 8.93 46.81
N ALA D 162 -4.35 8.10 46.22
CA ALA D 162 -5.74 8.48 45.93
C ALA D 162 -6.56 8.69 47.20
N LEU D 163 -6.25 7.94 48.26
CA LEU D 163 -6.98 8.07 49.52
C LEU D 163 -6.58 9.31 50.31
N HIS D 164 -5.29 9.65 50.30
CA HIS D 164 -4.81 10.83 50.99
C HIS D 164 -5.41 12.09 50.36
N HIS D 165 -5.61 12.05 49.03
CA HIS D 165 -6.21 13.18 48.31
C HIS D 165 -7.72 13.20 48.53
N ILE D 166 -8.36 12.03 48.51
CA ILE D 166 -9.79 11.94 48.76
C ILE D 166 -10.08 12.50 50.16
N LYS D 167 -9.23 12.17 51.13
CA LYS D 167 -9.38 12.62 52.52
C LYS D 167 -9.53 14.13 52.65
N ILE D 168 -8.59 14.86 52.03
CA ILE D 168 -8.61 16.32 52.14
C ILE D 168 -9.90 16.93 51.60
N LEU D 169 -10.36 16.47 50.44
CA LEU D 169 -11.61 17.01 49.90
C LEU D 169 -12.75 16.70 50.87
N GLU D 170 -12.87 15.43 51.28
CA GLU D 170 -13.94 15.02 52.21
C GLU D 170 -13.98 15.88 53.49
N ASP D 171 -12.81 16.18 54.05
CA ASP D 171 -12.76 17.00 55.28
C ASP D 171 -13.30 18.39 55.02
N LEU D 172 -13.26 18.82 53.76
CA LEU D 172 -13.74 20.15 53.38
C LEU D 172 -15.18 20.17 52.83
N ASP D 173 -15.97 19.14 53.16
CA ASP D 173 -17.38 19.02 52.71
C ASP D 173 -17.53 18.93 51.18
N PHE D 174 -16.53 18.40 50.50
CA PHE D 174 -16.62 18.24 49.05
C PHE D 174 -16.57 16.77 48.69
N HIS D 175 -17.68 16.26 48.17
CA HIS D 175 -17.81 14.83 47.81
C HIS D 175 -18.02 14.58 46.32
N ASP D 176 -17.99 15.62 45.50
CA ASP D 176 -18.19 15.48 44.05
C ASP D 176 -16.87 15.20 43.34
N ILE D 177 -16.40 13.98 43.56
CA ILE D 177 -15.11 13.51 43.06
C ILE D 177 -15.21 12.39 42.03
N ILE D 178 -14.31 12.43 41.05
CA ILE D 178 -14.17 11.41 40.00
C ILE D 178 -12.70 11.06 40.07
N VAL D 179 -12.36 9.79 39.92
CA VAL D 179 -10.99 9.37 40.09
C VAL D 179 -10.42 8.59 38.90
N SER D 180 -9.16 8.91 38.56
CA SER D 180 -8.41 8.19 37.52
C SER D 180 -7.14 7.58 38.17
N MSE D 181 -6.64 6.45 37.62
CA MSE D 181 -5.49 5.69 38.16
C MSE D 181 -4.61 5.32 37.00
O MSE D 181 -4.58 4.18 36.54
CB MSE D 181 -5.99 4.44 38.88
CG MSE D 181 -7.00 4.70 40.02
SE MSE D 181 -6.10 5.34 41.66
CE MSE D 181 -7.44 4.84 42.99
N LYS D 182 -3.88 6.32 36.52
CA LYS D 182 -3.06 6.22 35.31
C LYS D 182 -1.69 5.55 35.37
N ALA D 183 -1.49 4.56 34.51
CA ALA D 183 -0.18 3.88 34.42
C ALA D 183 0.00 3.35 33.00
N SER D 184 1.26 3.18 32.59
CA SER D 184 1.60 2.64 31.26
C SER D 184 1.64 1.11 31.23
N ASP D 185 1.90 0.48 32.38
CA ASP D 185 1.98 -0.99 32.42
C ASP D 185 0.58 -1.56 32.63
N VAL D 186 0.06 -2.21 31.58
CA VAL D 186 -1.28 -2.80 31.59
C VAL D 186 -1.63 -3.53 32.91
N ASN D 187 -0.78 -4.46 33.35
CA ASN D 187 -1.04 -5.22 34.60
C ASN D 187 -1.17 -4.32 35.85
N LEU D 188 -0.40 -3.25 35.91
CA LEU D 188 -0.49 -2.30 37.02
C LEU D 188 -1.76 -1.48 36.88
N ALA D 189 -2.11 -1.13 35.64
CA ALA D 189 -3.35 -0.38 35.38
C ALA D 189 -4.57 -1.18 35.80
N ILE D 190 -4.56 -2.47 35.49
N ILE D 190 -4.56 -2.47 35.48
CA ILE D 190 -5.65 -3.35 35.84
CA ILE D 190 -5.65 -3.35 35.83
C ILE D 190 -5.78 -3.41 37.35
C ILE D 190 -5.79 -3.48 37.35
N GLU D 191 -4.68 -3.81 38.00
CA GLU D 191 -4.64 -3.97 39.46
C GLU D 191 -5.09 -2.71 40.20
N ALA D 192 -4.70 -1.54 39.66
CA ALA D 192 -5.02 -0.25 40.29
C ALA D 192 -6.52 0.07 40.25
N TYR D 193 -7.16 -0.11 39.08
CA TYR D 193 -8.59 0.15 39.05
C TYR D 193 -9.36 -0.86 39.90
N GLU D 194 -8.93 -2.12 39.92
CA GLU D 194 -9.59 -3.14 40.79
C GLU D 194 -9.45 -2.68 42.22
N LYS D 195 -8.24 -2.25 42.55
CA LYS D 195 -7.89 -1.82 43.89
C LYS D 195 -8.71 -0.59 44.27
N ALA D 196 -8.82 0.34 43.32
CA ALA D 196 -9.58 1.56 43.52
C ALA D 196 -11.02 1.24 43.86
N ALA D 197 -11.67 0.54 42.93
CA ALA D 197 -13.07 0.16 43.05
C ALA D 197 -13.47 -0.38 44.42
N ARG D 198 -12.54 -1.08 45.07
CA ARG D 198 -12.80 -1.64 46.40
C ARG D 198 -12.77 -0.60 47.50
N ALA D 199 -11.76 0.25 47.48
CA ALA D 199 -11.58 1.25 48.54
C ALA D 199 -12.69 2.29 48.63
N PHE D 200 -13.14 2.79 47.48
CA PHE D 200 -14.15 3.84 47.45
C PHE D 200 -15.16 3.64 46.33
N ASP D 201 -16.31 4.30 46.49
CA ASP D 201 -17.39 4.15 45.54
C ASP D 201 -17.54 5.31 44.58
N TYR D 202 -16.54 6.19 44.53
CA TYR D 202 -16.61 7.33 43.63
C TYR D 202 -16.39 6.79 42.19
N PRO D 203 -17.04 7.43 41.20
CA PRO D 203 -16.89 6.95 39.82
C PRO D 203 -15.45 6.92 39.34
N LEU D 204 -15.13 5.95 38.51
CA LEU D 204 -13.78 5.83 37.99
C LEU D 204 -13.67 6.28 36.54
N HIS D 205 -12.58 6.97 36.27
CA HIS D 205 -12.24 7.52 34.97
C HIS D 205 -11.11 6.65 34.45
N LEU D 206 -11.41 5.81 33.45
CA LEU D 206 -10.42 4.91 32.90
C LEU D 206 -9.54 5.54 31.81
N GLY D 207 -8.25 5.22 31.92
CA GLY D 207 -7.23 5.68 30.99
C GLY D 207 -6.00 4.82 31.19
N ILE D 208 -5.20 4.72 30.13
CA ILE D 208 -3.93 4.01 30.09
C ILE D 208 -2.92 4.96 29.43
N THR D 209 -1.79 5.20 30.06
CA THR D 209 -0.86 6.13 29.43
C THR D 209 -0.30 5.48 28.17
N GLU D 210 -0.11 6.29 27.15
CA GLU D 210 0.42 5.80 25.89
C GLU D 210 1.89 5.42 25.93
N SER D 211 2.22 4.47 25.06
CA SER D 211 3.57 4.02 24.86
C SER D 211 3.60 3.40 23.45
N GLY D 212 4.79 3.38 22.85
CA GLY D 212 5.01 2.84 21.53
C GLY D 212 4.30 3.59 20.42
N THR D 213 4.23 2.94 19.27
CA THR D 213 3.59 3.48 18.07
C THR D 213 2.06 3.54 18.21
N LEU D 214 1.39 4.03 17.17
CA LEU D 214 -0.09 4.11 17.13
C LEU D 214 -0.69 2.72 17.19
N PHE D 215 -0.08 1.84 16.42
CA PHE D 215 -0.48 0.45 16.39
C PHE D 215 -0.38 -0.09 17.81
N ALA D 216 0.80 0.05 18.39
CA ALA D 216 1.09 -0.44 19.74
C ALA D 216 0.19 0.13 20.83
N GLY D 217 -0.04 1.44 20.81
CA GLY D 217 -0.89 2.09 21.78
C GLY D 217 -2.35 1.70 21.63
N THR D 218 -2.75 1.29 20.42
CA THR D 218 -4.16 0.94 20.16
C THR D 218 -4.42 -0.43 20.78
N VAL D 219 -3.52 -1.34 20.50
CA VAL D 219 -3.64 -2.68 21.03
C VAL D 219 -3.58 -2.65 22.56
N LYS D 220 -2.54 -2.01 23.12
CA LYS D 220 -2.36 -1.98 24.58
C LYS D 220 -3.57 -1.39 25.31
N SER D 221 -4.06 -0.23 24.86
CA SER D 221 -5.20 0.40 25.53
C SER D 221 -6.47 -0.44 25.45
N ALA D 222 -6.75 -0.99 24.28
CA ALA D 222 -7.95 -1.81 24.16
C ALA D 222 -7.83 -3.05 25.07
N ALA D 223 -6.65 -3.65 25.08
CA ALA D 223 -6.38 -4.86 25.90
C ALA D 223 -6.55 -4.58 27.39
N GLY D 224 -5.91 -3.52 27.86
CA GLY D 224 -6.03 -3.13 29.27
C GLY D 224 -7.44 -2.69 29.66
N LEU D 225 -8.01 -1.78 28.90
CA LEU D 225 -9.36 -1.32 29.20
C LEU D 225 -10.41 -2.42 29.08
N GLY D 226 -10.18 -3.39 28.18
CA GLY D 226 -11.11 -4.51 28.02
C GLY D 226 -11.14 -5.29 29.33
N ALA D 227 -9.95 -5.65 29.82
CA ALA D 227 -9.88 -6.40 31.09
C ALA D 227 -10.59 -5.62 32.20
N ILE D 228 -10.30 -4.32 32.28
CA ILE D 228 -10.94 -3.44 33.27
C ILE D 228 -12.44 -3.44 33.11
N LEU D 229 -12.91 -3.17 31.89
CA LEU D 229 -14.35 -3.14 31.62
C LEU D 229 -15.01 -4.45 32.00
N ASN D 230 -14.41 -5.58 31.61
CA ASN D 230 -14.92 -6.91 31.96
C ASN D 230 -15.21 -7.04 33.47
N LYS D 231 -14.46 -6.34 34.31
CA LYS D 231 -14.68 -6.41 35.75
C LYS D 231 -15.90 -5.58 36.17
N GLY D 232 -16.44 -4.81 35.21
CA GLY D 232 -17.64 -4.03 35.44
C GLY D 232 -17.48 -2.67 36.10
N ILE D 233 -16.25 -2.15 36.13
CA ILE D 233 -16.00 -0.84 36.73
C ILE D 233 -15.63 0.17 35.65
N GLY D 234 -15.59 1.45 36.05
CA GLY D 234 -15.34 2.54 35.13
C GLY D 234 -16.65 3.16 34.68
N ASN D 235 -16.72 4.49 34.72
CA ASN D 235 -17.90 5.27 34.32
C ASN D 235 -17.59 6.29 33.22
N THR D 236 -16.30 6.50 32.96
CA THR D 236 -15.85 7.39 31.91
C THR D 236 -14.53 6.81 31.41
N LEU D 237 -14.23 7.00 30.13
CA LEU D 237 -12.97 6.52 29.63
C LEU D 237 -12.38 7.46 28.58
N ARG D 238 -11.06 7.37 28.50
CA ARG D 238 -10.25 8.15 27.58
C ARG D 238 -9.16 7.23 26.98
N ILE D 239 -9.10 7.20 25.64
CA ILE D 239 -8.07 6.48 24.89
C ILE D 239 -7.00 7.49 24.52
N SER D 240 -5.82 7.33 25.10
N SER D 240 -5.81 7.38 25.12
CA SER D 240 -4.68 8.22 24.87
CA SER D 240 -4.71 8.33 24.87
C SER D 240 -3.84 7.84 23.66
C SER D 240 -3.80 7.92 23.71
N LEU D 241 -3.90 8.63 22.60
CA LEU D 241 -3.09 8.38 21.39
C LEU D 241 -2.31 9.64 21.06
N SER D 242 -1.36 9.51 20.12
CA SER D 242 -0.54 10.62 19.65
C SER D 242 -0.92 10.97 18.22
N ALA D 243 -2.20 11.27 18.00
CA ALA D 243 -2.71 11.56 16.68
C ALA D 243 -3.95 12.46 16.77
N ASP D 244 -4.69 12.57 15.66
CA ASP D 244 -5.91 13.38 15.58
C ASP D 244 -6.79 13.00 16.79
N PRO D 245 -7.36 14.00 17.50
CA PRO D 245 -8.20 13.64 18.64
C PRO D 245 -9.35 12.70 18.29
N VAL D 246 -9.84 12.79 17.05
CA VAL D 246 -10.93 11.95 16.60
C VAL D 246 -10.54 10.45 16.59
N GLU D 247 -9.23 10.14 16.60
CA GLU D 247 -8.76 8.72 16.63
C GLU D 247 -8.99 8.09 18.02
N GLU D 248 -8.98 8.95 19.04
CA GLU D 248 -9.24 8.52 20.41
C GLU D 248 -10.73 8.21 20.59
N VAL D 249 -11.57 8.98 19.89
CA VAL D 249 -13.01 8.76 19.94
C VAL D 249 -13.32 7.50 19.12
N LYS D 250 -12.62 7.31 18.01
CA LYS D 250 -12.84 6.12 17.18
C LYS D 250 -12.54 4.82 17.96
N VAL D 251 -11.44 4.78 18.71
CA VAL D 251 -11.08 3.59 19.50
C VAL D 251 -12.11 3.38 20.59
N ALA D 252 -12.39 4.45 21.34
CA ALA D 252 -13.38 4.43 22.43
C ALA D 252 -14.76 3.89 22.04
N ARG D 253 -15.31 4.35 20.91
CA ARG D 253 -16.61 3.81 20.44
C ARG D 253 -16.58 2.30 20.20
N GLU D 254 -15.67 1.84 19.35
CA GLU D 254 -15.56 0.39 19.06
C GLU D 254 -15.46 -0.45 20.34
N LEU D 255 -14.70 0.04 21.31
CA LEU D 255 -14.50 -0.64 22.58
C LEU D 255 -15.81 -0.71 23.36
N LEU D 256 -16.37 0.46 23.66
CA LEU D 256 -17.66 0.52 24.38
C LEU D 256 -18.81 -0.15 23.62
N LYS D 257 -18.82 0.03 22.30
CA LYS D 257 -19.82 -0.59 21.45
C LYS D 257 -19.70 -2.11 21.48
N SER D 258 -18.47 -2.62 21.52
CA SER D 258 -18.22 -4.07 21.58
C SER D 258 -18.71 -4.70 22.89
N PHE D 259 -18.51 -4.00 24.01
CA PHE D 259 -18.95 -4.49 25.32
C PHE D 259 -20.45 -4.22 25.61
N GLY D 260 -21.13 -3.44 24.76
CA GLY D 260 -22.56 -3.12 24.97
C GLY D 260 -22.72 -2.05 26.03
N LEU D 261 -21.93 -0.99 25.91
CA LEU D 261 -21.96 0.10 26.85
C LEU D 261 -22.21 1.40 26.05
N ALA D 262 -23.49 1.77 25.96
CA ALA D 262 -23.96 2.92 25.18
C ALA D 262 -23.56 4.32 25.68
N SER D 263 -24.01 5.36 24.96
CA SER D 263 -23.73 6.76 25.29
C SER D 263 -23.94 7.06 26.76
N ASN E 5 49.47 -3.09 5.62
CA ASN E 5 49.14 -3.55 7.00
C ASN E 5 47.86 -4.39 6.99
N GLU E 6 47.69 -5.27 7.97
CA GLU E 6 46.47 -6.10 8.02
C GLU E 6 45.24 -5.30 8.50
N MSE E 7 44.05 -5.66 8.00
CA MSE E 7 42.81 -5.00 8.42
C MSE E 7 42.58 -5.32 9.86
O MSE E 7 42.89 -6.42 10.30
CB MSE E 7 41.58 -5.54 7.67
CG MSE E 7 41.58 -5.29 6.17
SE MSE E 7 40.01 -6.15 5.33
CE MSE E 7 40.57 -8.03 5.47
N THR E 8 42.06 -4.37 10.62
CA THR E 8 41.72 -4.62 12.02
C THR E 8 40.35 -5.29 12.03
N HIS E 9 40.23 -6.51 12.57
CA HIS E 9 38.93 -7.20 12.64
C HIS E 9 37.99 -6.33 13.49
N ARG E 10 36.67 -6.42 13.27
CA ARG E 10 35.71 -5.63 14.05
C ARG E 10 35.83 -5.87 15.56
N THR E 11 36.29 -7.04 15.98
CA THR E 11 36.41 -7.31 17.44
C THR E 11 37.60 -6.65 18.12
N LYS E 12 38.51 -6.08 17.34
CA LYS E 12 39.73 -5.50 17.85
C LYS E 12 39.86 -3.98 17.64
N THR E 13 38.76 -3.36 17.26
CA THR E 13 38.71 -1.91 17.08
C THR E 13 38.46 -1.26 18.44
N ARG E 14 38.75 0.02 18.57
CA ARG E 14 38.50 0.75 19.80
C ARG E 14 37.00 0.74 20.14
N PRO E 15 36.64 0.43 21.40
CA PRO E 15 35.23 0.47 21.77
C PRO E 15 34.75 1.91 21.92
N VAL E 16 33.61 2.26 21.31
CA VAL E 16 33.07 3.62 21.44
C VAL E 16 31.64 3.56 22.02
N LYS E 17 31.43 4.24 23.15
CA LYS E 17 30.14 4.29 23.79
C LYS E 17 29.21 5.31 23.11
N VAL E 18 28.01 4.86 22.81
CA VAL E 18 27.00 5.72 22.19
C VAL E 18 25.73 5.41 22.97
N GLY E 19 25.34 6.32 23.86
CA GLY E 19 24.20 6.06 24.73
C GLY E 19 24.63 4.88 25.56
N ASN E 20 23.76 3.91 25.76
CA ASN E 20 24.12 2.72 26.57
C ASN E 20 24.70 1.56 25.75
N LEU E 21 24.89 1.77 24.45
CA LEU E 21 25.42 0.74 23.59
C LEU E 21 26.88 1.00 23.36
N THR E 22 27.56 0.01 22.83
CA THR E 22 28.95 0.12 22.48
C THR E 22 29.11 -0.32 21.05
N ILE E 23 29.74 0.52 20.26
CA ILE E 23 30.05 0.27 18.88
C ILE E 23 31.54 0.14 18.87
N GLY E 24 32.07 -1.02 18.49
CA GLY E 24 33.51 -1.24 18.43
C GLY E 24 34.01 -2.20 19.50
N GLY E 25 34.99 -3.02 19.15
CA GLY E 25 35.54 -4.00 20.10
C GLY E 25 34.54 -5.09 20.48
N ASN E 26 33.84 -5.62 19.50
CA ASN E 26 32.86 -6.69 19.67
C ASN E 26 32.48 -7.21 18.27
N ASN E 27 31.95 -8.44 18.20
CA ASN E 27 31.56 -9.05 16.93
C ASN E 27 30.16 -8.62 16.52
N GLU E 28 29.54 -7.79 17.35
CA GLU E 28 28.19 -7.29 17.15
C GLU E 28 28.13 -6.08 16.20
N LEU E 29 27.02 -6.00 15.46
CA LEU E 29 26.78 -4.94 14.50
C LEU E 29 25.50 -4.15 14.83
N ILE E 30 25.69 -2.91 15.28
CA ILE E 30 24.59 -2.01 15.62
C ILE E 30 23.86 -1.52 14.37
N ILE E 31 22.54 -1.65 14.37
CA ILE E 31 21.72 -1.28 13.23
C ILE E 31 21.19 0.12 13.40
N GLN E 32 21.36 0.96 12.37
CA GLN E 32 20.90 2.33 12.42
C GLN E 32 20.05 2.72 11.23
N SER E 33 19.44 3.90 11.33
CA SER E 33 18.68 4.49 10.25
C SER E 33 18.70 6.00 10.41
N MSE E 34 17.95 6.70 9.54
CA MSE E 34 17.87 8.15 9.57
C MSE E 34 16.44 8.62 9.35
O MSE E 34 15.69 8.02 8.58
CB MSE E 34 18.77 8.63 8.42
CG MSE E 34 18.46 10.07 8.03
SE MSE E 34 20.04 10.82 7.14
CE MSE E 34 19.97 12.69 7.80
N THR E 35 16.07 9.71 9.98
CA THR E 35 14.71 10.27 9.84
C THR E 35 14.48 10.93 8.46
N THR E 36 13.22 10.98 8.04
CA THR E 36 12.83 11.56 6.77
C THR E 36 12.00 12.81 7.02
N THR E 37 11.74 13.10 8.28
CA THR E 37 10.95 14.25 8.68
C THR E 37 11.81 15.49 8.89
N KCX E 38 11.16 16.62 9.16
CA KCX E 38 11.84 17.86 9.51
CB KCX E 38 10.91 19.03 9.29
CG KCX E 38 10.63 19.28 7.80
CD KCX E 38 9.46 20.28 7.70
CE KCX E 38 9.50 21.05 6.38
NZ KCX E 38 9.63 22.49 6.56
C KCX E 38 12.15 17.67 10.99
O KCX E 38 11.25 17.40 11.81
CX KCX E 38 10.75 23.20 6.43
OQ1 KCX E 38 11.86 22.72 6.17
OQ2 KCX E 38 10.66 24.51 6.62
N THR E 39 13.41 17.85 11.37
CA THR E 39 13.80 17.64 12.76
C THR E 39 13.08 18.58 13.72
N HIS E 40 12.81 19.81 13.28
CA HIS E 40 12.12 20.78 14.13
C HIS E 40 10.64 20.45 14.32
N ASP E 41 10.13 19.47 13.60
CA ASP E 41 8.75 19.03 13.79
C ASP E 41 8.92 17.89 14.74
N VAL E 42 8.96 18.23 16.03
CA VAL E 42 9.20 17.22 17.03
C VAL E 42 8.19 16.07 16.95
N GLU E 43 6.91 16.37 16.87
CA GLU E 43 5.90 15.32 16.80
C GLU E 43 6.15 14.33 15.66
N ALA E 44 6.34 14.82 14.45
CA ALA E 44 6.59 13.90 13.30
C ALA E 44 7.88 13.09 13.45
N THR E 45 8.92 13.76 13.92
CA THR E 45 10.23 13.11 14.08
C THR E 45 10.16 12.03 15.16
N VAL E 46 9.56 12.35 16.29
CA VAL E 46 9.43 11.36 17.34
C VAL E 46 8.57 10.16 16.89
N ALA E 47 7.53 10.42 16.08
CA ALA E 47 6.64 9.34 15.61
C ALA E 47 7.38 8.38 14.68
N GLU E 48 8.22 8.93 13.78
CA GLU E 48 9.00 8.11 12.85
C GLU E 48 10.02 7.28 13.66
N ILE E 49 10.66 7.91 14.63
CA ILE E 49 11.62 7.17 15.46
C ILE E 49 10.96 6.04 16.23
N LYS E 50 9.70 6.22 16.63
CA LYS E 50 9.03 5.16 17.35
C LYS E 50 8.86 3.97 16.45
N ARG E 51 8.44 4.20 15.20
CA ARG E 51 8.29 3.10 14.25
C ARG E 51 9.65 2.43 14.00
N LEU E 52 10.70 3.22 14.01
CA LEU E 52 12.03 2.68 13.82
C LEU E 52 12.43 1.74 14.99
N GLU E 53 12.19 2.19 16.24
CA GLU E 53 12.50 1.33 17.39
C GLU E 53 11.72 0.00 17.28
N GLU E 54 10.41 0.10 16.97
CA GLU E 54 9.51 -1.06 16.78
C GLU E 54 10.08 -2.07 15.74
N ALA E 55 10.62 -1.54 14.65
CA ALA E 55 11.23 -2.34 13.55
C ALA E 55 12.62 -2.92 13.84
N GLY E 56 13.26 -2.47 14.93
CA GLY E 56 14.60 -2.98 15.33
C GLY E 56 15.76 -2.00 15.27
N CYS E 57 15.49 -0.74 14.93
CA CYS E 57 16.54 0.28 14.84
C CYS E 57 17.17 0.56 16.22
N GLN E 58 18.50 0.51 16.31
CA GLN E 58 19.20 0.71 17.60
C GLN E 58 19.79 2.11 17.80
N VAL E 59 20.01 2.83 16.71
CA VAL E 59 20.52 4.21 16.77
C VAL E 59 19.94 4.97 15.58
N VAL E 60 19.52 6.21 15.80
CA VAL E 60 18.93 7.03 14.73
C VAL E 60 19.60 8.40 14.59
N ARG E 61 19.74 8.83 13.34
CA ARG E 61 20.36 10.10 13.00
C ARG E 61 19.31 11.07 12.49
N VAL E 62 19.47 12.32 12.90
CA VAL E 62 18.59 13.41 12.45
C VAL E 62 19.49 14.51 11.91
N ALA E 63 19.09 15.11 10.80
CA ALA E 63 19.82 16.21 10.25
C ALA E 63 19.67 17.37 11.21
N VAL E 64 20.65 18.24 11.24
CA VAL E 64 20.61 19.43 12.08
C VAL E 64 21.08 20.54 11.15
N PRO E 65 20.17 21.01 10.31
CA PRO E 65 20.57 22.03 9.36
C PRO E 65 20.52 23.45 9.89
N ASP E 66 19.80 23.69 10.99
CA ASP E 66 19.63 25.08 11.48
C ASP E 66 19.27 25.10 12.95
N GLU E 67 19.16 26.32 13.51
CA GLU E 67 18.84 26.46 14.93
C GLU E 67 17.50 25.81 15.30
N ARG E 68 16.48 25.89 14.43
CA ARG E 68 15.19 25.24 14.75
C ARG E 68 15.40 23.74 14.97
N ALA E 69 16.21 23.10 14.12
CA ALA E 69 16.49 21.65 14.29
C ALA E 69 17.31 21.39 15.57
N ALA E 70 18.32 22.22 15.82
CA ALA E 70 19.15 22.03 17.03
C ALA E 70 18.33 22.26 18.30
N ASN E 71 17.47 23.28 18.25
CA ASN E 71 16.61 23.63 19.38
C ASN E 71 15.61 22.48 19.71
N ALA E 72 15.45 21.52 18.81
CA ALA E 72 14.50 20.40 18.98
C ALA E 72 15.06 19.13 19.65
N ILE E 73 16.38 18.98 19.69
CA ILE E 73 17.05 17.78 20.26
C ILE E 73 16.62 17.28 21.65
N ALA E 74 16.72 18.09 22.71
CA ALA E 74 16.30 17.62 24.04
C ALA E 74 14.82 17.22 24.07
N ASP E 75 13.98 17.90 23.29
CA ASP E 75 12.53 17.57 23.22
C ASP E 75 12.33 16.22 22.53
N ILE E 76 13.06 16.00 21.44
CA ILE E 76 12.99 14.73 20.75
C ILE E 76 13.58 13.66 21.67
N LYS E 77 14.75 13.94 22.24
CA LYS E 77 15.42 12.97 23.08
C LYS E 77 14.56 12.50 24.23
N LYS E 78 13.85 13.43 24.86
CA LYS E 78 12.97 13.03 25.97
C LYS E 78 11.92 11.96 25.66
N GLN E 79 11.43 11.92 24.42
CA GLN E 79 10.37 11.00 24.03
C GLN E 79 10.80 9.64 23.44
N ILE E 80 12.04 9.49 23.01
CA ILE E 80 12.52 8.23 22.42
C ILE E 80 13.32 7.35 23.41
N ASN E 81 13.68 6.14 22.98
CA ASN E 81 14.39 5.17 23.82
C ASN E 81 15.64 4.55 23.18
N ILE E 82 16.31 5.30 22.29
CA ILE E 82 17.53 4.85 21.62
C ILE E 82 18.42 6.06 21.41
N PRO E 83 19.71 5.84 21.17
CA PRO E 83 20.64 6.96 20.94
C PRO E 83 20.31 7.79 19.72
N LEU E 84 20.52 9.10 19.87
CA LEU E 84 20.25 10.08 18.86
C LEU E 84 21.55 10.71 18.31
N VAL E 85 21.66 10.83 17.00
CA VAL E 85 22.83 11.36 16.35
C VAL E 85 22.47 12.61 15.53
N ALA E 86 23.18 13.72 15.77
CA ALA E 86 22.97 14.94 14.98
C ALA E 86 23.91 14.90 13.79
N ASP E 87 23.41 15.30 12.62
CA ASP E 87 24.25 15.38 11.42
C ASP E 87 24.47 16.85 11.08
N ILE E 88 25.73 17.29 11.18
CA ILE E 88 26.13 18.66 10.94
C ILE E 88 27.44 18.65 10.20
N HIS E 89 27.39 19.17 8.97
CA HIS E 89 28.56 19.25 8.11
C HIS E 89 29.69 20.17 8.54
N PHE E 90 29.40 21.36 9.09
CA PHE E 90 30.49 22.28 9.45
C PHE E 90 30.21 23.34 10.53
N ASP E 91 28.93 23.74 10.66
CA ASP E 91 28.51 24.83 11.59
C ASP E 91 28.78 24.52 13.06
N TYR E 92 29.80 25.18 13.60
CA TYR E 92 30.24 24.94 14.96
C TYR E 92 29.17 25.38 15.99
N ARG E 93 28.40 26.43 15.64
CA ARG E 93 27.32 26.95 16.50
C ARG E 93 26.20 25.94 16.62
N LEU E 94 25.90 25.24 15.53
CA LEU E 94 24.87 24.22 15.60
C LEU E 94 25.36 22.99 16.37
N ALA E 95 26.63 22.64 16.17
CA ALA E 95 27.21 21.48 16.88
C ALA E 95 27.16 21.70 18.40
N LEU E 96 27.53 22.90 18.85
CA LEU E 96 27.47 23.23 20.26
C LEU E 96 26.04 23.07 20.79
N LYS E 97 25.06 23.63 20.09
N LYS E 97 25.08 23.61 20.04
CA LYS E 97 23.66 23.57 20.53
CA LYS E 97 23.68 23.59 20.43
C LYS E 97 23.11 22.15 20.61
C LYS E 97 23.16 22.17 20.61
N ALA E 98 23.44 21.31 19.63
CA ALA E 98 23.00 19.91 19.67
C ALA E 98 23.64 19.23 20.89
N ILE E 99 24.91 19.52 21.09
CA ILE E 99 25.60 18.96 22.22
C ILE E 99 24.90 19.43 23.51
N GLU E 100 24.65 20.73 23.60
CA GLU E 100 23.94 21.32 24.75
C GLU E 100 22.62 20.61 24.96
N GLY E 101 21.96 20.28 23.86
CA GLY E 101 20.65 19.60 23.86
C GLY E 101 20.63 18.13 24.23
N GLY E 102 21.80 17.53 24.44
CA GLY E 102 21.90 16.13 24.86
C GLY E 102 22.06 15.11 23.74
N ILE E 103 22.67 15.50 22.63
CA ILE E 103 22.89 14.58 21.53
C ILE E 103 23.82 13.47 22.02
N ASP E 104 23.59 12.24 21.58
CA ASP E 104 24.45 11.10 22.00
C ASP E 104 25.73 10.96 21.15
N KCX E 105 25.73 11.55 19.96
CA KCX E 105 26.89 11.51 19.04
CB KCX E 105 26.94 10.12 18.37
CG KCX E 105 28.04 10.00 17.33
CD KCX E 105 28.36 8.53 16.98
CE KCX E 105 27.19 7.81 16.31
NZ KCX E 105 27.54 6.50 15.75
C KCX E 105 26.69 12.55 17.97
O KCX E 105 25.53 12.84 17.60
CX KCX E 105 27.69 6.27 14.44
OQ1 KCX E 105 27.98 5.18 13.91
OQ2 KCX E 105 27.45 7.27 13.62
N VAL E 106 27.77 13.12 17.46
CA VAL E 106 27.68 14.08 16.37
C VAL E 106 28.38 13.53 15.10
N ARG E 107 27.68 13.55 13.96
CA ARG E 107 28.29 13.15 12.69
C ARG E 107 28.71 14.51 12.12
N ILE E 108 30.03 14.71 12.09
CA ILE E 108 30.67 15.94 11.63
C ILE E 108 32.13 15.64 11.29
N ASN E 109 32.66 16.26 10.25
CA ASN E 109 34.09 16.08 9.85
C ASN E 109 34.87 17.32 10.27
N PRO E 110 35.65 17.23 11.38
CA PRO E 110 36.33 18.41 11.89
C PRO E 110 37.09 19.29 10.87
N GLY E 111 37.62 18.68 9.81
CA GLY E 111 38.33 19.45 8.76
C GLY E 111 37.50 20.54 8.08
N ASN E 112 36.18 20.39 8.11
CA ASN E 112 35.24 21.35 7.52
C ASN E 112 34.94 22.57 8.40
N ILE E 113 35.03 22.39 9.72
CA ILE E 113 34.65 23.40 10.73
C ILE E 113 35.32 24.75 10.56
N GLY E 114 36.61 24.73 10.28
CA GLY E 114 37.33 25.95 10.05
C GLY E 114 38.44 26.22 11.01
N ARG E 115 38.58 27.50 11.32
CA ARG E 115 39.65 27.97 12.19
C ARG E 115 39.62 27.31 13.56
N ARG E 116 40.81 27.13 14.10
CA ARG E 116 41.02 26.47 15.38
C ARG E 116 40.09 26.75 16.57
N HIS E 117 39.72 28.01 16.85
CA HIS E 117 38.91 28.24 18.06
C HIS E 117 37.57 27.50 17.96
N LYS E 118 37.01 27.43 16.74
CA LYS E 118 35.73 26.78 16.48
C LYS E 118 35.80 25.25 16.64
N VAL E 119 36.87 24.65 16.12
CA VAL E 119 37.14 23.21 16.22
C VAL E 119 37.31 22.84 17.71
N GLU E 120 38.19 23.56 18.38
CA GLU E 120 38.43 23.30 19.79
C GLU E 120 37.14 23.48 20.56
N ALA E 121 36.36 24.50 20.20
CA ALA E 121 35.07 24.73 20.85
C ALA E 121 34.25 23.45 20.87
N VAL E 122 34.11 22.85 19.69
CA VAL E 122 33.36 21.63 19.51
C VAL E 122 33.99 20.44 20.23
N VAL E 123 35.30 20.24 20.07
CA VAL E 123 35.98 19.10 20.71
C VAL E 123 35.85 19.18 22.25
N ASN E 124 36.12 20.37 22.80
CA ASN E 124 35.97 20.63 24.24
C ASN E 124 34.55 20.36 24.75
N ALA E 125 33.54 20.66 23.93
CA ALA E 125 32.14 20.42 24.29
C ALA E 125 31.83 18.91 24.30
N ALA E 126 32.37 18.17 23.32
CA ALA E 126 32.18 16.73 23.24
C ALA E 126 32.90 16.05 24.42
N LYS E 127 34.10 16.51 24.75
CA LYS E 127 34.84 15.94 25.89
C LYS E 127 34.10 16.09 27.19
N GLU E 128 33.54 17.29 27.41
CA GLU E 128 32.78 17.58 28.63
C GLU E 128 31.60 16.63 28.80
N ARG E 129 30.87 16.39 27.73
CA ARG E 129 29.72 15.49 27.80
C ARG E 129 30.04 14.03 27.46
N GLY E 130 31.31 13.75 27.16
CA GLY E 130 31.78 12.40 26.87
C GLY E 130 31.24 11.72 25.65
N ILE E 131 30.75 12.50 24.68
CA ILE E 131 30.18 11.90 23.49
C ILE E 131 31.14 11.90 22.30
N PRO E 132 31.01 10.88 21.44
CA PRO E 132 31.84 10.69 20.25
C PRO E 132 31.44 11.48 19.01
N ILE E 133 32.33 11.43 18.03
CA ILE E 133 32.16 12.05 16.75
C ILE E 133 32.25 10.99 15.63
N ARG E 134 31.27 10.97 14.72
CA ARG E 134 31.42 10.11 13.54
C ARG E 134 31.92 10.98 12.38
N ILE E 135 33.09 10.60 11.88
CA ILE E 135 33.73 11.20 10.74
C ILE E 135 33.04 10.51 9.56
N GLY E 136 32.43 11.25 8.65
CA GLY E 136 31.75 10.61 7.54
C GLY E 136 32.27 11.05 6.20
N VAL E 137 33.18 10.26 5.65
CA VAL E 137 33.74 10.57 4.35
C VAL E 137 32.78 10.04 3.28
N ASN E 138 32.50 10.87 2.28
CA ASN E 138 31.61 10.53 1.19
C ASN E 138 32.36 10.68 -0.11
N ALA E 139 32.34 9.63 -0.94
CA ALA E 139 33.05 9.71 -2.20
C ALA E 139 32.50 10.85 -3.07
N GLY E 140 31.22 11.20 -2.91
CA GLY E 140 30.57 12.27 -3.73
C GLY E 140 30.84 13.68 -3.25
N SER E 141 31.40 13.81 -2.04
CA SER E 141 31.65 15.14 -1.49
C SER E 141 33.07 15.24 -0.91
N LEU E 142 34.05 14.90 -1.73
CA LEU E 142 35.45 15.02 -1.32
C LEU E 142 35.91 16.46 -1.39
N GLU E 143 37.00 16.74 -0.69
CA GLU E 143 37.57 18.06 -0.68
C GLU E 143 38.07 18.39 -2.09
N ARG E 144 37.92 19.64 -2.51
CA ARG E 144 38.38 20.07 -3.83
C ARG E 144 39.84 19.70 -4.10
N HIS E 145 40.68 19.77 -3.09
N HIS E 145 40.71 19.78 -3.09
CA HIS E 145 42.09 19.44 -3.23
CA HIS E 145 42.14 19.48 -3.29
C HIS E 145 42.29 17.98 -3.59
C HIS E 145 42.46 17.98 -3.44
N ILE E 146 41.69 17.11 -2.78
CA ILE E 146 41.85 15.66 -2.95
C ILE E 146 41.45 15.30 -4.37
N LEU E 147 40.40 15.95 -4.87
CA LEU E 147 39.97 15.74 -6.23
C LEU E 147 41.09 16.23 -7.18
N GLU E 148 41.66 17.41 -6.90
CA GLU E 148 42.76 17.94 -7.75
C GLU E 148 43.93 16.94 -7.87
N LYS E 149 44.28 16.28 -6.77
CA LYS E 149 45.40 15.31 -6.72
C LYS E 149 45.15 13.94 -7.41
N TYR E 150 43.97 13.37 -7.20
CA TYR E 150 43.62 12.05 -7.75
C TYR E 150 42.83 12.06 -9.07
N GLY E 151 42.17 13.18 -9.36
CA GLY E 151 41.36 13.32 -10.59
C GLY E 151 39.90 12.92 -10.46
N TYR E 152 39.62 12.00 -9.53
CA TYR E 152 38.27 11.50 -9.30
C TYR E 152 38.29 10.80 -7.95
N PRO E 153 37.10 10.48 -7.38
CA PRO E 153 37.08 9.80 -6.07
C PRO E 153 37.63 8.39 -6.07
N THR E 154 38.65 8.15 -5.26
CA THR E 154 39.28 6.84 -5.13
C THR E 154 39.29 6.45 -3.66
N ALA E 155 39.49 5.16 -3.40
CA ALA E 155 39.59 4.69 -2.03
C ALA E 155 40.79 5.36 -1.37
N ASP E 156 41.83 5.67 -2.16
CA ASP E 156 43.02 6.34 -1.63
C ASP E 156 42.70 7.81 -1.34
N GLY E 157 41.85 8.41 -2.15
CA GLY E 157 41.40 9.79 -1.93
C GLY E 157 40.52 9.85 -0.71
N MSE E 158 39.67 8.84 -0.53
CA MSE E 158 38.80 8.80 0.64
C MSE E 158 39.61 8.60 1.89
O MSE E 158 39.37 9.28 2.89
CB MSE E 158 37.74 7.70 0.49
CG MSE E 158 36.70 8.17 -0.54
SE MSE E 158 35.56 6.67 -1.06
CE MSE E 158 34.43 6.75 0.54
N VAL E 159 40.57 7.68 1.85
CA VAL E 159 41.40 7.41 3.05
C VAL E 159 42.17 8.67 3.49
N GLU E 160 42.75 9.40 2.54
CA GLU E 160 43.46 10.65 2.83
C GLU E 160 42.53 11.64 3.53
N SER E 161 41.31 11.79 3.01
CA SER E 161 40.34 12.70 3.60
C SER E 161 40.02 12.25 5.03
N ALA E 162 39.86 10.95 5.23
CA ALA E 162 39.57 10.39 6.57
C ALA E 162 40.67 10.57 7.60
N LEU E 163 41.92 10.36 7.19
CA LEU E 163 43.05 10.52 8.12
C LEU E 163 43.25 11.96 8.53
N HIS E 164 42.90 12.88 7.65
CA HIS E 164 43.01 14.31 7.95
C HIS E 164 42.06 14.66 9.09
N HIS E 165 40.81 14.20 9.01
CA HIS E 165 39.85 14.47 10.08
C HIS E 165 40.31 13.82 11.40
N ILE E 166 40.77 12.58 11.30
CA ILE E 166 41.30 11.87 12.46
C ILE E 166 42.45 12.65 13.06
N LYS E 167 43.43 13.06 12.24
CA LYS E 167 44.61 13.82 12.74
C LYS E 167 44.19 14.95 13.65
N ILE E 168 43.30 15.80 13.14
CA ILE E 168 42.76 16.95 13.87
C ILE E 168 42.30 16.55 15.28
N LEU E 169 41.45 15.52 15.35
CA LEU E 169 40.94 15.07 16.65
C LEU E 169 42.07 14.50 17.54
N GLU E 170 42.88 13.61 17.00
CA GLU E 170 43.98 13.04 17.81
C GLU E 170 44.95 14.14 18.28
N ASP E 171 45.21 15.14 17.41
CA ASP E 171 46.06 16.28 17.78
C ASP E 171 45.53 16.98 19.03
N LEU E 172 44.21 16.89 19.25
CA LEU E 172 43.58 17.48 20.41
C LEU E 172 43.26 16.44 21.48
N ASP E 173 43.94 15.28 21.41
CA ASP E 173 43.78 14.22 22.41
C ASP E 173 42.35 13.70 22.53
N PHE E 174 41.71 13.50 21.38
CA PHE E 174 40.35 12.99 21.31
C PHE E 174 40.34 11.76 20.42
N HIS E 175 40.08 10.60 21.01
CA HIS E 175 40.06 9.33 20.28
C HIS E 175 38.72 8.61 20.29
N ASP E 176 37.66 9.29 20.73
CA ASP E 176 36.33 8.70 20.79
C ASP E 176 35.65 8.86 19.40
N ILE E 177 36.19 8.12 18.44
CA ILE E 177 35.87 8.23 17.02
C ILE E 177 35.34 6.97 16.30
N ILE E 178 34.31 7.17 15.46
CA ILE E 178 33.72 6.17 14.57
C ILE E 178 33.87 6.75 13.14
N VAL E 179 34.19 5.91 12.16
CA VAL E 179 34.44 6.36 10.78
C VAL E 179 33.59 5.68 9.73
N SER E 180 32.92 6.47 8.89
CA SER E 180 32.18 5.96 7.73
C SER E 180 32.88 6.37 6.41
N MSE E 181 32.73 5.53 5.40
CA MSE E 181 33.36 5.69 4.08
C MSE E 181 32.29 5.39 3.06
O MSE E 181 32.30 4.32 2.43
CB MSE E 181 34.51 4.69 3.97
CG MSE E 181 35.54 4.75 5.10
SE MSE E 181 36.78 6.27 4.94
CE MSE E 181 37.85 5.60 3.44
N LYS E 182 31.38 6.34 2.89
CA LYS E 182 30.21 6.18 1.99
C LYS E 182 30.38 6.54 0.53
N ALA E 183 30.17 5.55 -0.35
CA ALA E 183 30.26 5.70 -1.78
C ALA E 183 29.08 5.05 -2.46
N SER E 184 28.90 5.29 -3.76
CA SER E 184 27.81 4.68 -4.50
C SER E 184 28.30 3.42 -5.28
N ASP E 185 29.52 3.48 -5.83
CA ASP E 185 30.15 2.37 -6.57
C ASP E 185 30.51 1.25 -5.58
N VAL E 186 29.94 0.06 -5.77
CA VAL E 186 30.15 -1.05 -4.83
C VAL E 186 31.62 -1.45 -4.74
N ASN E 187 32.31 -1.45 -5.87
CA ASN E 187 33.75 -1.76 -5.86
C ASN E 187 34.52 -0.71 -5.10
N LEU E 188 34.10 0.55 -5.20
CA LEU E 188 34.77 1.66 -4.49
C LEU E 188 34.50 1.56 -3.00
N ALA E 189 33.25 1.28 -2.64
CA ALA E 189 32.85 1.10 -1.24
C ALA E 189 33.66 -0.02 -0.56
N ILE E 190 33.82 -1.16 -1.23
CA ILE E 190 34.53 -2.29 -0.67
C ILE E 190 36.00 -1.98 -0.41
N GLU E 191 36.69 -1.52 -1.44
CA GLU E 191 38.08 -1.10 -1.36
C GLU E 191 38.33 -0.08 -0.24
N ALA E 192 37.49 0.95 -0.17
CA ALA E 192 37.64 2.00 0.87
C ALA E 192 37.47 1.46 2.28
N TYR E 193 36.49 0.59 2.52
CA TYR E 193 36.34 0.03 3.87
C TYR E 193 37.51 -0.90 4.20
N GLU E 194 38.04 -1.60 3.20
CA GLU E 194 39.21 -2.48 3.38
C GLU E 194 40.47 -1.68 3.76
N LYS E 195 40.74 -0.60 3.03
CA LYS E 195 41.90 0.29 3.29
C LYS E 195 41.73 1.08 4.60
N ALA E 196 40.51 1.56 4.87
CA ALA E 196 40.21 2.24 6.14
C ALA E 196 40.64 1.32 7.27
N ALA E 197 40.14 0.09 7.25
CA ALA E 197 40.49 -0.91 8.27
C ALA E 197 42.01 -1.11 8.37
N ARG E 198 42.72 -0.97 7.24
CA ARG E 198 44.19 -1.06 7.26
C ARG E 198 44.83 0.22 7.79
N ALA E 199 44.21 1.36 7.46
CA ALA E 199 44.77 2.66 7.83
C ALA E 199 44.59 3.07 9.28
N PHE E 200 43.42 2.78 9.86
CA PHE E 200 43.17 3.12 11.27
C PHE E 200 42.42 2.04 12.06
N ASP E 201 42.28 2.27 13.36
CA ASP E 201 41.70 1.27 14.23
C ASP E 201 40.38 1.65 14.90
N TYR E 202 39.74 2.71 14.40
CA TYR E 202 38.45 3.13 14.88
C TYR E 202 37.37 2.21 14.34
N PRO E 203 36.25 2.13 15.04
CA PRO E 203 35.20 1.24 14.53
C PRO E 203 34.62 1.81 13.23
N LEU E 204 34.23 0.92 12.33
CA LEU E 204 33.70 1.35 11.06
C LEU E 204 32.19 1.30 11.08
N HIS E 205 31.58 2.32 10.46
CA HIS E 205 30.15 2.50 10.29
C HIS E 205 29.91 2.27 8.80
N LEU E 206 29.45 1.08 8.48
CA LEU E 206 29.15 0.67 7.12
C LEU E 206 27.93 1.38 6.53
N GLY E 207 28.06 1.74 5.26
CA GLY E 207 26.99 2.42 4.55
C GLY E 207 27.34 2.58 3.08
N ILE E 208 26.30 2.49 2.24
CA ILE E 208 26.45 2.66 0.80
C ILE E 208 25.35 3.62 0.30
N THR E 209 25.73 4.58 -0.53
CA THR E 209 24.79 5.58 -1.06
C THR E 209 23.53 4.95 -1.66
N GLU E 210 22.43 5.61 -1.32
CA GLU E 210 21.11 5.26 -1.76
C GLU E 210 20.98 5.25 -3.29
N SER E 211 20.50 4.13 -3.81
CA SER E 211 20.24 3.99 -5.24
C SER E 211 18.95 4.68 -5.54
N GLY E 212 18.78 5.05 -6.80
CA GLY E 212 17.55 5.68 -7.26
C GLY E 212 16.32 4.98 -6.73
N THR E 213 16.20 3.67 -7.02
CA THR E 213 15.03 2.87 -6.60
C THR E 213 15.28 1.98 -5.39
N LEU E 214 14.18 1.56 -4.76
CA LEU E 214 14.25 0.65 -3.61
C LEU E 214 14.91 -0.66 -4.03
N PHE E 215 14.44 -1.24 -5.14
CA PHE E 215 14.99 -2.51 -5.64
C PHE E 215 16.50 -2.47 -5.87
N ALA E 216 16.96 -1.50 -6.66
CA ALA E 216 18.40 -1.37 -6.91
C ALA E 216 19.16 -1.19 -5.58
N GLY E 217 18.63 -0.32 -4.71
CA GLY E 217 19.30 -0.05 -3.44
C GLY E 217 19.48 -1.30 -2.59
N THR E 218 18.45 -2.15 -2.58
CA THR E 218 18.51 -3.37 -1.79
C THR E 218 19.57 -4.34 -2.30
N VAL E 219 19.61 -4.53 -3.61
CA VAL E 219 20.55 -5.50 -4.21
C VAL E 219 22.03 -5.07 -4.03
N LYS E 220 22.31 -3.81 -4.35
CA LYS E 220 23.68 -3.29 -4.25
C LYS E 220 24.23 -3.23 -2.82
N SER E 221 23.43 -2.73 -1.88
CA SER E 221 23.87 -2.59 -0.51
C SER E 221 24.05 -3.96 0.13
N ALA E 222 23.17 -4.89 -0.21
CA ALA E 222 23.26 -6.27 0.29
C ALA E 222 24.53 -6.94 -0.24
N ALA E 223 24.75 -6.74 -1.54
CA ALA E 223 25.89 -7.33 -2.18
C ALA E 223 27.16 -6.65 -1.71
N GLY E 224 27.13 -5.31 -1.62
CA GLY E 224 28.30 -4.53 -1.20
C GLY E 224 28.67 -4.73 0.26
N LEU E 225 27.70 -4.61 1.16
CA LEU E 225 27.97 -4.76 2.58
C LEU E 225 28.23 -6.21 2.91
N GLY E 226 27.59 -7.12 2.19
CA GLY E 226 27.87 -8.55 2.39
C GLY E 226 29.39 -8.82 2.21
N ALA E 227 29.95 -8.28 1.13
CA ALA E 227 31.38 -8.46 0.86
C ALA E 227 32.26 -7.94 1.99
N ILE E 228 31.91 -6.75 2.51
CA ILE E 228 32.65 -6.13 3.61
C ILE E 228 32.48 -6.94 4.90
N LEU E 229 31.24 -7.32 5.22
CA LEU E 229 30.99 -8.15 6.40
C LEU E 229 31.80 -9.45 6.27
N ASN E 230 31.83 -10.01 5.06
CA ASN E 230 32.61 -11.24 4.79
C ASN E 230 34.11 -11.01 5.08
N LYS E 231 34.55 -9.76 5.03
CA LYS E 231 35.94 -9.44 5.34
C LYS E 231 36.27 -9.33 6.80
N GLY E 232 35.25 -9.39 7.66
CA GLY E 232 35.43 -9.34 9.12
C GLY E 232 35.40 -7.95 9.72
N ILE E 233 35.20 -6.94 8.90
CA ILE E 233 35.17 -5.55 9.40
C ILE E 233 33.73 -5.00 9.44
N GLY E 234 33.59 -3.87 10.12
CA GLY E 234 32.31 -3.26 10.32
C GLY E 234 31.82 -3.52 11.73
N ASN E 235 31.40 -2.45 12.41
CA ASN E 235 30.88 -2.51 13.78
C ASN E 235 29.44 -2.02 13.89
N THR E 236 29.01 -1.28 12.86
CA THR E 236 27.64 -0.78 12.83
C THR E 236 27.35 -0.57 11.35
N LEU E 237 26.07 -0.50 10.99
CA LEU E 237 25.71 -0.25 9.60
C LEU E 237 24.34 0.41 9.51
N ARG E 238 24.19 1.17 8.41
CA ARG E 238 22.93 1.74 8.00
C ARG E 238 22.82 1.43 6.51
N ILE E 239 21.64 0.97 6.09
CA ILE E 239 21.31 0.72 4.72
C ILE E 239 20.55 1.97 4.30
N SER E 240 20.96 2.57 3.19
CA SER E 240 20.30 3.75 2.66
C SER E 240 19.49 3.32 1.44
N LEU E 241 18.18 3.45 1.58
CA LEU E 241 17.22 3.07 0.55
C LEU E 241 16.23 4.19 0.25
N SER E 242 15.78 4.25 -1.00
CA SER E 242 14.76 5.23 -1.38
C SER E 242 13.41 4.64 -1.00
N ALA E 243 13.11 4.71 0.29
CA ALA E 243 11.92 4.15 0.84
C ALA E 243 11.68 4.68 2.25
N ASP E 244 10.61 4.23 2.90
CA ASP E 244 10.42 4.61 4.28
C ASP E 244 11.60 3.94 5.06
N PRO E 245 12.15 4.66 6.06
CA PRO E 245 13.29 4.15 6.84
C PRO E 245 13.09 2.79 7.51
N VAL E 246 11.84 2.37 7.76
CA VAL E 246 11.60 1.06 8.37
C VAL E 246 12.24 -0.07 7.53
N GLU E 247 12.12 0.07 6.22
CA GLU E 247 12.66 -0.89 5.26
C GLU E 247 14.16 -1.00 5.37
N GLU E 248 14.81 0.11 5.71
CA GLU E 248 16.26 0.13 5.89
C GLU E 248 16.67 -0.78 7.03
N VAL E 249 15.90 -0.78 8.12
CA VAL E 249 16.21 -1.65 9.28
C VAL E 249 15.94 -3.09 8.88
N LYS E 250 14.86 -3.29 8.12
CA LYS E 250 14.47 -4.64 7.68
C LYS E 250 15.52 -5.29 6.78
N VAL E 251 16.21 -4.48 5.97
CA VAL E 251 17.24 -5.00 5.08
C VAL E 251 18.45 -5.36 5.94
N ALA E 252 18.84 -4.44 6.83
CA ALA E 252 20.00 -4.65 7.70
C ALA E 252 19.80 -5.88 8.60
N ARG E 253 18.57 -6.09 9.09
CA ARG E 253 18.25 -7.28 9.91
C ARG E 253 18.41 -8.58 9.14
N GLU E 254 17.82 -8.65 7.95
CA GLU E 254 17.94 -9.85 7.11
C GLU E 254 19.37 -10.10 6.60
N LEU E 255 20.12 -9.04 6.32
CA LEU E 255 21.49 -9.16 5.85
C LEU E 255 22.37 -9.73 6.96
N LEU E 256 22.18 -9.26 8.19
CA LEU E 256 22.95 -9.76 9.33
C LEU E 256 22.59 -11.22 9.54
N LYS E 257 21.29 -11.53 9.49
CA LYS E 257 20.80 -12.90 9.65
C LYS E 257 21.43 -13.84 8.62
N SER E 258 21.70 -13.31 7.43
CA SER E 258 22.29 -14.11 6.35
C SER E 258 23.67 -14.62 6.75
N PHE E 259 24.45 -13.75 7.39
CA PHE E 259 25.81 -14.12 7.82
C PHE E 259 25.88 -14.68 9.22
N GLY E 260 24.74 -14.74 9.91
CA GLY E 260 24.69 -15.23 11.26
C GLY E 260 25.27 -14.28 12.29
N LEU E 261 25.35 -12.99 11.94
CA LEU E 261 25.85 -11.95 12.84
C LEU E 261 24.68 -11.40 13.64
N ALA E 262 25.00 -10.86 14.81
CA ALA E 262 23.99 -10.31 15.72
C ALA E 262 24.15 -8.82 15.97
N SER E 263 23.05 -8.22 16.45
CA SER E 263 23.02 -6.80 16.79
C SER E 263 22.90 -6.57 18.31
N ASN E 264 22.44 -7.60 19.04
CA ASN E 264 22.31 -7.55 20.50
C ASN E 264 23.15 -8.62 21.17
N ASN F 5 18.02 27.60 -41.10
CA ASN F 5 19.22 26.77 -40.80
C ASN F 5 18.90 25.46 -40.12
N GLU F 6 19.85 24.54 -40.18
CA GLU F 6 19.73 23.25 -39.52
C GLU F 6 20.05 23.47 -38.04
N MSE F 7 19.63 22.54 -37.19
CA MSE F 7 19.91 22.62 -35.76
C MSE F 7 21.38 22.39 -35.47
O MSE F 7 22.08 21.74 -36.25
CB MSE F 7 19.16 21.54 -35.02
CG MSE F 7 17.66 21.74 -35.00
SE MSE F 7 16.88 20.21 -34.04
CE MSE F 7 16.09 19.28 -35.58
N THR F 8 21.86 22.94 -34.37
CA THR F 8 23.23 22.76 -33.93
C THR F 8 23.19 21.55 -33.02
N HIS F 9 23.74 20.43 -33.48
CA HIS F 9 23.76 19.21 -32.64
C HIS F 9 24.56 19.60 -31.41
N ARG F 10 24.19 19.06 -30.25
CA ARG F 10 24.86 19.42 -29.01
C ARG F 10 26.39 19.39 -29.12
N THR F 11 26.90 18.48 -29.95
CA THR F 11 28.34 18.31 -30.20
C THR F 11 29.01 19.52 -30.89
N LYS F 12 28.29 20.33 -31.67
CA LYS F 12 28.92 21.50 -32.32
C LYS F 12 28.59 22.84 -31.63
N THR F 13 27.85 22.84 -30.50
CA THR F 13 27.56 24.08 -29.79
C THR F 13 28.86 24.59 -29.11
N ARG F 14 28.86 25.85 -28.74
CA ARG F 14 30.07 26.46 -28.17
C ARG F 14 30.39 25.89 -26.79
N PRO F 15 31.68 25.55 -26.55
CA PRO F 15 32.12 25.07 -25.23
C PRO F 15 32.14 26.22 -24.23
N VAL F 16 31.49 26.02 -23.09
CA VAL F 16 31.36 27.03 -22.05
C VAL F 16 31.67 26.39 -20.69
N LYS F 17 32.78 26.82 -20.06
CA LYS F 17 33.18 26.28 -18.76
C LYS F 17 32.29 26.79 -17.64
N VAL F 18 31.90 25.85 -16.79
CA VAL F 18 31.15 26.07 -15.59
C VAL F 18 31.96 25.28 -14.58
N GLY F 19 32.74 25.98 -13.76
CA GLY F 19 33.62 25.31 -12.84
C GLY F 19 34.59 24.52 -13.70
N ASN F 20 34.90 23.31 -13.27
CA ASN F 20 35.81 22.43 -13.97
C ASN F 20 35.14 21.73 -15.16
N LEU F 21 33.80 21.78 -15.20
CA LEU F 21 33.00 21.15 -16.24
C LEU F 21 32.97 21.99 -17.51
N THR F 22 32.60 21.37 -18.62
CA THR F 22 32.45 22.06 -19.90
C THR F 22 31.08 21.71 -20.49
N ILE F 23 30.22 22.71 -20.59
CA ILE F 23 28.90 22.57 -21.19
C ILE F 23 29.05 23.07 -22.61
N GLY F 24 28.59 22.28 -23.57
CA GLY F 24 28.65 22.63 -25.00
C GLY F 24 29.85 22.00 -25.68
N GLY F 25 29.66 21.53 -26.91
CA GLY F 25 30.76 20.94 -27.66
C GLY F 25 31.09 19.49 -27.37
N ASN F 26 30.14 18.77 -26.80
CA ASN F 26 30.30 17.35 -26.54
C ASN F 26 28.92 16.70 -26.47
N ASN F 27 28.89 15.38 -26.38
CA ASN F 27 27.65 14.62 -26.39
C ASN F 27 27.15 14.20 -25.00
N GLU F 28 27.59 14.93 -23.99
CA GLU F 28 27.23 14.62 -22.61
C GLU F 28 26.53 15.78 -21.88
N LEU F 29 25.30 15.53 -21.44
CA LEU F 29 24.57 16.53 -20.72
C LEU F 29 24.88 16.52 -19.23
N ILE F 30 25.10 17.72 -18.72
CA ILE F 30 25.35 17.99 -17.32
C ILE F 30 24.03 18.09 -16.57
N ILE F 31 23.94 17.39 -15.43
CA ILE F 31 22.74 17.36 -14.58
C ILE F 31 22.75 18.51 -13.58
N GLN F 32 21.64 19.21 -13.52
CA GLN F 32 21.50 20.32 -12.62
C GLN F 32 20.28 20.22 -11.74
N SER F 33 20.37 20.86 -10.58
CA SER F 33 19.26 20.92 -9.64
C SER F 33 19.30 22.30 -8.99
N MSE F 34 18.47 22.47 -7.98
CA MSE F 34 18.30 23.73 -7.31
C MSE F 34 17.96 23.51 -5.89
O MSE F 34 17.18 22.57 -5.59
CB MSE F 34 17.06 24.41 -7.91
CG MSE F 34 16.53 25.60 -7.10
SE MSE F 34 15.13 26.55 -8.11
CE MSE F 34 13.60 25.71 -7.21
N THR F 35 18.51 24.33 -5.00
CA THR F 35 18.21 24.25 -3.58
C THR F 35 16.82 24.85 -3.24
N THR F 36 16.26 24.39 -2.12
CA THR F 36 14.96 24.85 -1.61
C THR F 36 15.10 25.50 -0.23
N THR F 37 16.33 25.79 0.18
CA THR F 37 16.60 26.41 1.47
C THR F 37 16.85 27.91 1.36
N LYS F 38 16.82 28.63 2.48
CA LYS F 38 17.19 30.03 2.45
C LYS F 38 18.70 29.96 2.21
N THR F 39 19.18 30.67 1.20
CA THR F 39 20.60 30.63 0.84
C THR F 39 21.47 31.18 1.94
N HIS F 40 20.96 32.18 2.66
CA HIS F 40 21.69 32.77 3.78
C HIS F 40 21.82 31.81 4.98
N ASP F 41 21.09 30.69 4.96
CA ASP F 41 21.24 29.67 6.00
C ASP F 41 22.32 28.75 5.37
N VAL F 42 23.59 29.07 5.58
CA VAL F 42 24.69 28.32 4.93
C VAL F 42 24.68 26.78 5.21
N GLU F 43 24.59 26.37 6.48
CA GLU F 43 24.59 24.92 6.79
C GLU F 43 23.42 24.19 6.12
N ALA F 44 22.23 24.80 6.15
CA ALA F 44 21.06 24.18 5.53
C ALA F 44 21.29 23.98 4.03
N THR F 45 21.86 25.00 3.39
CA THR F 45 22.12 24.99 1.95
C THR F 45 23.24 23.98 1.67
N VAL F 46 24.33 24.05 2.42
CA VAL F 46 25.43 23.08 2.28
C VAL F 46 24.93 21.65 2.49
N ALA F 47 24.07 21.45 3.48
CA ALA F 47 23.52 20.12 3.78
C ALA F 47 22.72 19.58 2.60
N GLU F 48 21.93 20.44 1.96
CA GLU F 48 21.13 20.00 0.80
C GLU F 48 22.02 19.70 -0.39
N ILE F 49 22.97 20.60 -0.68
CA ILE F 49 23.89 20.42 -1.82
C ILE F 49 24.75 19.13 -1.61
N LYS F 50 25.06 18.82 -0.36
CA LYS F 50 25.83 17.60 -0.05
C LYS F 50 24.99 16.37 -0.42
N ARG F 51 23.67 16.44 -0.27
CA ARG F 51 22.84 15.28 -0.63
C ARG F 51 22.77 15.19 -2.15
N LEU F 52 22.68 16.35 -2.79
CA LEU F 52 22.64 16.46 -4.25
C LEU F 52 23.93 15.92 -4.86
N GLU F 53 25.07 16.32 -4.30
CA GLU F 53 26.38 15.83 -4.72
C GLU F 53 26.39 14.31 -4.55
N GLU F 54 25.90 13.79 -3.41
CA GLU F 54 25.86 12.34 -3.18
C GLU F 54 25.08 11.63 -4.29
N ALA F 55 23.93 12.20 -4.60
CA ALA F 55 22.98 11.65 -5.59
C ALA F 55 23.42 11.78 -7.04
N GLY F 56 24.53 12.51 -7.28
CA GLY F 56 25.07 12.67 -8.62
C GLY F 56 24.77 13.99 -9.29
N CYS F 57 24.29 14.97 -8.55
CA CYS F 57 24.03 16.30 -9.16
C CYS F 57 25.38 16.86 -9.59
N GLN F 58 25.44 17.57 -10.71
CA GLN F 58 26.72 18.10 -11.21
C GLN F 58 26.86 19.62 -11.16
N VAL F 59 25.73 20.31 -11.05
CA VAL F 59 25.68 21.78 -10.99
C VAL F 59 24.41 22.15 -10.22
N VAL F 60 24.52 23.06 -9.27
CA VAL F 60 23.36 23.42 -8.47
C VAL F 60 23.09 24.92 -8.47
N ARG F 61 21.82 25.28 -8.59
N ARG F 61 21.82 25.27 -8.59
CA ARG F 61 21.38 26.67 -8.61
CA ARG F 61 21.38 26.67 -8.61
C ARG F 61 20.79 27.09 -7.28
C ARG F 61 20.82 27.08 -7.27
N VAL F 62 21.26 28.23 -6.77
CA VAL F 62 20.77 28.77 -5.52
C VAL F 62 20.15 30.14 -5.76
N ALA F 63 19.02 30.39 -5.12
CA ALA F 63 18.33 31.68 -5.29
C ALA F 63 19.09 32.79 -4.55
N VAL F 64 19.20 33.94 -5.20
CA VAL F 64 19.86 35.11 -4.64
C VAL F 64 18.85 36.26 -4.68
N PRO F 65 17.90 36.26 -3.74
CA PRO F 65 16.86 37.32 -3.73
C PRO F 65 17.29 38.60 -3.04
N ASP F 66 18.28 38.51 -2.17
CA ASP F 66 18.72 39.67 -1.41
C ASP F 66 20.23 39.66 -1.17
N GLU F 67 20.69 40.69 -0.49
CA GLU F 67 22.09 40.86 -0.14
C GLU F 67 22.54 39.72 0.79
N ARG F 68 21.69 39.35 1.75
CA ARG F 68 21.97 38.23 2.66
C ARG F 68 22.41 36.98 1.88
N ALA F 69 21.63 36.64 0.87
CA ALA F 69 21.90 35.45 0.07
C ALA F 69 23.21 35.61 -0.68
N ALA F 70 23.33 36.71 -1.41
CA ALA F 70 24.54 37.04 -2.19
C ALA F 70 25.81 36.98 -1.35
N ASN F 71 25.73 37.42 -0.10
CA ASN F 71 26.92 37.44 0.78
C ASN F 71 27.23 36.07 1.44
N ALA F 72 26.42 35.05 1.17
CA ALA F 72 26.64 33.71 1.74
C ALA F 72 27.34 32.76 0.74
N ILE F 73 27.46 33.20 -0.51
CA ILE F 73 28.04 32.40 -1.55
C ILE F 73 29.42 31.83 -1.24
N ALA F 74 30.36 32.69 -0.80
CA ALA F 74 31.71 32.23 -0.49
C ALA F 74 31.70 31.21 0.66
N ASP F 75 30.86 31.43 1.68
CA ASP F 75 30.77 30.48 2.79
C ASP F 75 30.26 29.10 2.31
N ILE F 76 29.26 29.11 1.43
CA ILE F 76 28.72 27.90 0.84
C ILE F 76 29.78 27.22 -0.03
N LYS F 77 30.30 27.99 -0.99
CA LYS F 77 31.32 27.55 -1.94
C LYS F 77 32.45 26.75 -1.28
N LYS F 78 32.82 27.12 -0.06
CA LYS F 78 33.91 26.46 0.68
C LYS F 78 33.61 25.05 1.08
N GLN F 79 32.33 24.72 1.25
CA GLN F 79 31.90 23.40 1.75
C GLN F 79 31.41 22.43 0.70
N ILE F 80 31.45 22.85 -0.56
CA ILE F 80 30.99 22.03 -1.66
C ILE F 80 32.07 21.85 -2.71
N ASN F 81 31.78 21.02 -3.70
CA ASN F 81 32.73 20.85 -4.83
C ASN F 81 32.05 21.12 -6.19
N ILE F 82 30.73 20.97 -6.28
CA ILE F 82 30.11 21.21 -7.60
C ILE F 82 29.85 22.68 -7.87
N PRO F 83 29.89 23.08 -9.16
CA PRO F 83 29.62 24.47 -9.45
C PRO F 83 28.29 25.02 -8.92
N LEU F 84 28.26 26.33 -8.66
CA LEU F 84 27.07 27.04 -8.18
C LEU F 84 26.56 28.05 -9.20
N VAL F 85 25.25 28.23 -9.21
CA VAL F 85 24.59 29.13 -10.13
C VAL F 85 23.67 30.08 -9.37
N ALA F 86 23.92 31.38 -9.52
CA ALA F 86 23.14 32.40 -8.83
C ALA F 86 21.95 32.82 -9.64
N ASP F 87 20.78 32.57 -9.06
CA ASP F 87 19.51 32.98 -9.62
C ASP F 87 19.26 34.42 -9.16
N ILE F 88 19.32 35.36 -10.10
CA ILE F 88 19.10 36.78 -9.81
C ILE F 88 18.06 37.29 -10.80
N HIS F 89 17.05 38.00 -10.30
CA HIS F 89 15.97 38.45 -11.17
C HIS F 89 16.33 39.66 -12.02
N PHE F 90 16.86 40.72 -11.39
CA PHE F 90 17.19 41.94 -12.17
C PHE F 90 18.32 42.85 -11.66
N ASP F 91 18.25 43.31 -10.40
CA ASP F 91 19.27 44.27 -9.94
C ASP F 91 20.69 43.74 -9.90
N TYR F 92 21.50 44.42 -10.69
CA TYR F 92 22.91 44.17 -10.89
C TYR F 92 23.71 44.07 -9.59
N ARG F 93 23.37 44.91 -8.59
CA ARG F 93 24.04 44.90 -7.28
C ARG F 93 24.17 43.49 -6.69
N LEU F 94 23.14 42.67 -6.86
CA LEU F 94 23.16 41.30 -6.36
C LEU F 94 24.07 40.44 -7.25
N ALA F 95 24.07 40.71 -8.55
CA ALA F 95 24.94 39.98 -9.46
C ALA F 95 26.42 40.19 -9.12
N LEU F 96 26.85 41.45 -9.04
CA LEU F 96 28.26 41.77 -8.70
C LEU F 96 28.77 41.11 -7.42
N LYS F 97 27.95 41.09 -6.39
CA LYS F 97 28.33 40.48 -5.11
C LYS F 97 28.48 38.97 -5.21
N ALA F 98 27.58 38.34 -5.96
CA ALA F 98 27.63 36.88 -6.11
C ALA F 98 28.85 36.54 -6.95
N ILE F 99 29.13 37.39 -7.93
CA ILE F 99 30.30 37.20 -8.81
C ILE F 99 31.55 37.39 -7.95
N GLU F 100 31.55 38.43 -7.13
CA GLU F 100 32.67 38.71 -6.22
C GLU F 100 32.83 37.54 -5.24
N GLY F 101 31.70 36.91 -4.91
CA GLY F 101 31.66 35.77 -4.00
C GLY F 101 32.15 34.45 -4.57
N GLY F 102 32.49 34.41 -5.86
CA GLY F 102 32.97 33.19 -6.50
C GLY F 102 31.93 32.33 -7.21
N ILE F 103 30.72 32.87 -7.41
CA ILE F 103 29.65 32.13 -8.10
C ILE F 103 30.24 31.66 -9.45
N ASP F 104 29.87 30.45 -9.87
CA ASP F 104 30.44 29.84 -11.06
C ASP F 104 29.67 30.17 -12.34
N LYS F 105 28.49 30.77 -12.18
CA LYS F 105 27.64 31.17 -13.29
C LYS F 105 26.55 32.05 -12.74
N VAL F 106 26.07 32.97 -13.57
CA VAL F 106 25.02 33.84 -13.14
C VAL F 106 23.82 33.62 -14.05
N ARG F 107 22.70 33.17 -13.47
CA ARG F 107 21.45 33.02 -14.21
C ARG F 107 20.74 34.33 -13.98
N ILE F 108 20.80 35.19 -15.00
CA ILE F 108 20.21 36.51 -14.98
C ILE F 108 19.97 36.90 -16.43
N ASN F 109 18.85 37.56 -16.68
CA ASN F 109 18.52 37.98 -18.02
C ASN F 109 19.01 39.40 -18.17
N PRO F 110 19.87 39.64 -19.19
CA PRO F 110 20.48 40.95 -19.46
C PRO F 110 19.49 42.07 -19.72
N GLY F 111 18.34 41.72 -20.32
CA GLY F 111 17.30 42.69 -20.68
C GLY F 111 16.44 43.21 -19.54
N ASN F 112 16.55 42.59 -18.36
CA ASN F 112 15.80 43.04 -17.19
C ASN F 112 16.69 43.88 -16.28
N ILE F 113 18.01 43.78 -16.45
CA ILE F 113 18.98 44.47 -15.58
C ILE F 113 18.84 46.00 -15.51
N GLY F 114 18.29 46.61 -16.56
CA GLY F 114 18.12 48.06 -16.58
C GLY F 114 19.09 48.76 -17.54
N ARG F 115 19.27 50.06 -17.33
CA ARG F 115 20.11 50.92 -18.18
C ARG F 115 21.56 50.46 -18.40
N ARG F 116 22.19 51.15 -19.36
CA ARG F 116 23.55 50.88 -19.84
C ARG F 116 24.63 50.56 -18.82
N HIS F 117 24.77 51.37 -17.77
CA HIS F 117 25.86 51.17 -16.80
C HIS F 117 25.70 49.93 -15.95
N LYS F 118 24.49 49.68 -15.46
CA LYS F 118 24.34 48.49 -14.62
C LYS F 118 24.53 47.18 -15.39
N VAL F 119 24.23 47.14 -16.69
CA VAL F 119 24.45 45.94 -17.52
C VAL F 119 25.95 45.75 -17.78
N GLU F 120 26.64 46.84 -18.13
CA GLU F 120 28.07 46.77 -18.40
C GLU F 120 28.81 46.31 -17.15
N ALA F 121 28.42 46.84 -15.99
CA ALA F 121 29.04 46.41 -14.75
C ALA F 121 28.94 44.90 -14.65
N VAL F 122 27.72 44.37 -14.82
CA VAL F 122 27.49 42.92 -14.76
C VAL F 122 28.38 42.20 -15.73
N VAL F 123 28.33 42.60 -17.00
CA VAL F 123 29.13 41.94 -18.03
C VAL F 123 30.66 42.03 -17.79
N ASN F 124 31.17 43.23 -17.49
CA ASN F 124 32.62 43.38 -17.22
C ASN F 124 33.09 42.51 -16.07
N ALA F 125 32.23 42.42 -15.04
CA ALA F 125 32.50 41.59 -13.87
C ALA F 125 32.56 40.10 -14.20
N ALA F 126 31.61 39.64 -15.02
CA ALA F 126 31.56 38.24 -15.46
C ALA F 126 32.77 37.90 -16.32
N LYS F 127 33.06 38.73 -17.31
CA LYS F 127 34.20 38.52 -18.21
C LYS F 127 35.53 38.47 -17.52
N GLU F 128 35.75 39.41 -16.61
CA GLU F 128 36.99 39.53 -15.88
C GLU F 128 37.34 38.26 -15.12
N ARG F 129 36.32 37.65 -14.51
CA ARG F 129 36.50 36.43 -13.71
C ARG F 129 36.15 35.13 -14.47
N GLY F 130 36.08 35.25 -15.80
CA GLY F 130 35.83 34.15 -16.71
C GLY F 130 34.65 33.23 -16.52
N ILE F 131 33.52 33.80 -16.10
N ILE F 131 33.51 33.75 -16.04
CA ILE F 131 32.29 33.05 -15.83
CA ILE F 131 32.33 32.90 -15.86
C ILE F 131 31.24 33.30 -16.93
C ILE F 131 31.24 33.27 -16.87
N PRO F 132 30.37 32.30 -17.21
CA PRO F 132 29.27 32.52 -18.17
C PRO F 132 27.97 33.06 -17.57
N ILE F 133 27.03 33.42 -18.45
CA ILE F 133 25.72 33.92 -18.06
C ILE F 133 24.65 33.08 -18.76
N ARG F 134 23.73 32.54 -17.96
N ARG F 134 23.70 32.54 -17.99
CA ARG F 134 22.63 31.78 -18.48
CA ARG F 134 22.66 31.69 -18.56
C ARG F 134 21.46 32.73 -18.72
C ARG F 134 21.35 32.48 -18.71
N ILE F 135 21.00 32.76 -19.97
CA ILE F 135 19.82 33.55 -20.37
C ILE F 135 18.66 32.59 -20.40
N GLY F 136 17.55 32.94 -19.76
CA GLY F 136 16.41 32.05 -19.76
C GLY F 136 15.12 32.74 -20.19
N VAL F 137 14.55 32.30 -21.30
CA VAL F 137 13.27 32.82 -21.75
C VAL F 137 12.22 31.88 -21.17
N ASN F 138 11.19 32.44 -20.53
CA ASN F 138 10.05 31.66 -20.01
C ASN F 138 8.80 32.01 -20.79
N ALA F 139 8.09 30.97 -21.26
CA ALA F 139 6.86 31.14 -22.03
C ALA F 139 5.87 32.10 -21.35
N GLY F 140 5.75 32.02 -20.03
CA GLY F 140 4.83 32.92 -19.31
C GLY F 140 5.41 34.29 -18.96
N SER F 141 6.68 34.53 -19.31
CA SER F 141 7.34 35.79 -18.96
C SER F 141 7.90 36.57 -20.14
N LEU F 142 7.27 36.47 -21.31
CA LEU F 142 7.80 37.18 -22.48
C LEU F 142 7.47 38.67 -22.38
N GLU F 143 8.29 39.50 -23.02
CA GLU F 143 8.07 40.96 -23.00
C GLU F 143 6.75 41.36 -23.69
N ARG F 144 6.14 42.46 -23.22
CA ARG F 144 4.85 42.92 -23.78
C ARG F 144 4.88 43.03 -25.31
N HIS F 145 5.86 43.74 -25.85
CA HIS F 145 5.94 43.91 -27.32
C HIS F 145 5.90 42.56 -28.05
N ILE F 146 6.40 41.50 -27.41
CA ILE F 146 6.37 40.14 -28.00
C ILE F 146 4.93 39.62 -28.00
N LEU F 147 4.26 39.65 -26.85
CA LEU F 147 2.84 39.23 -26.79
C LEU F 147 2.01 40.02 -27.80
N GLU F 148 2.38 41.27 -28.05
CA GLU F 148 1.68 42.11 -29.06
C GLU F 148 1.91 41.58 -30.45
N LYS F 149 3.18 41.43 -30.79
CA LYS F 149 3.62 40.94 -32.09
C LYS F 149 2.94 39.59 -32.47
N TYR F 150 2.97 38.62 -31.55
CA TYR F 150 2.44 37.27 -31.84
C TYR F 150 1.06 36.94 -31.26
N GLY F 151 0.58 37.74 -30.33
CA GLY F 151 -0.72 37.52 -29.70
C GLY F 151 -0.71 36.67 -28.44
N TYR F 152 0.11 35.62 -28.44
CA TYR F 152 0.21 34.71 -27.31
C TYR F 152 1.61 34.13 -27.26
N PRO F 153 1.93 33.37 -26.21
CA PRO F 153 3.29 32.81 -26.18
C PRO F 153 3.45 31.74 -27.25
N THR F 154 4.51 31.89 -28.05
CA THR F 154 4.83 30.96 -29.10
C THR F 154 6.34 30.80 -29.13
N ALA F 155 6.79 29.75 -29.79
CA ALA F 155 8.21 29.46 -29.93
C ALA F 155 8.95 30.54 -30.72
N ASP F 156 8.32 31.09 -31.77
CA ASP F 156 8.94 32.17 -32.55
C ASP F 156 9.09 33.43 -31.68
N GLY F 157 8.22 33.61 -30.70
CA GLY F 157 8.31 34.77 -29.81
C GLY F 157 9.40 34.50 -28.79
N MSE F 158 9.45 33.26 -28.29
CA MSE F 158 10.46 32.89 -27.31
C MSE F 158 11.84 33.05 -27.94
O MSE F 158 12.75 33.63 -27.31
CB MSE F 158 10.22 31.47 -26.82
CG MSE F 158 8.92 31.37 -26.00
SE MSE F 158 8.68 29.51 -25.47
CE MSE F 158 10.07 29.47 -24.07
N VAL F 159 12.00 32.58 -29.17
CA VAL F 159 13.29 32.70 -29.86
C VAL F 159 13.64 34.18 -30.08
N GLU F 160 12.66 35.02 -30.40
CA GLU F 160 12.94 36.45 -30.56
C GLU F 160 13.46 37.05 -29.24
N SER F 161 12.75 36.77 -28.15
CA SER F 161 13.13 37.24 -26.84
C SER F 161 14.54 36.75 -26.50
N ALA F 162 14.86 35.51 -26.89
CA ALA F 162 16.21 34.96 -26.64
C ALA F 162 17.25 35.76 -27.42
N LEU F 163 16.92 36.12 -28.67
CA LEU F 163 17.83 36.89 -29.53
C LEU F 163 18.17 38.25 -28.98
N HIS F 164 17.16 38.97 -28.49
CA HIS F 164 17.39 40.29 -27.91
C HIS F 164 18.38 40.23 -26.76
N HIS F 165 18.19 39.28 -25.84
CA HIS F 165 19.10 39.14 -24.72
C HIS F 165 20.50 38.79 -25.22
N ILE F 166 20.57 37.90 -26.21
CA ILE F 166 21.86 37.48 -26.79
C ILE F 166 22.63 38.62 -27.41
N LYS F 167 21.92 39.50 -28.10
CA LYS F 167 22.51 40.63 -28.78
C LYS F 167 23.08 41.68 -27.82
N ILE F 168 22.39 41.94 -26.70
CA ILE F 168 22.85 42.87 -25.68
C ILE F 168 24.25 42.46 -25.23
N LEU F 169 24.42 41.16 -25.00
CA LEU F 169 25.69 40.60 -24.55
C LEU F 169 26.73 40.55 -25.69
N GLU F 170 26.34 40.07 -26.87
CA GLU F 170 27.28 39.99 -28.03
C GLU F 170 27.78 41.39 -28.49
N ASP F 171 26.90 42.40 -28.44
CA ASP F 171 27.27 43.80 -28.77
C ASP F 171 28.38 44.22 -27.81
N LEU F 172 28.38 43.63 -26.63
CA LEU F 172 29.42 43.88 -25.63
C LEU F 172 30.56 42.86 -25.72
N ASP F 173 30.59 42.11 -26.83
CA ASP F 173 31.63 41.09 -27.06
C ASP F 173 31.71 40.05 -25.90
N PHE F 174 30.52 39.69 -25.41
CA PHE F 174 30.34 38.67 -24.37
C PHE F 174 29.66 37.49 -25.06
N HIS F 175 30.31 36.32 -25.02
CA HIS F 175 29.82 35.13 -25.70
C HIS F 175 29.74 33.85 -24.83
N ASP F 176 30.13 33.96 -23.55
CA ASP F 176 30.05 32.82 -22.62
C ASP F 176 28.57 32.66 -22.23
N ILE F 177 27.78 32.16 -23.19
CA ILE F 177 26.34 32.09 -23.05
C ILE F 177 25.68 30.71 -23.11
N ILE F 178 24.72 30.52 -22.22
CA ILE F 178 23.92 29.27 -22.22
C ILE F 178 22.49 29.73 -22.28
N VAL F 179 21.61 28.99 -22.99
CA VAL F 179 20.23 29.43 -23.14
C VAL F 179 19.17 28.40 -22.73
N SER F 180 18.21 28.85 -21.90
CA SER F 180 17.06 28.04 -21.47
C SER F 180 15.83 28.56 -22.22
N MSE F 181 14.90 27.65 -22.56
CA MSE F 181 13.66 27.97 -23.33
C MSE F 181 12.53 27.23 -22.68
O MSE F 181 11.87 26.37 -23.27
CB MSE F 181 13.79 27.48 -24.78
CG MSE F 181 15.00 28.01 -25.53
SE MSE F 181 14.78 29.93 -25.94
CE MSE F 181 13.52 29.77 -27.43
N LYS F 182 12.22 27.64 -21.44
CA LYS F 182 11.26 26.92 -20.60
C LYS F 182 9.77 27.21 -20.74
N ALA F 183 8.98 26.16 -20.97
CA ALA F 183 7.53 26.24 -21.05
C ALA F 183 6.88 25.05 -20.36
N SER F 184 5.56 25.13 -20.16
CA SER F 184 4.81 24.07 -19.49
C SER F 184 4.14 23.13 -20.48
N ASP F 185 3.85 23.62 -21.69
CA ASP F 185 3.26 22.77 -22.70
C ASP F 185 4.41 22.06 -23.42
N VAL F 186 4.35 20.74 -23.47
CA VAL F 186 5.39 19.90 -24.05
C VAL F 186 5.59 20.18 -25.53
N ASN F 187 4.49 20.39 -26.24
CA ASN F 187 4.59 20.70 -27.64
C ASN F 187 5.38 22.02 -27.84
N LEU F 188 5.11 23.02 -27.01
CA LEU F 188 5.82 24.31 -27.13
C LEU F 188 7.28 24.15 -26.77
N ALA F 189 7.56 23.41 -25.68
CA ALA F 189 8.92 23.17 -25.24
C ALA F 189 9.80 22.68 -26.40
N ILE F 190 9.33 21.59 -27.01
CA ILE F 190 10.00 20.95 -28.12
C ILE F 190 10.19 21.93 -29.26
N GLU F 191 9.08 22.54 -29.68
CA GLU F 191 9.07 23.54 -30.75
C GLU F 191 10.16 24.60 -30.49
N ALA F 192 10.15 25.15 -29.27
CA ALA F 192 11.09 26.21 -28.87
C ALA F 192 12.55 25.76 -28.86
N TYR F 193 12.83 24.56 -28.32
CA TYR F 193 14.21 24.07 -28.30
C TYR F 193 14.72 23.88 -29.72
N GLU F 194 13.89 23.31 -30.58
CA GLU F 194 14.23 23.12 -32.01
C GLU F 194 14.55 24.47 -32.69
N LYS F 195 13.66 25.44 -32.56
CA LYS F 195 13.85 26.77 -33.15
C LYS F 195 15.14 27.41 -32.61
N ALA F 196 15.33 27.35 -31.30
CA ALA F 196 16.54 27.91 -30.66
C ALA F 196 17.82 27.28 -31.19
N ALA F 197 17.81 25.99 -31.46
CA ALA F 197 19.04 25.37 -31.95
C ALA F 197 19.34 25.83 -33.39
N ARG F 198 18.29 26.03 -34.17
CA ARG F 198 18.45 26.51 -35.54
C ARG F 198 18.97 27.94 -35.58
N ALA F 199 18.46 28.78 -34.66
CA ALA F 199 18.81 30.21 -34.58
C ALA F 199 20.19 30.58 -34.04
N PHE F 200 20.73 29.81 -33.09
CA PHE F 200 22.07 30.13 -32.57
C PHE F 200 22.78 28.85 -32.19
N ASP F 201 24.10 28.96 -32.00
CA ASP F 201 24.90 27.78 -31.67
C ASP F 201 25.35 27.71 -30.22
N TYR F 202 24.84 28.61 -29.36
CA TYR F 202 25.16 28.53 -27.93
C TYR F 202 24.52 27.27 -27.42
N PRO F 203 25.15 26.61 -26.43
CA PRO F 203 24.54 25.40 -25.90
C PRO F 203 23.22 25.65 -25.16
N LEU F 204 22.31 24.67 -25.27
CA LEU F 204 20.99 24.70 -24.61
C LEU F 204 20.86 23.94 -23.26
N HIS F 205 20.22 24.60 -22.28
CA HIS F 205 19.92 24.03 -20.99
C HIS F 205 18.46 23.66 -21.09
N LEU F 206 18.21 22.37 -21.01
CA LEU F 206 16.90 21.78 -21.17
C LEU F 206 16.15 21.70 -19.85
N GLY F 207 14.85 21.96 -19.95
CA GLY F 207 13.97 21.90 -18.77
C GLY F 207 12.55 22.18 -19.22
N ILE F 208 11.60 21.82 -18.37
CA ILE F 208 10.16 22.06 -18.65
C ILE F 208 9.54 22.48 -17.35
N THR F 209 8.73 23.55 -17.42
CA THR F 209 8.02 24.09 -16.28
C THR F 209 7.16 22.98 -15.75
N GLU F 210 7.19 22.77 -14.46
CA GLU F 210 6.40 21.69 -13.88
C GLU F 210 4.90 22.02 -13.80
N SER F 211 4.11 20.97 -13.96
N SER F 211 4.08 20.98 -14.01
CA SER F 211 2.68 21.06 -13.82
CA SER F 211 2.63 21.09 -13.90
C SER F 211 2.16 19.78 -13.18
C SER F 211 2.08 19.78 -13.34
N GLY F 212 0.96 19.87 -12.62
CA GLY F 212 0.31 18.73 -12.04
C GLY F 212 1.03 18.10 -10.86
N THR F 213 0.66 16.86 -10.60
CA THR F 213 1.18 16.04 -9.53
C THR F 213 2.62 15.60 -9.79
N LEU F 214 3.23 14.97 -8.79
CA LEU F 214 4.60 14.48 -8.92
C LEU F 214 4.62 13.38 -9.99
N PHE F 215 3.57 12.56 -9.99
CA PHE F 215 3.42 11.51 -11.00
C PHE F 215 3.28 12.10 -12.42
N ALA F 216 2.54 13.20 -12.56
CA ALA F 216 2.33 13.83 -13.89
C ALA F 216 3.54 14.64 -14.31
N GLY F 217 4.20 15.27 -13.35
CA GLY F 217 5.40 16.03 -13.64
C GLY F 217 6.53 15.14 -14.11
N THR F 218 6.61 13.92 -13.58
CA THR F 218 7.66 13.01 -14.01
C THR F 218 7.37 12.52 -15.43
N VAL F 219 6.10 12.23 -15.73
CA VAL F 219 5.73 11.73 -17.07
C VAL F 219 5.85 12.81 -18.14
N LYS F 220 5.43 14.03 -17.81
CA LYS F 220 5.48 15.12 -18.78
C LYS F 220 6.88 15.55 -19.14
N SER F 221 7.76 15.64 -18.16
CA SER F 221 9.10 16.11 -18.43
C SER F 221 9.80 15.04 -19.21
N ALA F 222 9.67 13.81 -18.73
CA ALA F 222 10.27 12.66 -19.40
C ALA F 222 9.91 12.60 -20.85
N ALA F 223 8.61 12.74 -21.16
CA ALA F 223 8.11 12.73 -22.53
C ALA F 223 8.72 13.87 -23.34
N GLY F 224 8.62 15.08 -22.80
CA GLY F 224 9.13 16.26 -23.47
C GLY F 224 10.62 16.23 -23.74
N LEU F 225 11.38 15.90 -22.71
CA LEU F 225 12.83 15.87 -22.82
C LEU F 225 13.22 14.75 -23.75
N GLY F 226 12.55 13.60 -23.62
CA GLY F 226 12.78 12.44 -24.51
C GLY F 226 12.77 12.87 -25.96
N ALA F 227 11.72 13.58 -26.38
CA ALA F 227 11.64 14.08 -27.76
C ALA F 227 12.78 15.04 -28.08
N ILE F 228 13.14 15.87 -27.11
CA ILE F 228 14.21 16.85 -27.31
C ILE F 228 15.56 16.19 -27.44
N LEU F 229 15.90 15.31 -26.50
CA LEU F 229 17.18 14.60 -26.55
C LEU F 229 17.35 13.76 -27.83
N ASN F 230 16.23 13.29 -28.39
CA ASN F 230 16.25 12.53 -29.66
C ASN F 230 16.46 13.46 -30.88
N LYS F 231 16.41 14.77 -30.67
CA LYS F 231 16.71 15.67 -31.77
C LYS F 231 18.21 15.97 -31.82
N GLY F 232 18.94 15.46 -30.83
CA GLY F 232 20.38 15.64 -30.77
C GLY F 232 20.77 16.89 -30.02
N ILE F 233 19.77 17.66 -29.59
CA ILE F 233 19.97 18.93 -28.92
C ILE F 233 20.06 18.81 -27.40
N GLY F 234 20.58 19.87 -26.78
CA GLY F 234 20.70 19.95 -25.34
C GLY F 234 22.08 19.55 -24.82
N ASN F 235 22.63 20.41 -23.97
CA ASN F 235 23.94 20.19 -23.39
C ASN F 235 23.96 20.08 -21.90
N THR F 236 22.84 20.42 -21.27
CA THR F 236 22.66 20.28 -19.82
C THR F 236 21.15 20.27 -19.57
N LEU F 237 20.73 19.91 -18.38
CA LEU F 237 19.32 19.89 -18.10
C LEU F 237 18.98 19.78 -16.63
N ARG F 238 17.72 20.11 -16.35
CA ARG F 238 17.16 20.01 -15.02
C ARG F 238 15.72 19.56 -15.11
N ILE F 239 15.33 18.64 -14.24
CA ILE F 239 13.94 18.20 -14.17
C ILE F 239 13.32 18.98 -13.00
N SER F 240 12.24 19.72 -13.24
CA SER F 240 11.61 20.50 -12.15
C SER F 240 10.47 19.75 -11.51
N LEU F 241 10.64 19.42 -10.22
CA LEU F 241 9.64 18.70 -9.44
C LEU F 241 9.32 19.44 -8.17
N SER F 242 8.15 19.13 -7.60
CA SER F 242 7.73 19.70 -6.32
C SER F 242 8.06 18.65 -5.26
N ALA F 243 9.35 18.50 -4.97
CA ALA F 243 9.84 17.53 -4.01
C ALA F 243 11.29 17.78 -3.61
N ASP F 244 11.83 16.90 -2.80
CA ASP F 244 13.24 17.01 -2.41
C ASP F 244 14.13 16.96 -3.69
N PRO F 245 14.97 17.98 -3.91
CA PRO F 245 15.89 18.10 -5.04
C PRO F 245 16.57 16.81 -5.50
N VAL F 246 16.75 15.86 -4.60
CA VAL F 246 17.41 14.60 -5.04
C VAL F 246 16.50 13.90 -6.06
N GLU F 247 15.20 14.01 -5.89
CA GLU F 247 14.28 13.40 -6.83
C GLU F 247 14.53 13.86 -8.25
N GLU F 248 14.77 15.17 -8.42
CA GLU F 248 15.12 15.78 -9.70
C GLU F 248 16.32 15.11 -10.38
N VAL F 249 17.34 14.79 -9.57
CA VAL F 249 18.56 14.15 -10.00
C VAL F 249 18.28 12.71 -10.44
N LYS F 250 17.44 11.99 -9.69
CA LYS F 250 17.05 10.60 -10.03
C LYS F 250 16.34 10.55 -11.42
N VAL F 251 15.41 11.48 -11.68
CA VAL F 251 14.74 11.52 -12.99
C VAL F 251 15.74 11.83 -14.11
N ALA F 252 16.57 12.85 -13.90
CA ALA F 252 17.59 13.23 -14.87
C ALA F 252 18.53 12.06 -15.13
N ARG F 253 18.97 11.39 -14.06
CA ARG F 253 19.89 10.27 -14.18
C ARG F 253 19.32 9.14 -15.01
N GLU F 254 18.10 8.73 -14.67
N GLU F 254 18.10 8.74 -14.68
CA GLU F 254 17.45 7.66 -15.40
CA GLU F 254 17.41 7.67 -15.41
C GLU F 254 17.19 8.03 -16.86
C GLU F 254 17.20 8.04 -16.86
N LEU F 255 16.82 9.29 -17.08
CA LEU F 255 16.54 9.77 -18.43
C LEU F 255 17.81 9.74 -19.30
N LEU F 256 18.90 10.34 -18.81
CA LEU F 256 20.16 10.38 -19.54
C LEU F 256 20.73 8.98 -19.82
N LYS F 257 20.76 8.12 -18.80
CA LYS F 257 21.28 6.76 -18.97
C LYS F 257 20.50 5.99 -20.04
N SER F 258 19.19 6.16 -20.02
CA SER F 258 18.35 5.51 -20.99
C SER F 258 18.89 5.86 -22.38
N PHE F 259 19.07 7.15 -22.64
CA PHE F 259 19.62 7.63 -23.93
C PHE F 259 21.13 7.43 -24.16
N GLY F 260 21.87 7.18 -23.09
CA GLY F 260 23.33 6.97 -23.16
C GLY F 260 24.07 8.29 -23.25
N LEU F 261 23.46 9.36 -22.73
CA LEU F 261 24.02 10.71 -22.81
C LEU F 261 24.59 11.28 -21.51
N ALA F 262 24.86 10.43 -20.52
CA ALA F 262 25.40 10.91 -19.24
C ALA F 262 26.90 11.20 -19.36
N SER F 263 27.44 12.05 -18.48
CA SER F 263 28.90 12.34 -18.53
C SER F 263 29.68 11.03 -18.49
N ASN F 264 30.86 11.05 -19.10
CA ASN F 264 31.79 9.94 -19.15
C ASN F 264 32.89 10.24 -18.16
N ALA F 265 33.75 9.26 -17.89
CA ALA F 265 34.86 9.42 -16.95
C ALA F 265 35.95 8.37 -17.19
N ALA F 266 37.13 8.81 -17.65
CA ALA F 266 38.25 7.91 -17.95
C ALA F 266 38.44 6.86 -16.86
N GLU G 6 7.35 10.10 -46.55
CA GLU G 6 7.78 8.68 -46.50
C GLU G 6 7.35 7.99 -45.16
N MSE G 7 7.44 8.70 -44.02
CA MSE G 7 6.99 8.14 -42.71
C MSE G 7 5.50 8.25 -42.75
O MSE G 7 4.95 9.35 -42.66
CB MSE G 7 7.44 8.87 -41.41
CG MSE G 7 8.75 8.37 -40.79
SE MSE G 7 9.02 9.05 -38.93
CE MSE G 7 10.13 10.59 -39.44
N THR G 8 4.78 7.13 -42.87
CA THR G 8 3.33 7.15 -42.93
C THR G 8 2.69 7.69 -41.62
N HIS G 9 2.09 8.89 -41.69
CA HIS G 9 1.45 9.53 -40.50
C HIS G 9 0.31 8.65 -39.98
N ARG G 10 0.04 8.69 -38.67
CA ARG G 10 -1.03 7.88 -38.06
C ARG G 10 -2.33 7.97 -38.81
N THR G 11 -2.64 9.20 -39.21
CA THR G 11 -3.85 9.54 -39.92
C THR G 11 -3.97 8.81 -41.26
N LYS G 12 -2.83 8.38 -41.83
CA LYS G 12 -2.79 7.71 -43.13
C LYS G 12 -2.54 6.19 -43.07
N THR G 13 -2.35 5.61 -41.89
CA THR G 13 -2.15 4.15 -41.80
C THR G 13 -3.46 3.42 -42.12
N ARG G 14 -3.38 2.12 -42.35
CA ARG G 14 -4.56 1.35 -42.68
C ARG G 14 -5.43 1.05 -41.44
N PRO G 15 -6.74 1.29 -41.54
CA PRO G 15 -7.61 0.96 -40.42
C PRO G 15 -7.71 -0.55 -40.18
N VAL G 16 -7.61 -0.94 -38.92
CA VAL G 16 -7.73 -2.33 -38.54
C VAL G 16 -8.74 -2.40 -37.40
N LYS G 17 -9.89 -3.02 -37.65
CA LYS G 17 -10.91 -3.13 -36.66
C LYS G 17 -10.54 -4.14 -35.58
N VAL G 18 -10.63 -3.73 -34.31
CA VAL G 18 -10.36 -4.65 -33.20
C VAL G 18 -11.64 -4.52 -32.35
N GLY G 19 -12.45 -5.56 -32.38
CA GLY G 19 -13.74 -5.52 -31.68
C GLY G 19 -14.46 -4.27 -32.17
N ASN G 20 -15.01 -3.51 -31.22
CA ASN G 20 -15.71 -2.25 -31.52
C ASN G 20 -14.83 -0.97 -31.47
N LEU G 21 -13.64 -1.03 -32.06
CA LEU G 21 -12.68 0.09 -32.12
C LEU G 21 -11.95 0.06 -33.46
N THR G 22 -11.43 1.20 -33.90
CA THR G 22 -10.60 1.25 -35.11
C THR G 22 -9.20 1.73 -34.77
N ILE G 23 -8.21 0.89 -35.07
CA ILE G 23 -6.82 1.24 -34.88
C ILE G 23 -6.27 1.47 -36.27
N GLY G 24 -5.87 2.70 -36.56
CA GLY G 24 -5.30 3.02 -37.85
C GLY G 24 -6.16 3.99 -38.61
N GLY G 25 -5.52 4.82 -39.43
CA GLY G 25 -6.24 5.82 -40.24
C GLY G 25 -6.87 6.98 -39.50
N ASN G 26 -6.45 7.22 -38.25
CA ASN G 26 -6.95 8.35 -37.45
C ASN G 26 -5.88 8.89 -36.46
N ASN G 27 -6.24 9.88 -35.66
CA ASN G 27 -5.26 10.46 -34.72
C ASN G 27 -5.55 10.12 -33.27
N GLU G 28 -6.28 9.04 -33.04
CA GLU G 28 -6.54 8.59 -31.68
C GLU G 28 -5.60 7.44 -31.35
N LEU G 29 -4.94 7.48 -30.18
CA LEU G 29 -4.12 6.35 -29.76
C LEU G 29 -4.85 5.54 -28.71
N ILE G 30 -5.20 4.32 -29.11
CA ILE G 30 -5.93 3.41 -28.24
C ILE G 30 -4.98 2.84 -27.20
N ILE G 31 -5.43 2.87 -25.96
CA ILE G 31 -4.65 2.43 -24.83
C ILE G 31 -4.89 0.96 -24.57
N GLN G 32 -3.79 0.19 -24.37
CA GLN G 32 -3.92 -1.24 -24.13
C GLN G 32 -3.12 -1.64 -22.91
N SER G 33 -3.35 -2.86 -22.42
CA SER G 33 -2.56 -3.40 -21.31
C SER G 33 -2.57 -4.92 -21.44
N MSE G 34 -2.09 -5.59 -20.41
CA MSE G 34 -2.00 -7.03 -20.43
C MSE G 34 -2.20 -7.54 -19.03
O MSE G 34 -1.74 -6.92 -18.08
CB MSE G 34 -0.61 -7.30 -20.93
CG MSE G 34 -0.05 -8.57 -20.36
SE MSE G 34 -0.51 -9.92 -21.70
CE MSE G 34 1.22 -9.61 -22.55
N THR G 35 -2.90 -8.66 -18.91
CA THR G 35 -3.13 -9.25 -17.58
C THR G 35 -1.87 -9.96 -17.07
N THR G 36 -1.86 -10.24 -15.78
CA THR G 36 -0.75 -10.88 -15.13
C THR G 36 -1.22 -12.12 -14.44
N THR G 37 -2.51 -12.41 -14.61
CA THR G 37 -3.19 -13.56 -14.05
C THR G 37 -2.98 -14.76 -14.95
N LYS G 38 -3.12 -15.95 -14.38
CA LYS G 38 -3.08 -17.17 -15.17
C LYS G 38 -4.41 -17.22 -15.92
N THR G 39 -4.33 -16.97 -17.24
CA THR G 39 -5.48 -16.94 -18.14
C THR G 39 -6.54 -18.01 -17.89
N HIS G 40 -6.12 -19.21 -17.52
CA HIS G 40 -7.09 -20.27 -17.21
C HIS G 40 -7.89 -19.99 -15.93
N ASP G 41 -7.45 -18.98 -15.16
CA ASP G 41 -8.15 -18.58 -13.94
C ASP G 41 -9.12 -17.50 -14.39
N VAL G 42 -10.32 -17.94 -14.70
CA VAL G 42 -11.35 -17.05 -15.24
C VAL G 42 -11.79 -15.92 -14.31
N GLU G 43 -12.06 -16.23 -13.05
CA GLU G 43 -12.50 -15.23 -12.08
C GLU G 43 -11.45 -14.15 -11.91
N ALA G 44 -10.22 -14.57 -11.64
CA ALA G 44 -9.14 -13.62 -11.44
C ALA G 44 -8.84 -12.75 -12.68
N THR G 45 -8.80 -13.39 -13.83
CA THR G 45 -8.47 -12.69 -15.07
C THR G 45 -9.55 -11.62 -15.37
N VAL G 46 -10.83 -12.02 -15.27
CA VAL G 46 -11.93 -11.07 -15.47
C VAL G 46 -11.88 -9.93 -14.46
N ALA G 47 -11.65 -10.28 -13.18
CA ALA G 47 -11.55 -9.30 -12.12
C ALA G 47 -10.43 -8.30 -12.45
N GLU G 48 -9.30 -8.78 -12.98
CA GLU G 48 -8.21 -7.86 -13.33
C GLU G 48 -8.63 -6.95 -14.51
N ILE G 49 -9.29 -7.57 -15.49
CA ILE G 49 -9.79 -6.82 -16.65
C ILE G 49 -10.76 -5.69 -16.23
N LYS G 50 -11.72 -5.95 -15.33
CA LYS G 50 -12.66 -4.90 -14.95
C LYS G 50 -11.92 -3.77 -14.20
N ARG G 51 -10.77 -4.07 -13.61
CA ARG G 51 -10.01 -3.03 -12.92
C ARG G 51 -9.30 -2.21 -13.98
N LEU G 52 -8.85 -2.89 -15.03
CA LEU G 52 -8.20 -2.24 -16.13
C LEU G 52 -9.21 -1.34 -16.87
N GLU G 53 -10.44 -1.84 -17.07
CA GLU G 53 -11.50 -1.06 -17.73
C GLU G 53 -11.81 0.17 -16.90
N GLU G 54 -11.85 -0.02 -15.58
CA GLU G 54 -12.14 1.06 -14.64
C GLU G 54 -11.10 2.19 -14.79
N ALA G 55 -9.88 1.81 -15.16
CA ALA G 55 -8.78 2.77 -15.36
C ALA G 55 -8.83 3.49 -16.71
N GLY G 56 -9.66 2.96 -17.61
CA GLY G 56 -9.79 3.49 -18.97
C GLY G 56 -9.06 2.65 -20.02
N CYS G 57 -8.71 1.41 -19.68
CA CYS G 57 -8.07 0.52 -20.66
C CYS G 57 -9.07 0.25 -21.79
N GLN G 58 -8.58 0.19 -23.01
CA GLN G 58 -9.44 0.01 -24.19
C GLN G 58 -9.38 -1.34 -24.88
N VAL G 59 -8.23 -2.00 -24.79
CA VAL G 59 -8.04 -3.33 -25.37
C VAL G 59 -7.12 -4.05 -24.38
N VAL G 60 -7.31 -5.34 -24.18
CA VAL G 60 -6.43 -6.09 -23.27
C VAL G 60 -6.01 -7.44 -23.86
N ARG G 61 -4.76 -7.77 -23.64
CA ARG G 61 -4.18 -8.99 -24.15
C ARG G 61 -3.99 -9.94 -23.00
N VAL G 62 -4.19 -11.22 -23.28
CA VAL G 62 -4.01 -12.29 -22.31
C VAL G 62 -3.07 -13.34 -22.94
N ALA G 63 -2.17 -13.90 -22.14
CA ALA G 63 -1.28 -14.91 -22.66
C ALA G 63 -2.05 -16.23 -22.81
N VAL G 64 -1.85 -16.91 -23.92
CA VAL G 64 -2.48 -18.20 -24.17
C VAL G 64 -1.36 -19.18 -24.48
N PRO G 65 -0.72 -19.72 -23.41
CA PRO G 65 0.40 -20.65 -23.51
C PRO G 65 0.07 -22.14 -23.57
N ASP G 66 -1.19 -22.50 -23.33
CA ASP G 66 -1.60 -23.91 -23.29
C ASP G 66 -3.07 -24.03 -23.65
N GLU G 67 -3.56 -25.25 -23.86
CA GLU G 67 -4.97 -25.45 -24.24
C GLU G 67 -5.98 -24.98 -23.17
N ARG G 68 -5.66 -25.10 -21.89
CA ARG G 68 -6.63 -24.65 -20.85
C ARG G 68 -6.82 -23.13 -20.96
N ALA G 69 -5.75 -22.39 -21.26
CA ALA G 69 -5.86 -20.94 -21.44
C ALA G 69 -6.74 -20.67 -22.68
N ALA G 70 -6.51 -21.46 -23.73
CA ALA G 70 -7.30 -21.31 -24.96
C ALA G 70 -8.80 -21.66 -24.74
N ASN G 71 -9.08 -22.62 -23.87
CA ASN G 71 -10.47 -23.05 -23.57
C ASN G 71 -11.24 -22.08 -22.66
N ALA G 72 -10.55 -21.08 -22.09
CA ALA G 72 -11.18 -20.10 -21.19
C ALA G 72 -11.52 -18.78 -21.88
N ILE G 73 -11.01 -18.62 -23.11
CA ILE G 73 -11.24 -17.40 -23.86
C ILE G 73 -12.72 -17.03 -23.95
N ALA G 74 -13.58 -18.01 -24.23
CA ALA G 74 -15.01 -17.73 -24.32
C ALA G 74 -15.56 -17.21 -22.99
N ASP G 75 -15.22 -17.87 -21.89
CA ASP G 75 -15.70 -17.47 -20.56
C ASP G 75 -15.18 -16.14 -20.06
N ILE G 76 -14.00 -15.71 -20.50
CA ILE G 76 -13.51 -14.39 -20.14
C ILE G 76 -14.29 -13.38 -20.98
N LYS G 77 -14.37 -13.63 -22.28
CA LYS G 77 -15.00 -12.69 -23.20
C LYS G 77 -16.50 -12.36 -22.96
N LYS G 78 -17.24 -13.25 -22.30
CA LYS G 78 -18.68 -12.97 -22.05
C LYS G 78 -18.94 -12.13 -20.78
N GLN G 79 -17.89 -11.83 -20.03
CA GLN G 79 -17.99 -11.05 -18.81
C GLN G 79 -17.23 -9.74 -18.89
N ILE G 80 -16.70 -9.38 -20.06
CA ILE G 80 -15.96 -8.12 -20.22
C ILE G 80 -16.56 -7.24 -21.33
N ASN G 81 -16.13 -5.98 -21.36
CA ASN G 81 -16.66 -5.01 -22.33
C ASN G 81 -15.66 -4.55 -23.37
N ILE G 82 -14.36 -4.78 -23.15
CA ILE G 82 -13.36 -4.35 -24.12
C ILE G 82 -12.85 -5.55 -24.94
N PRO G 83 -12.23 -5.26 -26.08
CA PRO G 83 -11.70 -6.35 -26.91
C PRO G 83 -10.56 -7.12 -26.23
N LEU G 84 -10.57 -8.41 -26.47
CA LEU G 84 -9.61 -9.36 -25.90
C LEU G 84 -8.66 -9.87 -26.99
N VAL G 85 -7.37 -9.70 -26.73
CA VAL G 85 -6.33 -10.14 -27.64
C VAL G 85 -5.65 -11.40 -27.11
N ALA G 86 -5.32 -12.33 -28.00
CA ALA G 86 -4.61 -13.56 -27.63
C ALA G 86 -3.13 -13.49 -28.04
N ASP G 87 -2.24 -13.67 -27.08
CA ASP G 87 -0.80 -13.71 -27.38
C ASP G 87 -0.38 -15.20 -27.52
N ILE G 88 0.12 -15.57 -28.70
CA ILE G 88 0.52 -16.96 -29.01
C ILE G 88 1.76 -16.91 -29.89
N HIS G 89 2.83 -17.56 -29.46
CA HIS G 89 4.05 -17.50 -30.24
C HIS G 89 3.99 -18.24 -31.55
N PHE G 90 3.58 -19.50 -31.53
CA PHE G 90 3.56 -20.29 -32.77
C PHE G 90 2.48 -21.39 -32.93
N ASP G 91 2.08 -22.04 -31.84
CA ASP G 91 1.18 -23.20 -31.90
C ASP G 91 -0.18 -22.86 -32.58
N TYR G 92 -0.33 -23.33 -33.82
CA TYR G 92 -1.50 -23.03 -34.66
C TYR G 92 -2.84 -23.50 -34.10
N ARG G 93 -2.84 -24.63 -33.38
CA ARG G 93 -4.11 -25.13 -32.82
C ARG G 93 -4.57 -24.22 -31.69
N LEU G 94 -3.63 -23.68 -30.92
CA LEU G 94 -3.97 -22.78 -29.83
C LEU G 94 -4.58 -21.49 -30.41
N ALA G 95 -4.07 -21.05 -31.57
CA ALA G 95 -4.63 -19.88 -32.25
C ALA G 95 -6.02 -20.23 -32.79
N LEU G 96 -6.14 -21.39 -33.44
CA LEU G 96 -7.43 -21.84 -33.96
C LEU G 96 -8.43 -21.97 -32.81
N LYS G 97 -7.97 -22.46 -31.66
CA LYS G 97 -8.86 -22.53 -30.50
C LYS G 97 -9.19 -21.14 -29.98
N ALA G 98 -8.26 -20.18 -30.05
CA ALA G 98 -8.55 -18.81 -29.59
C ALA G 98 -9.50 -18.09 -30.58
N ILE G 99 -9.33 -18.31 -31.88
CA ILE G 99 -10.21 -17.65 -32.85
C ILE G 99 -11.63 -18.20 -32.76
N GLU G 100 -11.71 -19.51 -32.58
CA GLU G 100 -12.98 -20.24 -32.47
C GLU G 100 -13.73 -19.70 -31.27
N GLY G 101 -12.96 -19.33 -30.24
CA GLY G 101 -13.48 -18.76 -28.99
C GLY G 101 -13.93 -17.30 -28.99
N GLY G 102 -13.86 -16.63 -30.14
CA GLY G 102 -14.31 -15.24 -30.24
C GLY G 102 -13.24 -14.16 -30.01
N ILE G 103 -12.00 -14.56 -29.83
CA ILE G 103 -10.89 -13.63 -29.62
C ILE G 103 -11.01 -12.53 -30.66
N ASP G 104 -10.70 -11.29 -30.27
CA ASP G 104 -10.85 -10.16 -31.19
C ASP G 104 -9.62 -9.85 -32.03
N KCX G 105 -8.46 -10.37 -31.64
CA KCX G 105 -7.24 -10.15 -32.40
CB KCX G 105 -6.68 -8.74 -32.12
CG KCX G 105 -5.26 -8.55 -32.67
CD KCX G 105 -4.97 -7.08 -33.02
CE KCX G 105 -4.86 -6.17 -31.80
NZ KCX G 105 -3.58 -6.27 -31.12
C KCX G 105 -6.27 -11.18 -31.91
O KCX G 105 -6.35 -11.61 -30.76
CX KCX G 105 -2.71 -5.26 -30.88
OQ1 KCX G 105 -1.68 -5.49 -30.31
OQ2 KCX G 105 -2.88 -3.99 -31.21
N VAL G 106 -5.38 -11.64 -32.79
CA VAL G 106 -4.37 -12.58 -32.38
C VAL G 106 -2.99 -11.95 -32.59
N ARG G 107 -2.17 -12.00 -31.55
CA ARG G 107 -0.80 -11.49 -31.64
C ARG G 107 0.01 -12.76 -31.89
N ILE G 108 0.47 -12.95 -33.12
CA ILE G 108 1.24 -14.16 -33.47
C ILE G 108 2.09 -13.81 -34.66
N ASN G 109 3.31 -14.32 -34.70
CA ASN G 109 4.19 -14.01 -35.82
C ASN G 109 4.11 -15.20 -36.80
N PRO G 110 3.43 -15.00 -37.98
CA PRO G 110 3.20 -16.09 -38.97
C PRO G 110 4.43 -16.86 -39.44
N GLY G 111 5.57 -16.21 -39.42
CA GLY G 111 6.83 -16.86 -39.81
C GLY G 111 7.30 -17.89 -38.82
N ASN G 112 6.75 -17.86 -37.60
CA ASN G 112 7.07 -18.81 -36.53
C ASN G 112 6.23 -20.09 -36.62
N ILE G 113 5.06 -19.99 -37.26
CA ILE G 113 4.04 -21.07 -37.30
C ILE G 113 4.46 -22.46 -37.85
N GLY G 114 5.32 -22.51 -38.86
CA GLY G 114 5.76 -23.79 -39.41
C GLY G 114 5.21 -24.03 -40.80
N ARG G 115 4.77 -25.26 -41.06
CA ARG G 115 4.22 -25.65 -42.38
C ARG G 115 3.14 -24.78 -42.98
N ARG G 116 3.00 -24.85 -44.30
CA ARG G 116 1.96 -24.09 -45.00
C ARG G 116 0.55 -24.45 -44.55
N HIS G 117 0.29 -25.73 -44.30
CA HIS G 117 -1.06 -26.10 -43.88
C HIS G 117 -1.39 -25.47 -42.52
N LYS G 118 -0.34 -25.18 -41.74
CA LYS G 118 -0.49 -24.56 -40.42
C LYS G 118 -0.76 -23.06 -40.55
N VAL G 119 0.06 -22.38 -41.34
CA VAL G 119 -0.10 -20.95 -41.59
C VAL G 119 -1.48 -20.73 -42.24
N GLU G 120 -1.77 -21.46 -43.31
CA GLU G 120 -3.06 -21.31 -44.01
C GLU G 120 -4.30 -21.59 -43.14
N ALA G 121 -4.20 -22.54 -42.22
CA ALA G 121 -5.32 -22.85 -41.30
C ALA G 121 -5.64 -21.68 -40.37
N VAL G 122 -4.61 -21.07 -39.81
CA VAL G 122 -4.79 -19.93 -38.91
C VAL G 122 -5.31 -18.74 -39.72
N VAL G 123 -4.68 -18.48 -40.86
CA VAL G 123 -5.07 -17.34 -41.70
C VAL G 123 -6.53 -17.46 -42.18
N ASN G 124 -6.95 -18.66 -42.61
CA ASN G 124 -8.35 -18.86 -43.04
C ASN G 124 -9.35 -18.63 -41.93
N ALA G 125 -9.09 -19.16 -40.76
CA ALA G 125 -9.99 -18.94 -39.61
C ALA G 125 -10.10 -17.43 -39.32
N ALA G 126 -8.95 -16.73 -39.28
CA ALA G 126 -8.97 -15.30 -39.02
C ALA G 126 -9.80 -14.59 -40.10
N LYS G 127 -9.65 -15.04 -41.35
CA LYS G 127 -10.37 -14.46 -42.48
C LYS G 127 -11.87 -14.71 -42.32
N GLU G 128 -12.22 -15.91 -41.88
CA GLU G 128 -13.63 -16.28 -41.72
C GLU G 128 -14.35 -15.44 -40.66
N ARG G 129 -13.64 -15.06 -39.60
CA ARG G 129 -14.23 -14.28 -38.50
C ARG G 129 -13.93 -12.78 -38.55
N GLY G 130 -13.18 -12.34 -39.57
CA GLY G 130 -12.80 -10.94 -39.74
C GLY G 130 -11.90 -10.42 -38.63
N ILE G 131 -11.09 -11.32 -38.08
CA ILE G 131 -10.15 -11.03 -37.01
C ILE G 131 -8.80 -10.58 -37.57
N PRO G 132 -8.20 -9.52 -36.96
CA PRO G 132 -6.89 -9.06 -37.41
C PRO G 132 -5.77 -9.78 -36.67
N ILE G 133 -4.55 -9.61 -37.17
CA ILE G 133 -3.37 -10.20 -36.57
C ILE G 133 -2.41 -9.10 -36.23
N ARG G 134 -1.77 -9.16 -35.08
CA ARG G 134 -0.75 -8.19 -34.80
C ARG G 134 0.56 -8.96 -34.81
N ILE G 135 1.49 -8.55 -35.66
CA ILE G 135 2.85 -9.10 -35.67
C ILE G 135 3.66 -8.22 -34.71
N GLY G 136 4.28 -8.83 -33.70
CA GLY G 136 5.08 -8.11 -32.73
C GLY G 136 6.52 -8.55 -32.73
N VAL G 137 7.36 -7.72 -33.32
CA VAL G 137 8.77 -8.02 -33.37
C VAL G 137 9.40 -7.56 -32.06
N ASN G 138 10.24 -8.43 -31.46
CA ASN G 138 10.90 -8.08 -30.20
C ASN G 138 12.41 -8.17 -30.30
N ALA G 139 13.08 -7.08 -29.85
CA ALA G 139 14.53 -6.95 -29.94
C ALA G 139 15.33 -8.09 -29.35
N GLY G 140 14.87 -8.67 -28.25
CA GLY G 140 15.60 -9.77 -27.62
C GLY G 140 15.18 -11.14 -28.11
N SER G 141 14.27 -11.17 -29.09
CA SER G 141 13.71 -12.43 -29.63
C SER G 141 13.68 -12.49 -31.19
N LEU G 142 14.77 -12.04 -31.83
CA LEU G 142 14.90 -12.02 -33.31
C LEU G 142 15.40 -13.34 -33.90
N GLU G 143 15.04 -13.57 -35.16
CA GLU G 143 15.45 -14.80 -35.86
C GLU G 143 16.95 -15.10 -35.80
N ARG G 144 17.28 -16.38 -35.63
CA ARG G 144 18.68 -16.80 -35.61
C ARG G 144 19.44 -16.22 -36.81
N HIS G 145 18.85 -16.33 -37.98
CA HIS G 145 19.54 -15.88 -39.18
C HIS G 145 19.78 -14.37 -39.19
N ILE G 146 18.97 -13.61 -38.42
CA ILE G 146 19.12 -12.16 -38.35
C ILE G 146 20.26 -11.76 -37.39
N LEU G 147 20.38 -12.39 -36.23
CA LEU G 147 21.53 -12.05 -35.37
C LEU G 147 22.85 -12.49 -35.99
N GLU G 148 22.88 -13.66 -36.63
CA GLU G 148 24.11 -14.13 -37.24
C GLU G 148 24.51 -13.12 -38.34
N LYS G 149 23.51 -12.61 -39.06
CA LYS G 149 23.74 -11.62 -40.10
C LYS G 149 24.30 -10.29 -39.55
N TYR G 150 23.61 -9.69 -38.59
CA TYR G 150 24.04 -8.39 -38.05
C TYR G 150 24.95 -8.51 -36.84
N GLY G 151 24.93 -9.65 -36.18
CA GLY G 151 25.75 -9.88 -34.98
C GLY G 151 24.95 -9.75 -33.69
N TYR G 152 23.93 -8.90 -33.71
CA TYR G 152 23.08 -8.65 -32.57
C TYR G 152 21.85 -7.84 -33.02
N PRO G 153 20.93 -7.48 -32.10
CA PRO G 153 19.73 -6.75 -32.53
C PRO G 153 19.98 -5.33 -32.99
N THR G 154 19.38 -4.97 -34.12
CA THR G 154 19.52 -3.64 -34.71
C THR G 154 18.18 -3.27 -35.40
N ALA G 155 18.02 -1.99 -35.69
CA ALA G 155 16.80 -1.50 -36.33
C ALA G 155 16.43 -2.22 -37.64
N ASP G 156 17.32 -2.18 -38.64
CA ASP G 156 17.06 -2.79 -39.94
C ASP G 156 16.70 -4.29 -39.85
N GLY G 157 17.33 -5.02 -38.93
CA GLY G 157 17.00 -6.43 -38.74
C GLY G 157 15.59 -6.60 -38.24
N MSE G 158 15.20 -5.75 -37.27
CA MSE G 158 13.84 -5.76 -36.73
C MSE G 158 12.89 -5.47 -37.84
O MSE G 158 11.78 -6.03 -37.89
CB MSE G 158 13.65 -4.70 -35.66
CG MSE G 158 14.35 -5.12 -34.38
SE MSE G 158 14.07 -3.73 -33.03
CE MSE G 158 12.13 -3.77 -32.93
N VAL G 159 13.27 -4.55 -38.73
CA VAL G 159 12.46 -4.19 -39.89
C VAL G 159 12.38 -5.40 -40.85
N GLU G 160 13.52 -5.99 -41.19
CA GLU G 160 13.49 -7.15 -42.07
C GLU G 160 12.65 -8.29 -41.47
N SER G 161 12.76 -8.53 -40.16
CA SER G 161 11.98 -9.59 -39.52
C SER G 161 10.49 -9.31 -39.70
N ALA G 162 10.07 -8.07 -39.43
CA ALA G 162 8.66 -7.69 -39.63
C ALA G 162 8.23 -7.90 -41.07
N LEU G 163 9.12 -7.53 -42.00
CA LEU G 163 8.85 -7.66 -43.44
C LEU G 163 8.62 -9.11 -43.87
N HIS G 164 9.34 -10.06 -43.24
CA HIS G 164 9.13 -11.47 -43.56
C HIS G 164 7.77 -11.90 -43.05
N HIS G 165 7.43 -11.57 -41.80
CA HIS G 165 6.11 -11.93 -41.27
C HIS G 165 4.96 -11.33 -42.09
N ILE G 166 5.13 -10.10 -42.47
CA ILE G 166 4.13 -9.37 -43.26
C ILE G 166 3.96 -10.04 -44.62
N LYS G 167 5.07 -10.46 -45.22
CA LYS G 167 5.08 -11.09 -46.55
C LYS G 167 4.32 -12.43 -46.53
N ILE G 168 4.46 -13.18 -45.44
CA ILE G 168 3.74 -14.42 -45.31
C ILE G 168 2.24 -14.14 -45.44
N LEU G 169 1.73 -13.17 -44.67
CA LEU G 169 0.30 -12.80 -44.74
C LEU G 169 -0.11 -12.14 -46.08
N GLU G 170 0.73 -11.27 -46.65
CA GLU G 170 0.43 -10.59 -47.94
C GLU G 170 0.34 -11.56 -49.15
N ASP G 171 1.17 -12.60 -49.14
CA ASP G 171 1.18 -13.62 -50.21
C ASP G 171 -0.05 -14.56 -50.12
N LEU G 172 -0.82 -14.37 -49.06
CA LEU G 172 -2.06 -15.09 -48.76
C LEU G 172 -3.26 -14.13 -48.76
N ASP G 173 -3.08 -12.95 -49.35
CA ASP G 173 -4.15 -11.95 -49.49
C ASP G 173 -4.79 -11.50 -48.18
N PHE G 174 -3.98 -11.41 -47.12
CA PHE G 174 -4.42 -11.00 -45.81
C PHE G 174 -3.62 -9.75 -45.45
N HIS G 175 -4.33 -8.65 -45.22
CA HIS G 175 -3.76 -7.32 -44.94
C HIS G 175 -4.37 -6.64 -43.69
N ASP G 176 -5.05 -7.42 -42.86
CA ASP G 176 -5.69 -6.95 -41.65
C ASP G 176 -4.68 -7.08 -40.50
N ILE G 177 -3.65 -6.25 -40.54
CA ILE G 177 -2.57 -6.38 -39.59
C ILE G 177 -2.05 -5.08 -38.99
N ILE G 178 -1.55 -5.24 -37.75
CA ILE G 178 -0.95 -4.19 -36.94
C ILE G 178 0.46 -4.69 -36.61
N VAL G 179 1.43 -3.78 -36.45
CA VAL G 179 2.76 -4.23 -36.11
C VAL G 179 3.33 -3.42 -34.98
N SER G 180 4.05 -4.09 -34.09
CA SER G 180 4.77 -3.47 -33.01
C SER G 180 6.24 -3.80 -33.25
N MSE G 181 7.09 -2.99 -32.66
CA MSE G 181 8.53 -3.11 -32.79
C MSE G 181 9.04 -2.86 -31.40
O MSE G 181 9.45 -1.76 -31.07
CB MSE G 181 8.96 -2.02 -33.75
CG MSE G 181 8.36 -2.12 -35.16
SE MSE G 181 9.01 -3.66 -36.18
CE MSE G 181 10.56 -2.77 -37.00
N LYS G 182 9.07 -3.90 -30.59
CA LYS G 182 9.41 -3.72 -29.17
C LYS G 182 10.88 -3.93 -28.86
N ALA G 183 11.49 -2.89 -28.28
CA ALA G 183 12.89 -2.89 -27.81
C ALA G 183 13.02 -2.39 -26.35
N SER G 184 14.15 -2.74 -25.73
CA SER G 184 14.48 -2.30 -24.38
C SER G 184 15.38 -1.03 -24.36
N ASP G 185 16.20 -0.85 -25.40
CA ASP G 185 17.06 0.33 -25.55
C ASP G 185 16.25 1.41 -26.27
N VAL G 186 16.06 2.58 -25.64
CA VAL G 186 15.27 3.69 -26.24
C VAL G 186 15.70 4.17 -27.64
N ASN G 187 17.00 4.29 -27.89
CA ASN G 187 17.44 4.75 -29.21
C ASN G 187 16.97 3.74 -30.30
N LEU G 188 17.09 2.47 -29.98
CA LEU G 188 16.65 1.40 -30.89
C LEU G 188 15.15 1.43 -31.04
N ALA G 189 14.41 1.57 -29.92
CA ALA G 189 12.94 1.64 -29.99
C ALA G 189 12.49 2.79 -30.93
N ILE G 190 13.04 3.97 -30.73
CA ILE G 190 12.66 5.14 -31.56
C ILE G 190 13.00 4.88 -33.03
N GLU G 191 14.22 4.38 -33.25
CA GLU G 191 14.71 4.07 -34.57
C GLU G 191 13.86 2.99 -35.24
N ALA G 192 13.57 1.94 -34.48
CA ALA G 192 12.77 0.83 -34.96
C ALA G 192 11.42 1.26 -35.50
N TYR G 193 10.70 2.08 -34.74
CA TYR G 193 9.38 2.57 -35.19
C TYR G 193 9.49 3.51 -36.38
N GLU G 194 10.44 4.44 -36.37
CA GLU G 194 10.60 5.32 -37.54
C GLU G 194 10.84 4.50 -38.81
N LYS G 195 11.75 3.54 -38.75
CA LYS G 195 12.07 2.70 -39.91
C LYS G 195 10.84 1.88 -40.36
N ALA G 196 9.99 1.51 -39.37
CA ALA G 196 8.78 0.74 -39.66
C ALA G 196 7.76 1.59 -40.41
N ALA G 197 7.59 2.83 -39.96
CA ALA G 197 6.62 3.73 -40.58
C ALA G 197 7.00 4.11 -42.01
N ARG G 198 8.29 4.08 -42.33
CA ARG G 198 8.69 4.35 -43.70
C ARG G 198 8.53 3.12 -44.60
N ALA G 199 8.66 1.92 -44.04
CA ALA G 199 8.60 0.65 -44.80
C ALA G 199 7.21 0.10 -45.17
N PHE G 200 6.20 0.42 -44.37
CA PHE G 200 4.82 -0.06 -44.65
C PHE G 200 3.79 0.88 -44.05
N ASP G 201 2.55 0.69 -44.43
CA ASP G 201 1.45 1.58 -44.05
C ASP G 201 0.48 1.05 -43.00
N TYR G 202 0.85 -0.07 -42.38
CA TYR G 202 0.02 -0.61 -41.35
C TYR G 202 0.19 0.23 -40.08
N PRO G 203 -0.85 0.30 -39.27
CA PRO G 203 -0.78 1.08 -38.04
C PRO G 203 0.24 0.45 -37.10
N LEU G 204 1.01 1.28 -36.40
CA LEU G 204 2.04 0.80 -35.48
C LEU G 204 1.54 0.78 -34.04
N HIS G 205 1.78 -0.36 -33.38
CA HIS G 205 1.45 -0.59 -31.98
C HIS G 205 2.73 -0.22 -31.23
N LEU G 206 2.64 0.83 -30.40
CA LEU G 206 3.77 1.37 -29.67
C LEU G 206 3.99 0.68 -28.31
N GLY G 207 5.23 0.24 -28.08
CA GLY G 207 5.58 -0.45 -26.83
C GLY G 207 7.09 -0.53 -26.64
N ILE G 208 7.51 -0.54 -25.39
CA ILE G 208 8.92 -0.64 -24.98
C ILE G 208 9.04 -1.65 -23.85
N THR G 209 10.08 -2.46 -23.87
CA THR G 209 10.30 -3.48 -22.84
C THR G 209 10.31 -2.89 -21.43
N GLU G 210 9.66 -3.59 -20.48
CA GLU G 210 9.63 -3.12 -19.11
C GLU G 210 11.04 -3.10 -18.58
N SER G 211 11.29 -2.12 -17.73
CA SER G 211 12.55 -2.00 -17.06
C SER G 211 12.40 -2.86 -15.84
N GLY G 212 13.48 -2.97 -15.07
CA GLY G 212 13.50 -3.78 -13.86
C GLY G 212 12.60 -3.22 -12.80
N THR G 213 12.52 -1.88 -12.74
CA THR G 213 11.70 -1.15 -11.79
C THR G 213 10.62 -0.27 -12.45
N LEU G 214 9.54 0.00 -11.70
CA LEU G 214 8.42 0.84 -12.16
C LEU G 214 8.92 2.25 -12.51
N PHE G 215 9.76 2.81 -11.64
CA PHE G 215 10.35 4.16 -11.83
C PHE G 215 11.15 4.27 -13.13
N ALA G 216 12.12 3.37 -13.29
CA ALA G 216 12.96 3.38 -14.49
C ALA G 216 12.16 3.15 -15.76
N GLY G 217 11.16 2.28 -15.70
CA GLY G 217 10.32 1.98 -16.86
C GLY G 217 9.42 3.14 -17.21
N THR G 218 8.94 3.86 -16.19
CA THR G 218 8.05 5.02 -16.41
C THR G 218 8.81 6.12 -17.10
N VAL G 219 9.99 6.41 -16.57
CA VAL G 219 10.83 7.45 -17.14
C VAL G 219 11.23 7.05 -18.56
N LYS G 220 11.79 5.84 -18.70
CA LYS G 220 12.24 5.36 -19.99
C LYS G 220 11.10 5.23 -21.00
N SER G 221 9.94 4.72 -20.57
CA SER G 221 8.79 4.56 -21.47
C SER G 221 8.25 5.91 -21.95
N ALA G 222 7.97 6.83 -21.03
CA ALA G 222 7.52 8.16 -21.44
C ALA G 222 8.46 8.85 -22.45
N ALA G 223 9.77 8.75 -22.22
CA ALA G 223 10.79 9.38 -23.09
C ALA G 223 10.81 8.85 -24.52
N GLY G 224 10.93 7.52 -24.66
CA GLY G 224 10.94 6.87 -25.96
C GLY G 224 9.59 7.03 -26.68
N LEU G 225 8.50 6.63 -26.03
CA LEU G 225 7.19 6.78 -26.67
C LEU G 225 6.92 8.26 -26.93
N GLY G 226 7.42 9.16 -26.07
CA GLY G 226 7.27 10.62 -26.29
C GLY G 226 7.94 11.07 -27.60
N ALA G 227 9.19 10.66 -27.77
CA ALA G 227 9.92 11.00 -28.97
C ALA G 227 9.26 10.36 -30.23
N ILE G 228 8.65 9.17 -30.06
CA ILE G 228 7.97 8.48 -31.16
C ILE G 228 6.64 9.18 -31.52
N LEU G 229 5.84 9.45 -30.49
CA LEU G 229 4.53 10.09 -30.69
C LEU G 229 4.66 11.47 -31.33
N ASN G 230 5.78 12.15 -31.05
CA ASN G 230 6.00 13.48 -31.60
C ASN G 230 6.23 13.49 -33.13
N LYS G 231 6.47 12.31 -33.71
CA LYS G 231 6.65 12.25 -35.14
C LYS G 231 5.38 11.87 -35.85
N GLY G 232 4.26 11.97 -35.14
CA GLY G 232 2.96 11.66 -35.71
C GLY G 232 2.81 10.22 -36.15
N ILE G 233 3.50 9.29 -35.46
CA ILE G 233 3.43 7.87 -35.74
C ILE G 233 2.86 7.17 -34.51
N GLY G 234 2.37 5.94 -34.70
CA GLY G 234 1.79 5.13 -33.63
C GLY G 234 0.29 5.28 -33.52
N ASN G 235 -0.45 4.18 -33.68
CA ASN G 235 -1.91 4.26 -33.60
C ASN G 235 -2.52 3.64 -32.35
N THR G 236 -1.70 2.94 -31.58
CA THR G 236 -2.15 2.30 -30.34
C THR G 236 -0.90 2.10 -29.50
N LEU G 237 -1.05 2.05 -28.17
CA LEU G 237 0.12 1.88 -27.29
C LEU G 237 -0.14 1.10 -26.01
N ARG G 238 0.95 0.52 -25.48
CA ARG G 238 0.92 -0.19 -24.23
C ARG G 238 2.23 0.09 -23.47
N ILE G 239 2.11 0.56 -22.24
CA ILE G 239 3.26 0.85 -21.37
C ILE G 239 3.57 -0.42 -20.58
N SER G 240 4.77 -0.94 -20.74
CA SER G 240 5.16 -2.15 -20.04
C SER G 240 5.84 -1.73 -18.74
N LEU G 241 5.29 -2.15 -17.60
CA LEU G 241 5.87 -1.76 -16.30
C LEU G 241 5.97 -2.87 -15.26
N SER G 242 6.98 -2.72 -14.39
CA SER G 242 7.14 -3.62 -13.26
C SER G 242 6.14 -3.13 -12.21
N ALA G 243 4.86 -3.27 -12.55
CA ALA G 243 3.78 -2.83 -11.72
C ALA G 243 2.45 -3.48 -12.10
N ASP G 244 1.45 -3.21 -11.25
CA ASP G 244 0.07 -3.65 -11.41
C ASP G 244 -0.36 -3.04 -12.74
N PRO G 245 -1.01 -3.83 -13.63
CA PRO G 245 -1.40 -3.34 -14.95
C PRO G 245 -2.15 -2.00 -14.99
N VAL G 246 -2.80 -1.61 -13.90
CA VAL G 246 -3.49 -0.32 -13.93
C VAL G 246 -2.48 0.84 -13.97
N GLU G 247 -1.27 0.62 -13.47
CA GLU G 247 -0.25 1.68 -13.48
C GLU G 247 0.14 1.99 -14.94
N GLU G 248 0.08 0.97 -15.79
CA GLU G 248 0.39 1.11 -17.22
C GLU G 248 -0.66 2.03 -17.83
N VAL G 249 -1.92 1.76 -17.52
CA VAL G 249 -3.03 2.57 -18.03
C VAL G 249 -2.83 4.04 -17.59
N LYS G 250 -2.51 4.24 -16.30
CA LYS G 250 -2.30 5.61 -15.76
C LYS G 250 -1.21 6.37 -16.55
N VAL G 251 -0.06 5.74 -16.72
CA VAL G 251 1.04 6.33 -17.43
C VAL G 251 0.61 6.59 -18.89
N ALA G 252 -0.09 5.63 -19.51
CA ALA G 252 -0.49 5.84 -20.91
C ALA G 252 -1.35 7.09 -21.03
N ARG G 253 -2.40 7.19 -20.21
CA ARG G 253 -3.27 8.37 -20.21
C ARG G 253 -2.49 9.67 -19.99
N GLU G 254 -1.56 9.66 -19.05
CA GLU G 254 -0.73 10.86 -18.79
C GLU G 254 0.14 11.27 -19.98
N LEU G 255 0.78 10.30 -20.62
CA LEU G 255 1.62 10.57 -21.79
C LEU G 255 0.82 11.21 -22.94
N LEU G 256 -0.38 10.68 -23.22
CA LEU G 256 -1.22 11.19 -24.31
C LEU G 256 -1.73 12.58 -23.97
N LYS G 257 -2.10 12.81 -22.71
CA LYS G 257 -2.60 14.11 -22.34
C LYS G 257 -1.47 15.15 -22.48
N SER G 258 -0.24 14.78 -22.13
CA SER G 258 0.93 15.65 -22.26
C SER G 258 1.09 16.21 -23.68
N PHE G 259 0.78 15.40 -24.69
CA PHE G 259 0.86 15.81 -26.10
C PHE G 259 -0.43 16.32 -26.69
N GLY G 260 -1.49 16.41 -25.90
CA GLY G 260 -2.78 16.85 -26.40
C GLY G 260 -3.39 15.81 -27.33
N LEU G 261 -3.08 14.53 -27.10
CA LEU G 261 -3.62 13.44 -27.88
C LEU G 261 -4.74 12.77 -27.13
N ALA G 262 -5.71 12.24 -27.86
CA ALA G 262 -6.83 11.53 -27.29
C ALA G 262 -6.80 10.10 -27.77
N SER G 263 -7.73 9.32 -27.22
CA SER G 263 -7.89 7.92 -27.56
C SER G 263 -9.25 7.73 -28.21
N GLU H 6 45.64 -21.22 -3.69
CA GLU H 6 45.70 -20.35 -4.91
C GLU H 6 44.39 -20.38 -5.70
N MSE H 7 43.54 -19.38 -5.48
CA MSE H 7 42.25 -19.29 -6.16
C MSE H 7 42.48 -18.96 -7.62
O MSE H 7 43.27 -18.07 -7.93
CB MSE H 7 41.33 -18.20 -5.58
CG MSE H 7 40.60 -18.60 -4.30
SE MSE H 7 39.14 -17.31 -3.90
CE MSE H 7 40.32 -15.72 -3.70
N THR H 8 41.82 -19.69 -8.52
CA THR H 8 41.93 -19.40 -9.93
C THR H 8 40.99 -18.24 -10.18
N HIS H 9 41.45 -17.20 -10.88
CA HIS H 9 40.61 -16.05 -11.15
C HIS H 9 39.64 -16.39 -12.29
N ARG H 10 38.51 -15.66 -12.40
CA ARG H 10 37.48 -15.95 -13.43
C ARG H 10 37.98 -15.68 -14.86
N THR H 11 38.91 -14.75 -15.00
CA THR H 11 39.48 -14.43 -16.30
C THR H 11 40.48 -15.53 -16.73
N LYS H 12 40.89 -16.36 -15.78
CA LYS H 12 41.88 -17.42 -16.00
C LYS H 12 41.29 -18.82 -16.00
N THR H 13 39.96 -18.93 -16.03
CA THR H 13 39.34 -20.23 -16.06
C THR H 13 39.40 -20.73 -17.48
N ARG H 14 39.12 -22.01 -17.62
CA ARG H 14 39.15 -22.73 -18.89
C ARG H 14 37.92 -22.31 -19.71
N PRO H 15 38.12 -21.83 -20.96
CA PRO H 15 36.95 -21.42 -21.77
C PRO H 15 36.04 -22.56 -22.25
N VAL H 16 34.78 -22.51 -21.84
CA VAL H 16 33.76 -23.48 -22.23
C VAL H 16 32.75 -22.75 -23.12
N LYS H 17 32.44 -23.34 -24.27
CA LYS H 17 31.44 -22.79 -25.19
C LYS H 17 30.09 -23.41 -24.88
N VAL H 18 29.06 -22.56 -24.89
CA VAL H 18 27.71 -22.96 -24.63
C VAL H 18 26.90 -22.20 -25.69
N GLY H 19 26.52 -22.90 -26.75
CA GLY H 19 25.85 -22.25 -27.87
C GLY H 19 26.92 -21.38 -28.51
N ASN H 20 26.63 -20.10 -28.71
CA ASN H 20 27.58 -19.18 -29.30
C ASN H 20 28.19 -18.29 -28.22
N LEU H 21 28.10 -18.71 -26.96
CA LEU H 21 28.64 -17.93 -25.83
C LEU H 21 29.88 -18.58 -25.26
N THR H 22 30.65 -17.80 -24.53
CA THR H 22 31.83 -18.30 -23.86
C THR H 22 31.63 -18.12 -22.36
N ILE H 23 31.66 -19.22 -21.64
CA ILE H 23 31.56 -19.17 -20.22
C ILE H 23 32.95 -19.53 -19.76
N GLY H 24 33.69 -18.56 -19.26
CA GLY H 24 35.03 -18.84 -18.76
C GLY H 24 36.12 -18.08 -19.48
N GLY H 25 37.23 -17.88 -18.76
CA GLY H 25 38.38 -17.19 -19.30
C GLY H 25 38.19 -15.73 -19.62
N ASN H 26 37.23 -15.10 -18.95
CA ASN H 26 36.99 -13.67 -19.11
C ASN H 26 36.42 -13.10 -17.80
N ASN H 27 36.19 -11.80 -17.74
CA ASN H 27 35.74 -11.14 -16.51
C ASN H 27 34.27 -10.68 -16.56
N GLU H 28 33.44 -11.49 -17.20
CA GLU H 28 32.02 -11.20 -17.38
C GLU H 28 31.23 -12.46 -17.04
N LEU H 29 30.06 -12.31 -16.42
CA LEU H 29 29.26 -13.48 -16.08
C LEU H 29 27.98 -13.53 -16.88
N ILE H 30 27.75 -14.67 -17.53
CA ILE H 30 26.53 -14.89 -18.29
C ILE H 30 25.37 -15.13 -17.29
N ILE H 31 24.23 -14.48 -17.53
CA ILE H 31 23.04 -14.64 -16.67
C ILE H 31 22.21 -15.81 -17.11
N GLN H 32 21.83 -16.63 -16.16
CA GLN H 32 21.00 -17.78 -16.45
C GLN H 32 19.77 -17.79 -15.55
N SER H 33 18.78 -18.57 -15.96
CA SER H 33 17.57 -18.74 -15.17
C SER H 33 17.06 -20.15 -15.44
N MSE H 34 15.77 -20.38 -15.26
CA MSE H 34 15.17 -21.70 -15.46
C MSE H 34 13.71 -21.52 -15.62
O MSE H 34 13.15 -20.58 -15.08
CB MSE H 34 15.48 -22.53 -14.21
CG MSE H 34 14.75 -23.88 -14.14
SE MSE H 34 14.42 -24.38 -12.26
CE MSE H 34 13.02 -23.09 -11.71
N THR H 35 13.08 -22.43 -16.37
CA THR H 35 11.61 -22.41 -16.59
C THR H 35 10.79 -23.05 -15.47
N THR H 36 9.49 -22.78 -15.46
CA THR H 36 8.61 -23.37 -14.44
C THR H 36 7.53 -24.19 -15.09
N THR H 37 7.41 -24.06 -16.41
CA THR H 37 6.42 -24.78 -17.20
C THR H 37 6.81 -26.26 -17.38
N LYS H 38 5.87 -27.06 -17.89
CA LYS H 38 6.15 -28.45 -18.20
C LYS H 38 6.86 -28.34 -19.57
N THR H 39 8.03 -28.96 -19.69
CA THR H 39 8.82 -28.87 -20.94
C THR H 39 8.07 -29.35 -22.19
N HIS H 40 7.26 -30.41 -22.06
CA HIS H 40 6.50 -30.93 -23.22
C HIS H 40 5.37 -30.05 -23.76
N ASP H 41 5.02 -28.98 -23.05
N ASP H 41 5.01 -29.00 -23.03
CA ASP H 41 4.03 -28.03 -23.51
CA ASP H 41 4.03 -28.04 -23.53
C ASP H 41 4.93 -26.99 -24.15
C ASP H 41 4.93 -26.99 -24.15
N VAL H 42 5.16 -27.14 -25.46
CA VAL H 42 6.08 -26.26 -26.18
C VAL H 42 5.71 -24.76 -26.18
N GLU H 43 4.49 -24.40 -26.60
CA GLU H 43 4.05 -23.00 -26.60
C GLU H 43 4.22 -22.42 -25.21
N ALA H 44 3.89 -23.19 -24.18
CA ALA H 44 4.03 -22.70 -22.79
C ALA H 44 5.47 -22.39 -22.41
N THR H 45 6.37 -23.33 -22.69
CA THR H 45 7.78 -23.21 -22.33
C THR H 45 8.44 -22.11 -23.18
N VAL H 46 8.07 -22.08 -24.45
CA VAL H 46 8.55 -21.07 -25.37
C VAL H 46 8.17 -19.68 -24.84
N ALA H 47 6.89 -19.49 -24.49
CA ALA H 47 6.43 -18.19 -23.99
C ALA H 47 7.25 -17.74 -22.78
N GLU H 48 7.50 -18.67 -21.84
CA GLU H 48 8.30 -18.32 -20.68
C GLU H 48 9.74 -17.96 -21.09
N ILE H 49 10.29 -18.68 -22.06
CA ILE H 49 11.66 -18.37 -22.53
C ILE H 49 11.67 -17.02 -23.26
N LYS H 50 10.64 -16.77 -24.06
CA LYS H 50 10.55 -15.52 -24.80
C LYS H 50 10.63 -14.35 -23.85
N ARG H 51 9.88 -14.41 -22.74
CA ARG H 51 9.91 -13.34 -21.74
C ARG H 51 11.31 -13.22 -21.12
N LEU H 52 12.02 -14.34 -20.97
CA LEU H 52 13.37 -14.33 -20.40
C LEU H 52 14.37 -13.68 -21.33
N GLU H 53 14.22 -13.97 -22.63
CA GLU H 53 15.09 -13.38 -23.65
C GLU H 53 14.90 -11.87 -23.62
N GLU H 54 13.65 -11.41 -23.67
CA GLU H 54 13.33 -9.98 -23.62
C GLU H 54 13.90 -9.31 -22.35
N ALA H 55 13.88 -10.05 -21.25
CA ALA H 55 14.36 -9.58 -19.94
C ALA H 55 15.89 -9.52 -19.82
N GLY H 56 16.61 -10.28 -20.64
CA GLY H 56 18.08 -10.27 -20.59
C GLY H 56 18.73 -11.56 -20.14
N CYS H 57 17.93 -12.60 -19.97
CA CYS H 57 18.46 -13.93 -19.66
C CYS H 57 19.26 -14.36 -20.88
N GLN H 58 20.42 -14.97 -20.63
CA GLN H 58 21.32 -15.43 -21.69
C GLN H 58 21.33 -16.94 -21.87
N VAL H 59 20.96 -17.69 -20.85
CA VAL H 59 20.88 -19.15 -20.97
C VAL H 59 19.71 -19.59 -20.12
N VAL H 60 19.04 -20.66 -20.52
CA VAL H 60 17.86 -21.12 -19.80
C VAL H 60 17.82 -22.64 -19.58
N ARG H 61 17.54 -23.02 -18.33
CA ARG H 61 17.42 -24.43 -17.95
C ARG H 61 15.96 -24.88 -18.10
N VAL H 62 15.76 -26.07 -18.64
CA VAL H 62 14.42 -26.68 -18.79
C VAL H 62 14.43 -28.06 -18.16
N ALA H 63 13.29 -28.47 -17.60
CA ALA H 63 13.18 -29.79 -16.96
C ALA H 63 13.08 -30.91 -18.01
N VAL H 64 13.77 -32.01 -17.78
CA VAL H 64 13.67 -33.15 -18.70
C VAL H 64 13.54 -34.40 -17.84
N PRO H 65 12.36 -34.56 -17.23
CA PRO H 65 12.07 -35.70 -16.38
C PRO H 65 11.66 -36.96 -17.12
N ASP H 66 11.11 -36.82 -18.33
CA ASP H 66 10.61 -37.95 -19.12
C ASP H 66 10.87 -37.81 -20.62
N GLU H 67 10.58 -38.88 -21.38
CA GLU H 67 10.74 -38.89 -22.84
C GLU H 67 10.00 -37.72 -23.48
N ARG H 68 8.79 -37.47 -22.98
CA ARG H 68 7.95 -36.38 -23.48
C ARG H 68 8.72 -35.06 -23.58
N ALA H 69 9.41 -34.71 -22.52
CA ALA H 69 10.18 -33.45 -22.45
C ALA H 69 11.45 -33.52 -23.28
N ALA H 70 12.04 -34.71 -23.34
CA ALA H 70 13.26 -34.89 -24.11
C ALA H 70 12.95 -34.68 -25.59
N ASN H 71 11.85 -35.27 -26.07
CA ASN H 71 11.39 -35.14 -27.47
C ASN H 71 11.00 -33.69 -27.82
N ALA H 72 10.65 -32.90 -26.78
CA ALA H 72 10.23 -31.51 -26.90
C ALA H 72 11.38 -30.51 -27.17
N ILE H 73 12.59 -30.86 -26.77
CA ILE H 73 13.72 -29.94 -26.93
C ILE H 73 13.89 -29.33 -28.35
N ALA H 74 13.89 -30.16 -29.38
CA ALA H 74 14.05 -29.67 -30.77
C ALA H 74 13.02 -28.61 -31.14
N ASP H 75 11.74 -28.87 -30.85
CA ASP H 75 10.66 -27.89 -31.15
C ASP H 75 10.76 -26.60 -30.32
N ILE H 76 11.33 -26.67 -29.12
CA ILE H 76 11.53 -25.45 -28.31
C ILE H 76 12.67 -24.65 -28.94
N LYS H 77 13.72 -25.36 -29.37
CA LYS H 77 14.88 -24.70 -29.99
C LYS H 77 14.54 -24.01 -31.29
N LYS H 78 13.55 -24.53 -31.99
CA LYS H 78 13.11 -23.96 -33.26
C LYS H 78 12.56 -22.57 -33.10
N GLN H 79 12.12 -22.22 -31.89
CA GLN H 79 11.47 -20.93 -31.66
C GLN H 79 12.24 -19.90 -30.85
N ILE H 80 13.29 -20.35 -30.15
CA ILE H 80 14.02 -19.42 -29.32
C ILE H 80 15.42 -19.14 -29.85
N ASN H 81 16.01 -18.06 -29.34
CA ASN H 81 17.34 -17.61 -29.78
C ASN H 81 18.45 -17.73 -28.71
N ILE H 82 18.15 -18.26 -27.51
CA ILE H 82 19.20 -18.47 -26.46
C ILE H 82 19.46 -19.94 -26.23
N PRO H 83 20.68 -20.29 -25.78
CA PRO H 83 20.94 -21.72 -25.56
C PRO H 83 20.11 -22.34 -24.41
N LEU H 84 19.71 -23.59 -24.63
CA LEU H 84 18.94 -24.36 -23.68
C LEU H 84 19.83 -25.38 -23.01
N VAL H 85 19.68 -25.48 -21.70
CA VAL H 85 20.40 -26.43 -20.89
C VAL H 85 19.33 -27.41 -20.43
N ALA H 86 19.64 -28.71 -20.45
CA ALA H 86 18.69 -29.71 -19.96
C ALA H 86 19.17 -30.11 -18.59
N ASP H 87 18.24 -30.28 -17.67
CA ASP H 87 18.53 -30.75 -16.32
C ASP H 87 18.14 -32.24 -16.28
N ILE H 88 19.13 -33.13 -16.22
CA ILE H 88 18.90 -34.59 -16.18
C ILE H 88 19.35 -35.12 -14.82
N HIS H 89 18.42 -35.74 -14.10
CA HIS H 89 18.73 -36.27 -12.76
C HIS H 89 19.63 -37.52 -12.84
N PHE H 90 19.09 -38.65 -13.31
CA PHE H 90 19.89 -39.89 -13.43
C PHE H 90 19.43 -40.88 -14.51
N ASP H 91 19.23 -40.39 -15.75
CA ASP H 91 18.85 -41.31 -16.84
C ASP H 91 19.60 -41.01 -18.16
N TYR H 92 20.57 -41.88 -18.42
CA TYR H 92 21.41 -41.78 -19.60
C TYR H 92 20.60 -41.69 -20.88
N ARG H 93 19.46 -42.38 -20.94
CA ARG H 93 18.64 -42.36 -22.15
C ARG H 93 18.06 -41.00 -22.44
N LEU H 94 17.53 -40.35 -21.40
CA LEU H 94 16.97 -39.01 -21.58
C LEU H 94 18.11 -38.07 -21.87
N ALA H 95 19.25 -38.29 -21.23
CA ALA H 95 20.45 -37.50 -21.49
C ALA H 95 20.82 -37.63 -22.97
N LEU H 96 20.78 -38.85 -23.52
CA LEU H 96 21.06 -39.04 -24.95
C LEU H 96 20.00 -38.40 -25.84
N LYS H 97 18.73 -38.52 -25.47
CA LYS H 97 17.67 -37.92 -26.31
C LYS H 97 17.77 -36.41 -26.25
N ALA H 98 18.23 -35.88 -25.11
CA ALA H 98 18.41 -34.43 -24.97
C ALA H 98 19.49 -33.93 -25.95
N ILE H 99 20.61 -34.65 -25.97
CA ILE H 99 21.73 -34.32 -26.86
C ILE H 99 21.31 -34.38 -28.33
N GLU H 100 20.67 -35.49 -28.70
CA GLU H 100 20.19 -35.73 -30.08
C GLU H 100 19.23 -34.62 -30.55
N GLY H 101 18.51 -34.00 -29.60
CA GLY H 101 17.56 -32.92 -29.91
C GLY H 101 18.17 -31.52 -30.08
N GLY H 102 19.46 -31.38 -29.79
CA GLY H 102 20.15 -30.09 -29.94
C GLY H 102 20.42 -29.29 -28.69
N ILE H 103 20.35 -29.94 -27.52
CA ILE H 103 20.59 -29.25 -26.24
C ILE H 103 22.00 -28.67 -26.22
N ASP H 104 22.16 -27.50 -25.61
CA ASP H 104 23.45 -26.80 -25.58
C ASP H 104 24.38 -27.19 -24.45
N LYS H 105 23.78 -27.76 -23.40
CA LYS H 105 24.49 -28.19 -22.23
C LYS H 105 23.59 -29.12 -21.40
N VAL H 106 24.20 -30.10 -20.74
CA VAL H 106 23.45 -31.00 -19.90
C VAL H 106 23.96 -30.82 -18.47
N ARG H 107 23.03 -30.65 -17.52
CA ARG H 107 23.38 -30.53 -16.10
C ARG H 107 23.18 -31.93 -15.57
N ILE H 108 24.28 -32.64 -15.44
CA ILE H 108 24.27 -34.01 -14.98
C ILE H 108 25.57 -34.36 -14.26
N ASN H 109 25.46 -35.08 -13.15
CA ASN H 109 26.63 -35.49 -12.38
C ASN H 109 27.06 -36.90 -12.75
N PRO H 110 28.24 -37.02 -13.39
CA PRO H 110 28.89 -38.24 -13.86
C PRO H 110 28.72 -39.44 -12.95
N GLY H 111 29.09 -39.28 -11.69
CA GLY H 111 29.01 -40.34 -10.70
C GLY H 111 27.62 -40.78 -10.33
N ASN H 112 26.61 -40.01 -10.74
CA ASN H 112 25.22 -40.32 -10.45
C ASN H 112 24.47 -41.02 -11.60
N ILE H 113 25.15 -41.20 -12.74
CA ILE H 113 24.55 -41.88 -13.90
C ILE H 113 24.77 -43.41 -13.75
N GLY H 114 25.77 -43.78 -12.95
CA GLY H 114 26.04 -45.20 -12.65
C GLY H 114 27.12 -45.93 -13.43
N ARG H 115 26.76 -47.11 -13.95
CA ARG H 115 27.68 -48.01 -14.67
C ARG H 115 28.40 -47.40 -15.90
N ARG H 116 29.58 -47.92 -16.16
CA ARG H 116 30.44 -47.44 -17.24
C ARG H 116 29.74 -47.20 -18.60
N HIS H 117 29.03 -48.22 -19.07
CA HIS H 117 28.34 -48.16 -20.36
C HIS H 117 27.45 -46.92 -20.46
N LYS H 118 26.86 -46.54 -19.33
CA LYS H 118 25.99 -45.35 -19.24
C LYS H 118 26.80 -44.07 -19.24
N VAL H 119 27.85 -44.01 -18.42
CA VAL H 119 28.71 -42.84 -18.35
C VAL H 119 29.35 -42.61 -19.72
N GLU H 120 29.98 -43.66 -20.26
CA GLU H 120 30.65 -43.57 -21.55
C GLU H 120 29.70 -43.16 -22.69
N ALA H 121 28.45 -43.62 -22.67
CA ALA H 121 27.48 -43.27 -23.72
C ALA H 121 27.09 -41.78 -23.74
N VAL H 122 26.87 -41.18 -22.56
CA VAL H 122 26.51 -39.75 -22.50
C VAL H 122 27.73 -38.88 -22.75
N VAL H 123 28.86 -39.24 -22.13
CA VAL H 123 30.10 -38.46 -22.28
C VAL H 123 30.59 -38.43 -23.75
N ASN H 124 30.47 -39.57 -24.45
CA ASN H 124 30.89 -39.65 -25.87
C ASN H 124 29.89 -38.96 -26.81
N ALA H 125 28.61 -38.97 -26.44
CA ALA H 125 27.58 -38.26 -27.21
C ALA H 125 27.81 -36.74 -27.09
N ALA H 126 28.17 -36.29 -25.89
CA ALA H 126 28.47 -34.86 -25.64
C ALA H 126 29.69 -34.44 -26.48
N LYS H 127 30.72 -35.30 -26.51
CA LYS H 127 31.94 -35.06 -27.31
C LYS H 127 31.63 -34.86 -28.79
N GLU H 128 30.83 -35.79 -29.34
CA GLU H 128 30.41 -35.75 -30.74
C GLU H 128 29.74 -34.44 -31.12
N ARG H 129 29.00 -33.86 -30.19
CA ARG H 129 28.30 -32.60 -30.42
C ARG H 129 29.05 -31.34 -29.94
N GLY H 130 30.13 -31.52 -29.18
CA GLY H 130 30.89 -30.38 -28.64
C GLY H 130 30.17 -29.77 -27.43
N ILE H 131 29.20 -30.50 -26.91
CA ILE H 131 28.36 -30.06 -25.80
C ILE H 131 29.03 -30.19 -24.44
N PRO H 132 28.94 -29.15 -23.61
CA PRO H 132 29.52 -29.19 -22.27
C PRO H 132 28.61 -29.88 -21.24
N ILE H 133 29.23 -30.33 -20.15
CA ILE H 133 28.54 -30.94 -19.00
C ILE H 133 28.73 -29.98 -17.83
N ARG H 134 27.69 -29.77 -17.04
CA ARG H 134 27.80 -28.95 -15.87
C ARG H 134 27.65 -29.84 -14.64
N ILE H 135 28.66 -29.81 -13.77
CA ILE H 135 28.59 -30.53 -12.50
C ILE H 135 27.79 -29.64 -11.54
N GLY H 136 26.90 -30.23 -10.77
CA GLY H 136 26.09 -29.43 -9.86
C GLY H 136 26.07 -30.07 -8.51
N VAL H 137 27.05 -29.71 -7.68
CA VAL H 137 27.18 -30.24 -6.34
C VAL H 137 26.19 -29.45 -5.45
N ASN H 138 25.57 -30.13 -4.48
CA ASN H 138 24.61 -29.50 -3.57
C ASN H 138 24.87 -29.97 -2.15
N ALA H 139 25.03 -29.02 -1.22
CA ALA H 139 25.25 -29.33 0.19
C ALA H 139 24.11 -30.19 0.77
N GLY H 140 22.92 -30.10 0.18
CA GLY H 140 21.78 -30.89 0.68
C GLY H 140 21.67 -32.31 0.13
N SER H 141 22.67 -32.72 -0.65
CA SER H 141 22.67 -34.04 -1.29
C SER H 141 24.06 -34.57 -1.54
N LEU H 142 24.85 -34.66 -0.49
CA LEU H 142 26.20 -35.16 -0.61
C LEU H 142 26.24 -36.69 -0.46
N GLU H 143 27.18 -37.31 -1.18
CA GLU H 143 27.36 -38.76 -1.08
C GLU H 143 27.47 -39.16 0.39
N ARG H 144 26.92 -40.32 0.73
CA ARG H 144 26.93 -40.78 2.11
C ARG H 144 28.36 -41.01 2.64
N HIS H 145 29.29 -41.39 1.76
CA HIS H 145 30.65 -41.63 2.21
C HIS H 145 31.35 -40.30 2.55
N ILE H 146 30.98 -39.24 1.83
CA ILE H 146 31.53 -37.89 2.09
C ILE H 146 30.99 -37.36 3.41
N LEU H 147 29.73 -37.67 3.69
CA LEU H 147 29.12 -37.25 4.94
C LEU H 147 29.71 -37.99 6.13
N GLU H 148 30.03 -39.26 5.94
CA GLU H 148 30.66 -40.07 7.01
C GLU H 148 32.06 -39.57 7.27
N LYS H 149 32.71 -39.07 6.23
CA LYS H 149 34.05 -38.55 6.39
C LYS H 149 34.08 -37.25 7.18
N TYR H 150 33.38 -36.23 6.67
CA TYR H 150 33.36 -34.89 7.27
C TYR H 150 32.38 -34.72 8.45
N GLY H 151 31.45 -35.64 8.61
CA GLY H 151 30.48 -35.57 9.70
C GLY H 151 29.18 -34.89 9.31
N TYR H 152 29.20 -34.11 8.24
CA TYR H 152 28.01 -33.38 7.75
C TYR H 152 28.45 -32.53 6.55
N PRO H 153 27.54 -31.72 5.97
CA PRO H 153 27.95 -30.94 4.80
C PRO H 153 28.94 -29.81 5.08
N THR H 154 30.12 -29.93 4.46
CA THR H 154 31.20 -28.93 4.58
C THR H 154 31.76 -28.57 3.21
N ALA H 155 32.50 -27.47 3.17
CA ALA H 155 33.10 -26.97 1.96
C ALA H 155 34.08 -27.99 1.36
N ASP H 156 34.90 -28.62 2.22
CA ASP H 156 35.87 -29.59 1.74
C ASP H 156 35.15 -30.81 1.17
N GLY H 157 34.05 -31.19 1.82
CA GLY H 157 33.25 -32.32 1.34
C GLY H 157 32.68 -32.00 -0.03
N MSE H 158 32.17 -30.78 -0.16
CA MSE H 158 31.60 -30.35 -1.44
C MSE H 158 32.67 -30.44 -2.49
O MSE H 158 32.45 -31.00 -3.57
CB MSE H 158 31.01 -28.93 -1.38
CG MSE H 158 29.58 -29.02 -0.86
SE MSE H 158 28.98 -27.26 -0.21
CE MSE H 158 28.22 -26.68 -1.94
N VAL H 159 33.87 -29.91 -2.18
CA VAL H 159 34.97 -29.93 -3.11
C VAL H 159 35.37 -31.37 -3.47
N GLU H 160 35.44 -32.26 -2.47
CA GLU H 160 35.83 -33.65 -2.75
C GLU H 160 34.76 -34.32 -3.64
N SER H 161 33.49 -33.97 -3.43
CA SER H 161 32.43 -34.54 -4.27
C SER H 161 32.66 -34.10 -5.71
N ALA H 162 32.82 -32.80 -5.93
CA ALA H 162 33.03 -32.26 -7.28
C ALA H 162 34.21 -32.93 -7.96
N LEU H 163 35.35 -32.95 -7.27
CA LEU H 163 36.58 -33.53 -7.79
C LEU H 163 36.37 -34.95 -8.26
N HIS H 164 35.48 -35.68 -7.58
CA HIS H 164 35.15 -37.06 -7.93
C HIS H 164 34.33 -37.09 -9.24
N HIS H 165 33.42 -36.13 -9.42
CA HIS H 165 32.63 -36.05 -10.66
C HIS H 165 33.57 -35.66 -11.83
N ILE H 166 34.52 -34.76 -11.54
CA ILE H 166 35.52 -34.33 -12.52
C ILE H 166 36.37 -35.50 -12.96
N LYS H 167 36.74 -36.35 -12.00
CA LYS H 167 37.56 -37.52 -12.22
C LYS H 167 36.96 -38.46 -13.23
N ILE H 168 35.65 -38.64 -13.16
CA ILE H 168 34.97 -39.49 -14.12
C ILE H 168 35.10 -38.91 -15.54
N LEU H 169 34.98 -37.60 -15.69
CA LEU H 169 35.07 -36.98 -17.01
C LEU H 169 36.51 -36.91 -17.54
N GLU H 170 37.47 -36.53 -16.69
CA GLU H 170 38.87 -36.42 -17.14
C GLU H 170 39.39 -37.75 -17.66
N ASP H 171 38.98 -38.84 -17.00
CA ASP H 171 39.42 -40.19 -17.39
C ASP H 171 38.91 -40.57 -18.76
N LEU H 172 37.95 -39.82 -19.28
CA LEU H 172 37.40 -40.06 -20.62
C LEU H 172 37.79 -38.93 -21.56
N ASP H 173 38.81 -38.16 -21.14
CA ASP H 173 39.34 -36.99 -21.86
C ASP H 173 38.28 -35.97 -22.25
N PHE H 174 37.34 -35.75 -21.33
CA PHE H 174 36.28 -34.79 -21.48
C PHE H 174 36.59 -33.62 -20.53
N HIS H 175 36.87 -32.45 -21.10
CA HIS H 175 37.25 -31.28 -20.31
C HIS H 175 36.36 -30.02 -20.45
N ASP H 176 35.23 -30.09 -21.17
CA ASP H 176 34.30 -28.94 -21.30
C ASP H 176 33.32 -29.02 -20.11
N ILE H 177 33.82 -28.58 -18.97
CA ILE H 177 33.11 -28.70 -17.72
C ILE H 177 32.86 -27.35 -17.05
N ILE H 178 31.63 -27.18 -16.56
CA ILE H 178 31.21 -25.99 -15.79
C ILE H 178 30.77 -26.56 -14.47
N VAL H 179 31.15 -25.95 -13.34
CA VAL H 179 30.81 -26.51 -12.03
C VAL H 179 30.09 -25.53 -11.11
N SER H 180 29.12 -26.04 -10.38
CA SER H 180 28.37 -25.28 -9.37
C SER H 180 28.45 -25.94 -8.02
N MSE H 181 28.36 -25.13 -6.99
CA MSE H 181 28.44 -25.57 -5.61
C MSE H 181 27.26 -24.91 -4.92
O MSE H 181 27.34 -23.75 -4.48
CB MSE H 181 29.78 -25.16 -5.01
CG MSE H 181 30.99 -25.44 -5.91
SE MSE H 181 31.56 -27.32 -5.75
CE MSE H 181 32.59 -27.09 -4.10
N LYS H 182 26.15 -25.61 -4.84
CA LYS H 182 24.94 -25.00 -4.26
C LYS H 182 24.84 -25.24 -2.77
N ALA H 183 24.54 -24.17 -2.04
CA ALA H 183 24.34 -24.23 -0.59
C ALA H 183 23.36 -23.13 -0.19
N SER H 184 22.63 -23.34 0.91
CA SER H 184 21.64 -22.34 1.39
C SER H 184 22.31 -21.38 2.38
N ASP H 185 23.17 -21.93 3.25
CA ASP H 185 23.94 -21.17 4.23
C ASP H 185 24.98 -20.35 3.44
N VAL H 186 24.92 -19.03 3.57
CA VAL H 186 25.83 -18.15 2.84
C VAL H 186 27.30 -18.31 3.20
N ASN H 187 27.61 -18.49 4.48
CA ASN H 187 29.01 -18.68 4.89
C ASN H 187 29.61 -19.94 4.26
N LEU H 188 28.78 -20.96 4.08
CA LEU H 188 29.19 -22.22 3.46
C LEU H 188 29.37 -22.03 1.97
N ALA H 189 28.37 -21.40 1.36
CA ALA H 189 28.41 -21.11 -0.07
C ALA H 189 29.70 -20.39 -0.44
N ILE H 190 29.97 -19.29 0.24
CA ILE H 190 31.17 -18.49 -0.04
C ILE H 190 32.43 -19.32 0.06
N GLU H 191 32.53 -20.13 1.12
CA GLU H 191 33.68 -20.96 1.34
C GLU H 191 33.81 -22.05 0.27
N ALA H 192 32.69 -22.66 -0.07
CA ALA H 192 32.62 -23.71 -1.08
C ALA H 192 33.21 -23.25 -2.41
N TYR H 193 32.78 -22.08 -2.90
CA TYR H 193 33.31 -21.52 -4.17
C TYR H 193 34.79 -21.08 -4.08
N GLU H 194 35.17 -20.52 -2.94
CA GLU H 194 36.56 -20.12 -2.73
C GLU H 194 37.46 -21.33 -2.92
N LYS H 195 37.16 -22.42 -2.22
CA LYS H 195 37.93 -23.67 -2.27
C LYS H 195 37.80 -24.45 -3.57
N ALA H 196 36.74 -24.20 -4.33
CA ALA H 196 36.59 -24.89 -5.60
C ALA H 196 37.54 -24.21 -6.56
N ALA H 197 37.50 -22.88 -6.56
CA ALA H 197 38.35 -22.11 -7.44
C ALA H 197 39.82 -22.40 -7.15
N ARG H 198 40.12 -22.90 -5.95
CA ARG H 198 41.50 -23.30 -5.58
C ARG H 198 41.83 -24.74 -6.05
N ALA H 199 40.81 -25.59 -6.13
CA ALA H 199 40.95 -27.00 -6.51
C ALA H 199 40.90 -27.32 -8.01
N PHE H 200 40.43 -26.38 -8.82
CA PHE H 200 40.34 -26.59 -10.26
C PHE H 200 40.11 -25.29 -11.04
N ASP H 201 40.43 -25.30 -12.33
CA ASP H 201 40.30 -24.09 -13.14
C ASP H 201 39.10 -24.08 -14.08
N TYR H 202 38.14 -24.98 -13.84
CA TYR H 202 36.93 -24.98 -14.64
C TYR H 202 36.05 -23.77 -14.25
N PRO H 203 35.34 -23.19 -15.22
CA PRO H 203 34.52 -22.03 -14.90
C PRO H 203 33.46 -22.32 -13.84
N LEU H 204 33.23 -21.38 -12.95
CA LEU H 204 32.27 -21.60 -11.88
C LEU H 204 30.93 -20.92 -12.14
N HIS H 205 29.87 -21.71 -11.97
CA HIS H 205 28.46 -21.31 -12.10
C HIS H 205 28.04 -20.98 -10.69
N LEU H 206 27.75 -19.71 -10.45
CA LEU H 206 27.38 -19.25 -9.11
C LEU H 206 25.90 -19.33 -8.85
N GLY H 207 25.56 -19.91 -7.70
CA GLY H 207 24.17 -20.06 -7.30
C GLY H 207 24.01 -20.38 -5.82
N ILE H 208 23.01 -19.78 -5.19
CA ILE H 208 22.71 -19.97 -3.77
C ILE H 208 21.31 -20.57 -3.69
N THR H 209 21.12 -21.55 -2.81
CA THR H 209 19.82 -22.19 -2.62
C THR H 209 18.85 -21.21 -1.99
N GLU H 210 17.62 -21.20 -2.47
CA GLU H 210 16.62 -20.29 -1.91
C GLU H 210 16.11 -20.75 -0.54
N SER H 211 15.98 -19.78 0.36
CA SER H 211 15.35 -19.98 1.70
C SER H 211 14.65 -18.68 2.04
N GLY H 212 13.56 -18.77 2.83
CA GLY H 212 12.79 -17.60 3.26
C GLY H 212 11.74 -17.06 2.28
N THR H 213 11.34 -15.82 2.50
CA THR H 213 10.38 -15.15 1.62
C THR H 213 11.20 -14.63 0.44
N LEU H 214 10.50 -14.03 -0.55
CA LEU H 214 11.16 -13.45 -1.70
C LEU H 214 12.12 -12.33 -1.26
N PHE H 215 11.70 -11.56 -0.27
CA PHE H 215 12.53 -10.51 0.28
C PHE H 215 13.80 -11.09 0.88
N ALA H 216 13.64 -11.95 1.89
CA ALA H 216 14.76 -12.57 2.61
C ALA H 216 15.78 -13.22 1.71
N GLY H 217 15.31 -14.05 0.80
CA GLY H 217 16.16 -14.72 -0.15
C GLY H 217 16.79 -13.80 -1.18
N THR H 218 16.15 -12.68 -1.50
CA THR H 218 16.74 -11.74 -2.44
C THR H 218 17.96 -11.14 -1.78
N VAL H 219 17.74 -10.60 -0.59
CA VAL H 219 18.82 -9.99 0.19
C VAL H 219 19.91 -11.04 0.42
N LYS H 220 19.50 -12.25 0.78
CA LYS H 220 20.47 -13.30 1.07
C LYS H 220 21.29 -13.67 -0.17
N SER H 221 20.62 -13.79 -1.31
CA SER H 221 21.31 -14.13 -2.54
C SER H 221 22.26 -13.04 -2.97
N ALA H 222 21.87 -11.79 -2.76
CA ALA H 222 22.72 -10.67 -3.14
C ALA H 222 23.92 -10.59 -2.22
N ALA H 223 23.70 -10.79 -0.92
CA ALA H 223 24.78 -10.71 0.05
C ALA H 223 25.87 -11.78 -0.18
N GLY H 224 25.47 -13.00 -0.51
CA GLY H 224 26.42 -14.10 -0.73
C GLY H 224 27.19 -13.95 -2.03
N LEU H 225 26.45 -13.77 -3.12
CA LEU H 225 27.09 -13.63 -4.41
C LEU H 225 27.96 -12.36 -4.49
N GLY H 226 27.68 -11.38 -3.65
CA GLY H 226 28.49 -10.18 -3.58
C GLY H 226 29.85 -10.49 -3.02
N ALA H 227 29.88 -11.28 -1.94
CA ALA H 227 31.15 -11.69 -1.39
C ALA H 227 31.92 -12.51 -2.42
N ILE H 228 31.25 -13.45 -3.07
CA ILE H 228 31.89 -14.36 -4.07
C ILE H 228 32.40 -13.59 -5.30
N LEU H 229 31.63 -12.63 -5.81
CA LEU H 229 32.06 -11.80 -6.96
C LEU H 229 33.33 -11.00 -6.58
N ASN H 230 33.32 -10.42 -5.37
CA ASN H 230 34.47 -9.68 -4.86
C ASN H 230 35.71 -10.56 -4.92
N LYS H 231 35.56 -11.86 -4.65
CA LYS H 231 36.69 -12.79 -4.67
C LYS H 231 37.37 -12.86 -6.04
N GLY H 232 36.65 -12.44 -7.08
CA GLY H 232 37.15 -12.44 -8.43
C GLY H 232 36.84 -13.74 -9.15
N ILE H 233 35.80 -14.45 -8.73
CA ILE H 233 35.47 -15.74 -9.33
C ILE H 233 34.00 -15.85 -9.75
N GLY H 234 33.70 -16.85 -10.57
CA GLY H 234 32.36 -17.07 -11.10
C GLY H 234 32.33 -16.59 -12.56
N ASN H 235 31.77 -17.39 -13.43
CA ASN H 235 31.71 -17.08 -14.87
C ASN H 235 30.29 -17.07 -15.44
N THR H 236 29.32 -17.51 -14.63
CA THR H 236 27.90 -17.51 -14.98
C THR H 236 27.14 -17.53 -13.64
N LEU H 237 25.90 -17.08 -13.63
CA LEU H 237 25.16 -17.06 -12.38
C LEU H 237 23.69 -17.23 -12.59
N ARG H 238 23.06 -17.65 -11.50
CA ARG H 238 21.64 -17.90 -11.40
C ARG H 238 21.18 -17.43 -10.04
N ILE H 239 20.15 -16.59 -10.00
CA ILE H 239 19.52 -16.20 -8.75
C ILE H 239 18.29 -17.12 -8.68
N SER H 240 18.14 -17.87 -7.58
CA SER H 240 17.00 -18.81 -7.42
C SER H 240 15.88 -18.18 -6.62
N LEU H 241 14.71 -17.96 -7.23
CA LEU H 241 13.54 -17.35 -6.52
C LEU H 241 12.20 -18.02 -6.87
N SER H 242 11.35 -18.22 -5.87
CA SER H 242 10.01 -18.81 -6.11
C SER H 242 9.11 -17.72 -6.64
N ALA H 243 9.47 -17.28 -7.84
CA ALA H 243 8.81 -16.19 -8.50
C ALA H 243 8.97 -16.35 -9.98
N ASP H 244 8.28 -15.52 -10.73
CA ASP H 244 8.42 -15.49 -12.18
C ASP H 244 9.94 -15.48 -12.40
N PRO H 245 10.47 -16.39 -13.25
CA PRO H 245 11.93 -16.40 -13.46
C PRO H 245 12.46 -15.03 -13.86
N VAL H 246 11.64 -14.22 -14.52
CA VAL H 246 12.03 -12.87 -14.91
C VAL H 246 12.58 -12.12 -13.70
N GLU H 247 11.98 -12.31 -12.52
CA GLU H 247 12.51 -11.70 -11.30
C GLU H 247 13.96 -12.13 -11.07
N GLU H 248 14.27 -13.39 -11.41
CA GLU H 248 15.64 -13.92 -11.24
C GLU H 248 16.62 -13.19 -12.15
N VAL H 249 16.18 -12.85 -13.35
CA VAL H 249 16.99 -12.12 -14.30
C VAL H 249 17.18 -10.69 -13.79
N LYS H 250 16.08 -10.07 -13.35
CA LYS H 250 16.13 -8.68 -12.83
C LYS H 250 17.20 -8.48 -11.74
N VAL H 251 17.21 -9.42 -10.80
CA VAL H 251 18.17 -9.39 -9.70
C VAL H 251 19.59 -9.56 -10.19
N ALA H 252 19.84 -10.52 -11.08
CA ALA H 252 21.20 -10.79 -11.59
C ALA H 252 21.76 -9.58 -12.34
N ARG H 253 20.91 -8.92 -13.11
CA ARG H 253 21.32 -7.72 -13.84
C ARG H 253 21.75 -6.57 -12.95
N GLU H 254 20.98 -6.33 -11.89
CA GLU H 254 21.31 -5.26 -10.94
C GLU H 254 22.57 -5.61 -10.17
N LEU H 255 22.79 -6.90 -9.96
CA LEU H 255 23.99 -7.35 -9.25
C LEU H 255 25.20 -7.18 -10.18
N LEU H 256 25.09 -7.68 -11.41
CA LEU H 256 26.16 -7.54 -12.37
C LEU H 256 26.41 -6.08 -12.72
N LYS H 257 25.35 -5.27 -12.78
CA LYS H 257 25.49 -3.82 -13.04
C LYS H 257 26.27 -3.14 -11.92
N SER H 258 26.06 -3.61 -10.69
CA SER H 258 26.74 -3.04 -9.53
C SER H 258 28.24 -3.30 -9.58
N PHE H 259 28.63 -4.50 -10.02
CA PHE H 259 30.05 -4.89 -10.05
C PHE H 259 30.98 -4.64 -11.28
N GLY H 260 30.57 -4.04 -12.40
CA GLY H 260 29.25 -3.51 -12.66
C GLY H 260 29.03 -3.42 -14.16
S SO4 I . -9.56 -19.89 15.20
O1 SO4 I . -10.31 -21.15 15.35
O2 SO4 I . -9.75 -19.32 13.85
O3 SO4 I . -9.99 -18.90 16.22
O4 SO4 I . -8.14 -20.20 15.42
CL CL J . -19.68 -44.14 2.77
S SO4 K . -30.39 -13.62 -5.10
O1 SO4 K . -31.45 -13.86 -6.10
O2 SO4 K . -29.08 -13.86 -5.74
O3 SO4 K . -30.42 -12.20 -4.62
O4 SO4 K . -30.57 -14.56 -4.00
CL CL L . -19.29 -4.16 -16.22
CL CL L . -19.78 -5.35 -14.95
CL CL M . -34.87 -38.04 -13.13
S SO4 N . -18.91 18.64 4.14
O1 SO4 N . -20.01 17.74 3.76
O2 SO4 N . -18.35 19.24 2.92
O3 SO4 N . -19.41 19.74 5.01
O4 SO4 N . -17.89 17.84 4.87
S SO4 O . -19.36 3.91 13.30
O1 SO4 O . -20.64 4.63 13.16
O2 SO4 O . -18.26 4.84 12.91
O3 SO4 O . -19.21 3.49 14.71
O4 SO4 O . -19.33 2.72 12.42
CL CL P . -19.61 38.90 21.29
CL CL Q . -35.49 37.38 1.66
CL CL R . -12.82 42.06 18.92
S SO4 S . 7.62 4.51 24.83
O1 SO4 S . 8.12 3.49 25.77
O2 SO4 S . 7.30 3.89 23.52
O3 SO4 S . 6.40 5.12 25.34
O4 SO4 S . 8.64 5.55 24.63
S SO4 T . 1.57 32.48 45.33
O1 SO4 T . 0.80 33.15 44.26
O2 SO4 T . 2.73 33.33 45.69
O3 SO4 T . 0.71 32.30 46.52
O4 SO4 T . 2.04 31.17 44.85
S SO4 U . 25.01 6.76 6.82
O1 SO4 U . 25.37 5.57 6.02
O2 SO4 U . 26.15 7.70 6.87
O3 SO4 U . 23.86 7.41 6.12
O4 SO4 U . 24.68 6.31 8.17
S SO4 V . 36.86 29.93 9.26
O1 SO4 V . 35.94 29.74 8.13
O2 SO4 V . 37.18 31.36 9.36
O3 SO4 V . 36.23 29.45 10.51
O4 SO4 V . 38.11 29.16 9.02
S SO4 W . 15.80 25.51 -14.74
O1 SO4 W . 15.02 25.71 -13.50
O2 SO4 W . 14.95 24.84 -15.76
O3 SO4 W . 16.20 26.85 -15.21
O4 SO4 W . 16.97 24.65 -14.47
S SO4 X . 24.24 54.98 -18.42
O1 SO4 X . 23.29 55.87 -19.14
O2 SO4 X . 24.89 55.73 -17.32
O3 SO4 X . 23.48 53.83 -17.88
O4 SO4 X . 25.31 54.48 -19.32
CL CL Y . -0.74 22.58 -12.49
CL CL Z . 16.43 51.23 -15.18
CL CL Z . 16.72 52.30 -13.93
S SO4 AA . 3.24 -4.94 -26.12
O1 SO4 AA . 3.44 -6.03 -27.09
O2 SO4 AA . 4.07 -3.76 -26.44
O3 SO4 AA . 1.83 -4.46 -26.13
O4 SO4 AA . 3.63 -5.44 -24.77
S SO4 BA . 7.14 -27.08 -39.36
O1 SO4 BA . 7.46 -26.29 -40.58
O2 SO4 BA . 7.67 -28.45 -39.50
O3 SO4 BA . 5.67 -27.13 -39.16
O4 SO4 BA . 7.76 -26.42 -38.18
S SO4 CA . 20.79 -23.83 -11.36
O1 SO4 CA . 20.25 -23.31 -12.64
O2 SO4 CA . 21.69 -22.83 -10.72
O3 SO4 CA . 19.67 -24.11 -10.44
O4 SO4 CA . 21.52 -25.08 -11.62
#